data_3O9Z
#
_entry.id   3O9Z
#
_cell.length_a   71.781
_cell.length_b   68.199
_cell.length_c   164.053
_cell.angle_alpha   90.00
_cell.angle_beta   94.66
_cell.angle_gamma   90.00
#
_symmetry.space_group_name_H-M   'P 1 21 1'
#
loop_
_entity.id
_entity.type
_entity.pdbx_description
1 polymer 'Lipopolysaccharide biosynthesis protein wbpB'
2 non-polymer NICOTINAMIDE-ADENINE-DINUCLEOTIDE
3 non-polymer '2-OXOGLUTARIC ACID'
4 non-polymer 'CHLORIDE ION'
5 non-polymer 1,2-ETHANEDIOL
6 water water
#
_entity_poly.entity_id   1
_entity_poly.type   'polypeptide(L)'
_entity_poly.pdbx_seq_one_letter_code
;GHMTRFALTGLAGYIAPRHLKAIKEVGGVLVASLDPATNVGLVDSFFPEAEFFTEPEAFEAYLEDLRDRGEGVDYLSIAS
PNHLHYPQIRMALRLGANALSEKPLVLWPEEIARLKELEARTGRRVYTVLQLRVHPSLLALKERLGQEKGAKDVVLTYVT
GRGKWYGKSWKVDEAKSGGLATNIGIHFFDLLAWLFGRALHVEVHARTPTVNAGYLELEGARVRWFLSIDPSFVPEPLRR
QGKRTYRSIAVDGEEVEFSEGFTDLHTEVYRKTLAGEGFGLDEAAEAIRVAALLRTLPLSQPSPENRHPFLG
;
_entity_poly.pdbx_strand_id   A,B,C,D
#
loop_
_chem_comp.id
_chem_comp.type
_chem_comp.name
_chem_comp.formula
AKG non-polymer '2-OXOGLUTARIC ACID' 'C5 H6 O5'
CL non-polymer 'CHLORIDE ION' 'Cl -1'
EDO non-polymer 1,2-ETHANEDIOL 'C2 H6 O2'
NAD non-polymer NICOTINAMIDE-ADENINE-DINUCLEOTIDE 'C21 H27 N7 O14 P2'
#
# COMPACT_ATOMS: atom_id res chain seq x y z
N MET A 3 12.80 30.19 -15.56
CA MET A 3 11.77 29.19 -15.13
C MET A 3 12.40 28.24 -14.15
N THR A 4 12.03 28.38 -12.87
CA THR A 4 12.63 27.56 -11.84
C THR A 4 12.12 26.16 -12.14
N ARG A 5 13.00 25.19 -12.01
CA ARG A 5 12.55 23.81 -12.27
C ARG A 5 12.34 23.08 -10.94
N PHE A 6 11.13 22.53 -10.79
CA PHE A 6 10.73 21.86 -9.54
C PHE A 6 10.46 20.39 -9.75
N ALA A 7 10.75 19.56 -8.76
CA ALA A 7 10.12 18.24 -8.68
C ALA A 7 9.31 18.32 -7.37
N LEU A 8 8.27 17.52 -7.26
CA LEU A 8 7.32 17.59 -6.10
C LEU A 8 7.15 16.18 -5.53
N THR A 9 7.24 16.04 -4.21
CA THR A 9 6.88 14.78 -3.54
C THR A 9 5.56 14.97 -2.80
N GLY A 10 4.73 13.92 -2.87
CA GLY A 10 3.44 13.96 -2.17
C GLY A 10 2.30 14.45 -3.05
N LEU A 11 2.41 14.27 -4.38
CA LEU A 11 1.47 14.87 -5.32
C LEU A 11 -0.02 14.49 -5.09
N ALA A 12 -0.26 13.30 -4.55
CA ALA A 12 -1.67 12.85 -4.40
C ALA A 12 -2.36 13.41 -3.18
N GLY A 13 -1.64 14.17 -2.36
CA GLY A 13 -2.12 14.44 -1.02
C GLY A 13 -3.01 15.65 -0.97
N TYR A 14 -3.56 15.86 0.22
CA TYR A 14 -4.38 17.03 0.44
C TYR A 14 -3.76 18.38 0.12
N ILE A 15 -2.53 18.63 0.55
CA ILE A 15 -1.95 19.96 0.40
C ILE A 15 -1.27 20.14 -0.97
N ALA A 16 -0.99 19.04 -1.66
CA ALA A 16 -0.32 19.15 -2.98
C ALA A 16 -0.90 20.18 -3.96
N PRO A 17 -2.22 20.30 -4.07
CA PRO A 17 -2.73 21.25 -5.09
C PRO A 17 -2.32 22.69 -4.78
N ARG A 18 -2.07 23.03 -3.51
CA ARG A 18 -1.61 24.38 -3.18
C ARG A 18 -0.20 24.59 -3.68
N HIS A 19 0.61 23.53 -3.71
CA HIS A 19 1.97 23.62 -4.25
C HIS A 19 1.96 23.67 -5.76
N LEU A 20 1.01 22.99 -6.38
CA LEU A 20 0.88 23.07 -7.85
C LEU A 20 0.49 24.47 -8.23
N LYS A 21 -0.47 25.05 -7.52
CA LYS A 21 -0.87 26.43 -7.77
C LYS A 21 0.32 27.38 -7.54
N ALA A 22 1.11 27.18 -6.49
CA ALA A 22 2.25 28.07 -6.22
C ALA A 22 3.32 27.99 -7.31
N ILE A 23 3.67 26.78 -7.72
CA ILE A 23 4.67 26.61 -8.77
C ILE A 23 4.20 27.30 -10.04
N LYS A 24 2.94 27.10 -10.39
CA LYS A 24 2.31 27.82 -11.50
C LYS A 24 2.53 29.34 -11.35
N GLU A 25 1.99 29.87 -10.25
CA GLU A 25 1.90 31.31 -10.03
C GLU A 25 3.28 31.96 -9.90
N VAL A 26 4.33 31.23 -9.54
CA VAL A 26 5.66 31.83 -9.58
C VAL A 26 6.42 31.61 -10.91
N GLY A 27 5.75 31.04 -11.90
CA GLY A 27 6.35 30.79 -13.23
C GLY A 27 7.34 29.64 -13.30
N GLY A 28 7.16 28.67 -12.41
CA GLY A 28 8.06 27.52 -12.36
C GLY A 28 7.53 26.43 -13.28
N VAL A 29 8.31 25.37 -13.46
CA VAL A 29 7.75 24.21 -14.15
C VAL A 29 7.92 23.00 -13.25
N LEU A 30 6.85 22.17 -13.21
CA LEU A 30 6.90 20.91 -12.53
C LEU A 30 7.49 19.91 -13.52
N VAL A 31 8.70 19.46 -13.25
CA VAL A 31 9.38 18.53 -14.13
C VAL A 31 8.95 17.07 -13.84
N ALA A 32 8.78 16.72 -12.56
CA ALA A 32 8.56 15.34 -12.18
C ALA A 32 7.96 15.36 -10.79
N SER A 33 7.14 14.36 -10.52
CA SER A 33 6.60 14.16 -9.16
C SER A 33 6.76 12.73 -8.72
N LEU A 34 6.68 12.54 -7.40
CA LEU A 34 6.79 11.25 -6.74
C LEU A 34 5.60 11.12 -5.80
N ASP A 35 4.89 9.99 -5.88
CA ASP A 35 3.95 9.61 -4.79
C ASP A 35 3.69 8.12 -4.99
N PRO A 36 3.83 7.31 -3.95
CA PRO A 36 3.52 5.88 -4.04
C PRO A 36 2.04 5.66 -4.36
N ALA A 37 1.19 6.64 -4.08
CA ALA A 37 -0.21 6.57 -4.49
C ALA A 37 -0.42 7.24 -5.83
N THR A 38 -1.34 6.70 -6.61
CA THR A 38 -1.47 7.20 -7.97
C THR A 38 -2.77 7.97 -8.21
N ASN A 39 -3.45 8.29 -7.10
CA ASN A 39 -4.61 9.15 -7.23
C ASN A 39 -4.33 10.63 -7.42
N VAL A 40 -3.67 10.94 -8.55
CA VAL A 40 -3.03 12.22 -8.79
C VAL A 40 -3.54 12.89 -10.04
N GLY A 41 -4.66 12.41 -10.58
CA GLY A 41 -5.16 12.97 -11.86
C GLY A 41 -5.36 14.47 -11.97
N LEU A 42 -5.51 15.14 -10.83
CA LEU A 42 -5.57 16.58 -10.80
C LEU A 42 -4.38 17.24 -11.48
N VAL A 43 -3.24 16.56 -11.50
CA VAL A 43 -1.99 17.18 -11.96
C VAL A 43 -2.07 17.59 -13.44
N ASP A 44 -2.88 16.90 -14.23
CA ASP A 44 -2.98 17.28 -15.64
C ASP A 44 -3.60 18.64 -15.87
N SER A 45 -4.38 19.14 -14.90
CA SER A 45 -4.96 20.47 -15.07
C SER A 45 -3.93 21.56 -14.78
N PHE A 46 -2.74 21.19 -14.30
CA PHE A 46 -1.68 22.16 -14.01
C PHE A 46 -0.46 21.97 -14.92
N PHE A 47 0.06 20.75 -14.91
CA PHE A 47 1.32 20.42 -15.59
C PHE A 47 1.15 19.10 -16.30
N PRO A 48 0.47 19.13 -17.46
CA PRO A 48 0.12 17.90 -18.15
C PRO A 48 1.28 17.14 -18.79
N GLU A 49 2.51 17.66 -18.74
CA GLU A 49 3.70 16.97 -19.28
C GLU A 49 4.73 16.47 -18.23
N ALA A 50 4.40 16.70 -16.95
CA ALA A 50 5.30 16.29 -15.89
C ALA A 50 5.49 14.79 -15.84
N GLU A 51 6.68 14.32 -15.58
CA GLU A 51 6.97 12.92 -15.35
C GLU A 51 6.36 12.52 -14.00
N PHE A 52 6.15 11.23 -13.81
CA PHE A 52 5.53 10.76 -12.57
C PHE A 52 6.13 9.43 -12.15
N PHE A 53 6.44 9.27 -10.87
CA PHE A 53 7.01 8.06 -10.32
C PHE A 53 6.26 7.63 -9.07
N THR A 54 6.11 6.31 -8.91
CA THR A 54 5.65 5.76 -7.64
C THR A 54 6.81 5.24 -6.75
N GLU A 55 7.99 4.98 -7.32
CA GLU A 55 9.11 4.38 -6.58
C GLU A 55 10.16 5.48 -6.34
N PRO A 56 10.40 5.79 -5.05
CA PRO A 56 11.40 6.83 -4.77
C PRO A 56 12.76 6.57 -5.45
N GLU A 57 13.18 5.33 -5.53
CA GLU A 57 14.51 4.99 -6.09
C GLU A 57 14.53 5.35 -7.55
N ALA A 58 13.41 5.11 -8.24
CA ALA A 58 13.36 5.48 -9.65
C ALA A 58 13.28 6.98 -9.88
N PHE A 59 12.53 7.71 -9.04
CA PHE A 59 12.45 9.14 -9.12
C PHE A 59 13.86 9.73 -8.86
N GLU A 60 14.58 9.18 -7.89
CA GLU A 60 15.95 9.68 -7.62
C GLU A 60 16.85 9.43 -8.84
N ALA A 61 16.83 8.20 -9.37
CA ALA A 61 17.72 7.91 -10.50
C ALA A 61 17.41 8.83 -11.66
N TYR A 62 16.14 9.15 -11.92
CA TYR A 62 15.72 10.05 -12.95
C TYR A 62 16.21 11.47 -12.76
N LEU A 63 16.06 11.97 -11.53
CA LEU A 63 16.56 13.30 -11.23
C LEU A 63 18.10 13.30 -11.29
N GLU A 64 18.76 12.20 -10.95
CA GLU A 64 20.24 12.12 -11.02
C GLU A 64 20.64 12.11 -12.49
N ASP A 65 19.93 11.35 -13.33
CA ASP A 65 20.16 11.45 -14.78
C ASP A 65 20.00 12.87 -15.31
N LEU A 66 18.94 13.60 -14.95
CA LEU A 66 18.75 14.99 -15.35
C LEU A 66 19.95 15.84 -14.90
N ARG A 67 20.41 15.66 -13.66
CA ARG A 67 21.55 16.46 -13.18
C ARG A 67 22.71 16.21 -14.10
N ASP A 68 22.97 14.93 -14.38
CA ASP A 68 24.24 14.51 -15.01
C ASP A 68 24.22 15.02 -16.44
N ARG A 69 23.06 15.39 -16.97
CA ARG A 69 23.00 15.91 -18.35
C ARG A 69 22.68 17.38 -18.41
N GLY A 70 22.91 18.04 -17.28
CA GLY A 70 22.77 19.49 -17.25
C GLY A 70 21.35 20.03 -17.29
N GLU A 71 20.38 19.23 -16.86
CA GLU A 71 18.98 19.64 -16.85
C GLU A 71 18.38 19.37 -15.47
N GLY A 72 19.22 19.41 -14.44
CA GLY A 72 18.76 19.11 -13.08
C GLY A 72 17.64 20.02 -12.66
N VAL A 73 16.82 19.52 -11.71
CA VAL A 73 15.89 20.40 -11.02
C VAL A 73 16.66 21.38 -10.08
N ASP A 74 16.02 22.53 -9.94
CA ASP A 74 16.50 23.56 -8.99
C ASP A 74 16.02 23.30 -7.55
N TYR A 75 14.81 22.74 -7.40
CA TYR A 75 14.14 22.62 -6.11
C TYR A 75 13.37 21.29 -6.06
N LEU A 76 13.49 20.63 -4.93
CA LEU A 76 12.54 19.56 -4.58
C LEU A 76 11.54 20.19 -3.61
N SER A 77 10.26 20.30 -3.99
CA SER A 77 9.19 20.62 -3.05
C SER A 77 8.68 19.35 -2.40
N ILE A 78 8.44 19.41 -1.09
CA ILE A 78 8.24 18.18 -0.33
C ILE A 78 6.92 18.32 0.45
N ALA A 79 5.94 17.52 0.02
CA ALA A 79 4.60 17.50 0.66
C ALA A 79 4.26 16.09 1.13
N SER A 80 5.25 15.28 1.48
CA SER A 80 5.13 13.93 2.02
C SER A 80 4.84 13.96 3.53
N PRO A 81 4.53 12.81 4.16
CA PRO A 81 4.39 12.73 5.63
C PRO A 81 5.66 13.18 6.34
N ASN A 82 5.52 13.73 7.54
CA ASN A 82 6.57 14.50 8.18
C ASN A 82 7.84 13.74 8.33
N HIS A 83 7.80 12.46 8.66
CA HIS A 83 9.04 11.71 8.90
C HIS A 83 9.84 11.56 7.62
N LEU A 84 9.22 11.74 6.47
CA LEU A 84 9.96 11.64 5.22
C LEU A 84 10.57 12.96 4.81
N HIS A 85 10.28 14.06 5.53
CA HIS A 85 10.88 15.31 5.13
C HIS A 85 12.42 15.25 5.20
N TYR A 86 12.94 14.80 6.34
CA TYR A 86 14.42 14.76 6.50
C TYR A 86 15.06 13.93 5.34
N PRO A 87 14.65 12.64 5.15
CA PRO A 87 15.39 11.88 4.11
C PRO A 87 15.13 12.39 2.72
N GLN A 88 13.98 13.03 2.44
CA GLN A 88 13.73 13.64 1.15
C GLN A 88 14.51 14.92 0.89
N ILE A 89 14.72 15.68 1.97
CA ILE A 89 15.65 16.80 1.90
C ILE A 89 17.09 16.25 1.71
N ARG A 90 17.46 15.12 2.32
CA ARG A 90 18.81 14.56 2.06
C ARG A 90 18.87 14.19 0.56
N MET A 91 17.78 13.68 -0.02
CA MET A 91 17.78 13.29 -1.43
CA MET A 91 17.80 13.29 -1.44
C MET A 91 17.96 14.55 -2.30
N ALA A 92 17.19 15.61 -2.04
CA ALA A 92 17.30 16.85 -2.79
C ALA A 92 18.80 17.26 -2.79
N LEU A 93 19.38 17.31 -1.60
CA LEU A 93 20.74 17.86 -1.50
C LEU A 93 21.72 16.99 -2.28
N ARG A 94 21.64 15.67 -2.11
CA ARG A 94 22.56 14.80 -2.85
C ARG A 94 22.42 14.86 -4.35
N LEU A 95 21.24 15.24 -4.83
CA LEU A 95 20.90 15.43 -6.25
C LEU A 95 21.30 16.82 -6.73
N GLY A 96 21.87 17.63 -5.83
CA GLY A 96 22.23 18.97 -6.27
C GLY A 96 21.09 19.93 -6.45
N ALA A 97 20.04 19.81 -5.62
CA ALA A 97 18.89 20.71 -5.65
C ALA A 97 18.69 21.26 -4.21
N ASN A 98 18.02 22.39 -4.17
CA ASN A 98 17.58 22.97 -2.89
C ASN A 98 16.29 22.23 -2.54
N ALA A 99 15.83 22.42 -1.31
CA ALA A 99 14.59 21.81 -0.83
C ALA A 99 13.66 22.85 -0.33
N LEU A 100 12.37 22.64 -0.58
CA LEU A 100 11.35 23.46 0.04
C LEU A 100 10.35 22.50 0.62
N SER A 101 10.42 22.34 1.92
CA SER A 101 9.62 21.33 2.59
C SER A 101 8.44 21.93 3.33
N GLU A 102 7.31 21.21 3.26
CA GLU A 102 6.22 21.53 4.18
C GLU A 102 6.71 21.53 5.62
N LYS A 103 5.92 22.18 6.47
CA LYS A 103 6.11 22.08 7.92
C LYS A 103 5.67 20.70 8.43
N PRO A 104 6.21 20.26 9.56
CA PRO A 104 7.44 20.78 10.23
C PRO A 104 8.60 20.49 9.28
N LEU A 105 9.59 21.37 9.20
CA LEU A 105 10.71 21.12 8.28
C LEU A 105 11.30 19.72 8.45
N VAL A 106 11.64 19.33 9.68
CA VAL A 106 11.99 17.97 10.05
C VAL A 106 11.42 17.69 11.43
N LEU A 107 11.58 16.47 11.91
CA LEU A 107 11.00 16.07 13.20
C LEU A 107 11.92 16.35 14.37
N TRP A 108 13.25 16.32 14.17
CA TRP A 108 14.18 16.33 15.31
C TRP A 108 15.29 17.38 15.17
N PRO A 109 15.72 17.97 16.31
CA PRO A 109 16.93 18.81 16.27
C PRO A 109 18.19 18.11 15.70
N GLU A 110 18.36 16.81 15.91
CA GLU A 110 19.55 16.12 15.36
C GLU A 110 19.49 16.16 13.83
N GLU A 111 18.27 16.14 13.25
CA GLU A 111 18.10 16.21 11.81
C GLU A 111 18.45 17.61 11.29
N ILE A 112 18.03 18.67 12.01
CA ILE A 112 18.42 20.02 11.70
C ILE A 112 19.97 20.11 11.68
N ALA A 113 20.62 19.54 12.71
CA ALA A 113 22.09 19.63 12.82
C ALA A 113 22.77 18.90 11.65
N ARG A 114 22.26 17.74 11.26
CA ARG A 114 22.88 16.99 10.18
C ARG A 114 22.63 17.71 8.88
N LEU A 115 21.43 18.29 8.67
CA LEU A 115 21.16 19.13 7.52
C LEU A 115 22.04 20.33 7.35
N LYS A 116 22.44 20.94 8.48
CA LYS A 116 23.41 22.02 8.41
C LYS A 116 24.74 21.51 7.83
N GLU A 117 25.16 20.34 8.28
CA GLU A 117 26.42 19.75 7.76
C GLU A 117 26.29 19.51 6.25
N LEU A 118 25.12 19.03 5.81
CA LEU A 118 25.00 18.57 4.44
C LEU A 118 24.81 19.77 3.52
N GLU A 119 24.27 20.87 4.05
CA GLU A 119 24.19 22.12 3.29
C GLU A 119 25.65 22.59 3.03
N ALA A 120 26.52 22.48 4.02
CA ALA A 120 27.95 22.81 3.85
C ALA A 120 28.68 21.90 2.88
N ARG A 121 28.35 20.61 2.89
CA ARG A 121 29.01 19.70 1.96
C ARG A 121 28.57 19.94 0.53
N THR A 122 27.28 20.23 0.31
CA THR A 122 26.67 20.29 -1.00
C THR A 122 26.52 21.65 -1.57
N GLY A 123 26.74 22.69 -0.76
CA GLY A 123 26.42 24.04 -1.26
C GLY A 123 24.99 24.35 -1.59
N ARG A 124 24.06 23.51 -1.12
CA ARG A 124 22.65 23.77 -1.38
CA ARG A 124 22.64 23.72 -1.38
C ARG A 124 21.98 24.21 -0.08
N ARG A 125 20.72 24.63 -0.22
CA ARG A 125 19.93 25.16 0.92
C ARG A 125 18.60 24.43 1.14
N VAL A 126 18.21 24.43 2.41
CA VAL A 126 16.95 23.85 2.86
C VAL A 126 16.01 24.94 3.34
N TYR A 127 14.80 25.01 2.77
CA TYR A 127 13.75 25.92 3.19
C TYR A 127 12.42 25.28 3.52
N THR A 128 11.55 26.01 4.22
CA THR A 128 10.31 25.42 4.71
C THR A 128 9.09 26.32 4.55
N VAL A 129 7.92 25.71 4.51
CA VAL A 129 6.66 26.47 4.41
C VAL A 129 6.11 26.75 5.82
N LEU A 130 6.19 28.01 6.20
CA LEU A 130 5.61 28.46 7.48
C LEU A 130 4.72 29.65 7.13
N GLN A 131 3.51 29.41 6.65
CA GLN A 131 2.75 30.54 6.11
C GLN A 131 2.33 31.55 7.14
N LEU A 132 2.31 31.22 8.42
CA LEU A 132 1.97 32.28 9.38
C LEU A 132 2.96 33.44 9.34
N ARG A 133 4.20 33.18 8.93
CA ARG A 133 5.18 34.26 8.85
C ARG A 133 4.94 35.23 7.70
N VAL A 134 4.03 34.89 6.79
CA VAL A 134 3.60 35.84 5.77
C VAL A 134 2.14 36.27 5.93
N HIS A 135 1.51 35.87 7.02
CA HIS A 135 0.15 36.31 7.26
C HIS A 135 0.10 37.80 7.58
N PRO A 136 -0.63 38.60 6.80
CA PRO A 136 -0.56 40.05 7.00
C PRO A 136 -0.92 40.52 8.42
N SER A 137 -1.84 39.84 9.11
CA SER A 137 -2.22 40.29 10.45
C SER A 137 -1.09 40.02 11.44
N LEU A 138 -0.37 38.94 11.19
CA LEU A 138 0.70 38.55 12.08
C LEU A 138 1.99 39.32 11.79
N LEU A 139 2.25 39.66 10.53
CA LEU A 139 3.31 40.61 10.23
C LEU A 139 3.03 41.96 10.91
N ALA A 140 1.78 42.39 10.89
CA ALA A 140 1.39 43.67 11.51
C ALA A 140 1.62 43.61 13.03
N LEU A 141 1.20 42.50 13.64
CA LEU A 141 1.44 42.27 15.06
C LEU A 141 2.91 42.32 15.42
N LYS A 142 3.76 41.67 14.63
CA LYS A 142 5.17 41.65 14.90
C LYS A 142 5.76 43.05 14.87
N GLU A 143 5.28 43.89 13.95
CA GLU A 143 5.78 45.25 13.90
C GLU A 143 5.41 46.02 15.15
N ARG A 144 4.17 45.86 15.60
CA ARG A 144 3.69 46.59 16.77
C ARG A 144 4.48 46.15 18.01
N LEU A 145 4.82 44.87 18.10
CA LEU A 145 5.58 44.36 19.25
C LEU A 145 7.01 44.90 19.31
N GLY A 146 7.64 45.11 18.17
CA GLY A 146 8.94 45.74 18.11
C GLY A 146 8.97 47.09 18.81
N GLN A 147 7.82 47.74 18.95
CA GLN A 147 7.72 49.04 19.59
C GLN A 147 7.76 48.95 21.12
N GLU A 148 7.54 47.75 21.63
CA GLU A 148 7.13 47.60 23.01
C GLU A 148 8.34 47.15 23.78
N LYS A 149 8.38 47.51 25.06
CA LYS A 149 9.47 47.05 25.91
C LYS A 149 8.89 46.05 26.89
N GLY A 150 9.74 45.14 27.33
CA GLY A 150 9.35 44.15 28.32
C GLY A 150 8.81 42.92 27.62
N ALA A 151 8.74 41.84 28.37
CA ALA A 151 8.03 40.67 27.88
C ALA A 151 6.53 40.84 27.94
N LYS A 152 5.80 40.09 27.11
CA LYS A 152 4.36 40.19 27.05
C LYS A 152 3.71 38.92 27.62
N ASP A 153 2.50 39.04 28.12
CA ASP A 153 1.72 37.87 28.55
C ASP A 153 0.76 37.54 27.42
N VAL A 154 0.78 36.28 27.02
CA VAL A 154 0.13 35.86 25.75
C VAL A 154 -0.72 34.64 26.03
N VAL A 155 -1.91 34.61 25.44
CA VAL A 155 -2.74 33.41 25.45
C VAL A 155 -2.88 32.98 24.00
N LEU A 156 -2.45 31.77 23.68
CA LEU A 156 -2.51 31.25 22.29
C LEU A 156 -3.51 30.12 22.33
N THR A 157 -4.55 30.22 21.49
CA THR A 157 -5.57 29.18 21.41
C THR A 157 -5.68 28.75 19.96
N TYR A 158 -5.54 27.45 19.72
CA TYR A 158 -5.38 26.94 18.35
C TYR A 158 -6.27 25.72 18.22
N VAL A 159 -7.43 25.88 17.60
CA VAL A 159 -8.40 24.80 17.49
C VAL A 159 -8.67 24.66 16.00
N THR A 160 -8.45 23.48 15.45
CA THR A 160 -8.70 23.28 14.03
C THR A 160 -9.31 21.89 13.83
N GLY A 161 -10.62 21.82 13.57
CA GLY A 161 -11.30 20.53 13.67
C GLY A 161 -10.83 19.56 12.60
N ARG A 162 -10.79 18.29 13.02
CA ARG A 162 -10.42 17.21 12.08
C ARG A 162 -11.45 16.09 12.19
N GLY A 163 -11.85 15.64 11.01
CA GLY A 163 -12.78 14.50 10.99
C GLY A 163 -12.16 13.14 11.28
N LYS A 164 -12.99 12.10 11.19
CA LYS A 164 -12.63 10.76 11.64
C LYS A 164 -11.51 10.14 10.83
N TRP A 165 -11.26 10.63 9.62
CA TRP A 165 -10.18 10.09 8.82
C TRP A 165 -8.82 10.37 9.48
N TYR A 166 -8.69 11.51 10.16
CA TYR A 166 -7.37 11.90 10.70
C TYR A 166 -6.83 10.81 11.62
N GLY A 167 -7.67 10.24 12.49
CA GLY A 167 -7.27 9.16 13.39
C GLY A 167 -6.92 7.83 12.79
N LYS A 168 -7.12 7.70 11.48
CA LYS A 168 -6.77 6.49 10.73
C LYS A 168 -5.64 6.76 9.76
N SER A 169 -5.00 7.93 9.91
CA SER A 169 -3.92 8.34 8.97
C SER A 169 -2.57 8.36 9.69
N TRP A 170 -1.54 8.60 8.86
CA TRP A 170 -0.18 8.76 9.39
C TRP A 170 -0.11 9.92 10.38
N LYS A 171 -1.05 10.86 10.31
CA LYS A 171 -1.02 12.02 11.18
C LYS A 171 -1.03 11.73 12.65
N VAL A 172 -1.63 10.61 13.04
CA VAL A 172 -1.62 10.24 14.45
C VAL A 172 -0.57 9.18 14.80
N ASP A 173 0.27 8.79 13.83
CA ASP A 173 1.36 7.81 14.15
C ASP A 173 2.54 8.69 14.56
N GLU A 174 2.86 8.71 15.84
CA GLU A 174 3.84 9.69 16.32
C GLU A 174 5.18 9.55 15.62
N ALA A 175 5.54 8.33 15.24
CA ALA A 175 6.82 8.20 14.51
C ALA A 175 6.81 8.87 13.16
N LYS A 176 5.62 8.96 12.54
CA LYS A 176 5.49 9.61 11.27
C LYS A 176 5.21 11.10 11.33
N SER A 177 4.42 11.47 12.35
CA SER A 177 3.94 12.85 12.41
C SER A 177 4.62 13.77 13.43
N GLY A 178 5.22 13.12 14.42
CA GLY A 178 5.77 13.81 15.58
C GLY A 178 4.76 14.11 16.67
N GLY A 179 3.52 13.68 16.47
CA GLY A 179 2.48 13.86 17.47
C GLY A 179 1.73 15.16 17.19
N LEU A 180 0.61 15.36 17.89
CA LEU A 180 -0.26 16.53 17.68
C LEU A 180 0.47 17.87 17.80
N ALA A 181 1.30 17.99 18.85
CA ALA A 181 2.00 19.26 19.08
C ALA A 181 3.02 19.60 18.00
N THR A 182 3.44 18.59 17.25
CA THR A 182 4.31 18.84 16.11
C THR A 182 3.46 19.05 14.85
N ASN A 183 2.64 18.06 14.53
CA ASN A 183 1.94 18.08 13.26
C ASN A 183 1.06 19.28 13.10
N ILE A 184 0.30 19.63 14.15
CA ILE A 184 -0.51 20.83 14.05
C ILE A 184 0.19 21.98 14.79
N GLY A 185 0.69 21.70 15.97
CA GLY A 185 1.25 22.78 16.81
C GLY A 185 2.46 23.49 16.28
N ILE A 186 3.18 22.90 15.33
CA ILE A 186 4.40 23.58 14.88
C ILE A 186 4.10 24.98 14.36
N HIS A 187 2.94 25.20 13.77
CA HIS A 187 2.56 26.51 13.26
C HIS A 187 2.68 27.53 14.38
N PHE A 188 2.05 27.25 15.50
CA PHE A 188 2.06 28.26 16.55
C PHE A 188 3.35 28.26 17.37
N PHE A 189 4.01 27.11 17.58
CA PHE A 189 5.32 27.15 18.25
C PHE A 189 6.25 28.02 17.41
N ASP A 190 6.18 27.88 16.08
CA ASP A 190 7.00 28.69 15.22
C ASP A 190 6.62 30.17 15.24
N LEU A 191 5.33 30.47 15.24
CA LEU A 191 4.86 31.85 15.36
C LEU A 191 5.42 32.48 16.63
N LEU A 192 5.32 31.75 17.73
CA LEU A 192 5.78 32.28 19.01
C LEU A 192 7.29 32.46 19.05
N ALA A 193 8.06 31.55 18.46
CA ALA A 193 9.51 31.69 18.40
C ALA A 193 9.88 32.89 17.55
N TRP A 194 9.23 33.04 16.41
CA TRP A 194 9.45 34.19 15.53
C TRP A 194 9.17 35.53 16.23
N LEU A 195 8.06 35.62 16.98
CA LEU A 195 7.74 36.86 17.68
C LEU A 195 8.57 37.07 18.95
N PHE A 196 8.85 36.00 19.68
CA PHE A 196 9.27 36.13 21.08
C PHE A 196 10.56 35.42 21.44
N GLY A 197 11.19 34.75 20.47
CA GLY A 197 12.45 34.08 20.77
C GLY A 197 12.47 32.70 21.38
N ARG A 198 13.56 32.36 22.05
CA ARG A 198 13.85 31.01 22.45
C ARG A 198 13.07 30.70 23.71
N ALA A 199 12.68 29.43 23.87
CA ALA A 199 11.99 29.00 25.06
C ALA A 199 12.96 28.66 26.18
N LEU A 200 12.85 29.41 27.27
CA LEU A 200 13.66 29.13 28.44
C LEU A 200 13.09 28.03 29.31
N HIS A 201 11.77 27.85 29.27
CA HIS A 201 11.10 26.88 30.11
C HIS A 201 9.87 26.41 29.37
N VAL A 202 9.64 25.10 29.38
CA VAL A 202 8.46 24.53 28.72
C VAL A 202 7.70 23.62 29.68
N GLU A 203 6.38 23.72 29.73
CA GLU A 203 5.53 22.82 30.53
C GLU A 203 4.40 22.26 29.67
N VAL A 204 3.98 21.04 29.94
CA VAL A 204 2.78 20.51 29.30
C VAL A 204 1.83 20.08 30.40
N HIS A 205 0.56 20.51 30.28
CA HIS A 205 -0.44 20.33 31.34
C HIS A 205 -1.52 19.30 30.98
N ALA A 206 -1.69 19.07 29.69
CA ALA A 206 -2.74 18.15 29.20
C ALA A 206 -2.21 17.57 27.92
N ARG A 207 -2.40 16.26 27.74
CA ARG A 207 -1.91 15.64 26.51
C ARG A 207 -2.66 14.39 26.14
N THR A 208 -3.77 14.55 25.39
CA THR A 208 -4.71 13.48 25.00
C THR A 208 -4.68 13.40 23.48
N PRO A 209 -5.42 12.44 22.87
CA PRO A 209 -5.33 12.37 21.42
C PRO A 209 -5.76 13.62 20.65
N THR A 210 -6.63 14.42 21.25
CA THR A 210 -7.15 15.57 20.53
C THR A 210 -6.84 16.90 21.21
N VAL A 211 -6.16 16.89 22.35
CA VAL A 211 -5.87 18.15 23.06
C VAL A 211 -4.46 18.11 23.61
N ASN A 212 -3.72 19.18 23.42
CA ASN A 212 -2.49 19.43 24.19
C ASN A 212 -2.58 20.85 24.73
N ALA A 213 -2.14 21.08 25.95
CA ALA A 213 -2.09 22.43 26.50
C ALA A 213 -0.87 22.56 27.37
N GLY A 214 -0.38 23.78 27.53
CA GLY A 214 0.79 23.97 28.39
C GLY A 214 1.16 25.43 28.54
N TYR A 215 2.42 25.65 28.89
CA TYR A 215 2.96 26.99 29.16
C TYR A 215 4.37 27.07 28.62
N LEU A 216 4.77 28.22 28.10
CA LEU A 216 6.15 28.48 27.72
C LEU A 216 6.59 29.75 28.39
N GLU A 217 7.85 29.79 28.81
CA GLU A 217 8.52 31.06 29.08
C GLU A 217 9.51 31.29 27.96
N LEU A 218 9.27 32.32 27.15
CA LEU A 218 10.16 32.67 26.04
C LEU A 218 10.91 33.94 26.38
N GLU A 219 11.99 34.21 25.66
CA GLU A 219 12.74 35.46 25.88
C GLU A 219 11.82 36.66 25.93
N GLY A 220 10.81 36.74 25.06
CA GLY A 220 9.96 37.93 24.96
C GLY A 220 8.54 37.77 25.44
N ALA A 221 8.19 36.63 26.02
CA ALA A 221 6.80 36.41 26.44
C ALA A 221 6.63 35.27 27.40
N ARG A 222 5.57 35.32 28.19
CA ARG A 222 5.08 34.15 28.91
C ARG A 222 3.80 33.74 28.21
N VAL A 223 3.67 32.47 27.81
CA VAL A 223 2.58 32.05 26.94
C VAL A 223 1.80 30.91 27.52
N ARG A 224 0.49 31.03 27.66
CA ARG A 224 -0.35 29.87 28.01
C ARG A 224 -0.94 29.43 26.68
N TRP A 225 -0.84 28.14 26.34
CA TRP A 225 -1.28 27.66 25.03
C TRP A 225 -2.22 26.47 25.13
N PHE A 226 -3.12 26.38 24.15
CA PHE A 226 -4.07 25.29 24.04
C PHE A 226 -4.21 24.96 22.58
N LEU A 227 -4.09 23.66 22.29
CA LEU A 227 -4.17 23.13 20.92
C LEU A 227 -5.22 22.00 20.90
N SER A 228 -6.15 22.04 19.95
CA SER A 228 -7.04 20.89 19.80
C SER A 228 -7.48 20.73 18.36
N ILE A 229 -7.73 19.47 18.02
CA ILE A 229 -8.39 19.12 16.77
C ILE A 229 -9.83 18.71 16.98
N ASP A 230 -10.33 18.91 18.21
CA ASP A 230 -11.77 18.72 18.50
C ASP A 230 -12.47 20.08 18.37
N PRO A 231 -13.35 20.22 17.37
CA PRO A 231 -13.97 21.53 17.16
C PRO A 231 -14.98 21.93 18.25
N SER A 232 -15.24 21.05 19.22
CA SER A 232 -16.05 21.42 20.38
CA SER A 232 -16.04 21.41 20.39
C SER A 232 -15.36 22.53 21.18
N PHE A 233 -14.06 22.71 21.00
CA PHE A 233 -13.37 23.78 21.76
C PHE A 233 -13.39 25.14 21.09
N VAL A 234 -13.92 25.22 19.88
CA VAL A 234 -14.18 26.54 19.30
C VAL A 234 -15.13 27.28 20.26
N PRO A 235 -14.82 28.55 20.57
CA PRO A 235 -15.67 29.31 21.52
C PRO A 235 -17.13 29.27 21.09
N GLU A 236 -18.01 29.15 22.09
CA GLU A 236 -19.43 28.93 21.83
C GLU A 236 -20.10 29.91 20.88
N PRO A 237 -19.77 31.21 20.97
CA PRO A 237 -20.40 32.15 20.02
C PRO A 237 -20.07 31.90 18.54
N LEU A 238 -18.93 31.25 18.26
CA LEU A 238 -18.58 30.84 16.91
C LEU A 238 -19.07 29.42 16.62
N ARG A 239 -18.94 28.53 17.59
CA ARG A 239 -19.38 27.14 17.44
C ARG A 239 -20.88 27.03 17.15
N ARG A 240 -21.66 27.90 17.78
CA ARG A 240 -23.12 27.90 17.57
C ARG A 240 -23.45 28.19 16.12
N GLN A 241 -22.54 28.83 15.40
CA GLN A 241 -22.77 29.13 13.99
C GLN A 241 -22.23 28.06 13.06
N GLY A 242 -21.59 27.04 13.63
CA GLY A 242 -21.06 25.94 12.84
C GLY A 242 -19.57 26.06 12.55
N LYS A 243 -18.89 27.07 13.09
CA LYS A 243 -17.45 27.24 12.81
C LYS A 243 -16.60 26.14 13.45
N ARG A 244 -15.56 25.70 12.75
CA ARG A 244 -14.77 24.57 13.26
CA ARG A 244 -14.75 24.55 13.16
C ARG A 244 -13.29 24.89 13.46
N THR A 245 -12.93 26.16 13.31
CA THR A 245 -11.59 26.61 13.60
C THR A 245 -11.64 27.88 14.44
N TYR A 246 -10.59 28.03 15.23
CA TYR A 246 -10.39 29.23 16.04
C TYR A 246 -8.89 29.30 16.32
N ARG A 247 -8.23 30.27 15.70
CA ARG A 247 -6.78 30.43 15.79
C ARG A 247 -6.47 31.82 16.26
N SER A 248 -6.10 31.94 17.53
CA SER A 248 -6.10 33.23 18.21
C SER A 248 -4.79 33.42 18.97
N ILE A 249 -4.19 34.60 18.80
CA ILE A 249 -3.10 35.03 19.69
C ILE A 249 -3.55 36.29 20.41
N ALA A 250 -3.57 36.24 21.74
CA ALA A 250 -4.00 37.40 22.54
C ALA A 250 -2.80 37.92 23.33
N VAL A 251 -2.38 39.15 23.04
CA VAL A 251 -1.15 39.68 23.61
C VAL A 251 -1.52 40.84 24.53
N ASP A 252 -1.21 40.69 25.82
CA ASP A 252 -1.55 41.69 26.82
C ASP A 252 -3.05 42.05 26.70
N GLY A 253 -3.91 41.06 26.50
CA GLY A 253 -5.36 41.28 26.35
C GLY A 253 -5.94 41.74 25.02
N GLU A 254 -5.10 41.92 24.01
CA GLU A 254 -5.57 42.25 22.66
C GLU A 254 -5.60 41.03 21.74
N GLU A 255 -6.69 40.87 21.01
CA GLU A 255 -7.00 39.65 20.28
C GLU A 255 -6.62 39.76 18.79
N VAL A 256 -5.82 38.81 18.29
CA VAL A 256 -5.69 38.65 16.83
C VAL A 256 -6.14 37.24 16.43
N GLU A 257 -7.26 37.14 15.69
CA GLU A 257 -7.72 35.84 15.19
C GLU A 257 -7.25 35.77 13.74
N PHE A 258 -6.47 34.74 13.39
CA PHE A 258 -5.76 34.72 12.10
C PHE A 258 -6.14 33.60 11.15
N SER A 259 -7.39 33.11 11.25
CA SER A 259 -7.84 32.07 10.36
C SER A 259 -8.11 32.54 8.92
N GLU A 260 -8.46 33.80 8.78
CA GLU A 260 -8.88 34.27 7.47
C GLU A 260 -7.64 34.36 6.59
N GLY A 261 -7.71 33.72 5.42
CA GLY A 261 -6.54 33.63 4.55
C GLY A 261 -5.48 32.61 4.91
N PHE A 262 -5.68 31.89 6.02
CA PHE A 262 -4.75 30.80 6.38
C PHE A 262 -4.40 29.81 5.26
N THR A 263 -5.39 29.44 4.45
CA THR A 263 -5.16 28.51 3.36
C THR A 263 -4.81 29.17 2.03
N ASP A 264 -4.53 30.48 2.07
CA ASP A 264 -4.32 31.26 0.85
C ASP A 264 -2.96 31.96 0.77
N LEU A 265 -1.92 31.37 1.36
CA LEU A 265 -0.55 31.94 1.44
C LEU A 265 0.64 31.11 0.93
N HIS A 266 0.41 29.93 0.35
CA HIS A 266 1.54 29.15 -0.12
C HIS A 266 2.32 29.84 -1.26
N THR A 267 1.59 30.56 -2.11
CA THR A 267 2.30 31.14 -3.25
C THR A 267 3.27 32.22 -2.75
N GLU A 268 2.83 32.97 -1.75
CA GLU A 268 3.75 33.91 -1.10
C GLU A 268 4.97 33.31 -0.39
N VAL A 269 4.86 32.18 0.31
CA VAL A 269 6.04 31.48 0.74
C VAL A 269 6.99 31.14 -0.43
N TYR A 270 6.43 30.67 -1.54
CA TYR A 270 7.27 30.21 -2.65
C TYR A 270 8.04 31.40 -3.22
N ARG A 271 7.31 32.49 -3.39
CA ARG A 271 7.96 33.71 -3.84
C ARG A 271 9.11 34.17 -2.94
N LYS A 272 8.87 34.22 -1.64
CA LYS A 272 9.94 34.62 -0.74
C LYS A 272 11.13 33.69 -0.82
N THR A 273 10.87 32.41 -1.00
CA THR A 273 11.94 31.43 -1.00
C THR A 273 12.81 31.73 -2.22
N LEU A 274 12.16 31.97 -3.35
CA LEU A 274 12.91 32.07 -4.60
C LEU A 274 13.63 33.40 -4.62
N ALA A 275 13.13 34.33 -3.80
CA ALA A 275 13.76 35.65 -3.72
C ALA A 275 14.85 35.72 -2.67
N GLY A 276 15.19 34.60 -2.05
CA GLY A 276 16.29 34.54 -1.09
C GLY A 276 15.82 34.94 0.30
N GLU A 277 14.52 34.96 0.51
CA GLU A 277 13.98 35.43 1.79
C GLU A 277 13.26 34.30 2.49
N GLY A 278 13.67 33.07 2.17
CA GLY A 278 12.95 31.88 2.64
C GLY A 278 13.26 31.59 4.09
N PHE A 279 12.51 30.65 4.65
CA PHE A 279 12.70 30.23 6.03
C PHE A 279 13.57 29.00 6.09
N GLY A 280 14.81 29.16 6.52
CA GLY A 280 15.78 28.10 6.51
C GLY A 280 15.93 27.34 7.81
N LEU A 281 16.96 26.53 7.93
CA LEU A 281 17.20 25.73 9.11
C LEU A 281 17.26 26.62 10.35
N ASP A 282 17.99 27.72 10.24
CA ASP A 282 18.14 28.58 11.41
C ASP A 282 16.80 29.14 11.89
N GLU A 283 15.92 29.53 10.98
CA GLU A 283 14.58 30.05 11.30
C GLU A 283 13.70 28.96 11.88
N ALA A 284 13.78 27.75 11.35
CA ALA A 284 12.84 26.69 11.74
C ALA A 284 13.22 25.95 13.01
N ALA A 285 14.50 26.07 13.38
CA ALA A 285 15.01 25.16 14.37
C ALA A 285 14.32 25.30 15.74
N GLU A 286 14.08 26.53 16.18
CA GLU A 286 13.58 26.66 17.54
C GLU A 286 12.24 25.98 17.80
N ALA A 287 11.31 26.15 16.86
CA ALA A 287 10.02 25.49 17.07
C ALA A 287 10.08 23.99 16.98
N ILE A 288 11.03 23.51 16.15
CA ILE A 288 11.29 22.07 16.15
C ILE A 288 11.87 21.50 17.46
N ARG A 289 12.72 22.32 18.08
CA ARG A 289 13.28 21.94 19.37
C ARG A 289 12.20 21.88 20.46
N VAL A 290 11.32 22.87 20.46
CA VAL A 290 10.19 22.88 21.39
C VAL A 290 9.21 21.71 21.20
N ALA A 291 8.84 21.52 19.93
CA ALA A 291 7.94 20.42 19.65
C ALA A 291 8.53 19.05 19.99
N ALA A 292 9.81 18.92 19.70
CA ALA A 292 10.44 17.63 20.02
C ALA A 292 10.52 17.34 21.52
N LEU A 293 10.82 18.38 22.31
CA LEU A 293 10.81 18.27 23.77
C LEU A 293 9.48 17.76 24.28
N LEU A 294 8.42 18.33 23.70
CA LEU A 294 7.06 18.01 24.10
C LEU A 294 6.64 16.55 23.87
N ARG A 295 7.36 15.81 23.03
CA ARG A 295 7.01 14.38 22.89
C ARG A 295 7.22 13.53 24.12
N THR A 296 8.20 13.92 24.93
CA THR A 296 8.54 13.10 26.09
C THR A 296 8.49 13.89 27.38
N LEU A 297 8.26 15.21 27.30
CA LEU A 297 8.19 15.97 28.55
C LEU A 297 7.08 15.41 29.47
N PRO A 298 7.40 15.09 30.74
CA PRO A 298 6.34 14.69 31.64
C PRO A 298 5.32 15.79 31.87
N LEU A 299 4.08 15.37 32.01
CA LEU A 299 2.98 16.23 32.45
C LEU A 299 3.28 16.86 33.80
N SER A 300 2.93 18.13 33.92
CA SER A 300 2.99 18.76 35.23
C SER A 300 1.69 19.47 35.59
N GLN A 301 1.53 19.79 36.86
CA GLN A 301 0.31 20.41 37.33
C GLN A 301 0.55 21.92 37.26
N PRO A 302 -0.28 22.64 36.53
CA PRO A 302 -0.03 24.07 36.34
C PRO A 302 -0.34 24.87 37.60
N SER A 303 0.48 25.86 37.88
CA SER A 303 0.07 26.93 38.80
C SER A 303 -1.06 27.72 38.15
N PRO A 304 -1.92 28.39 38.95
CA PRO A 304 -3.05 29.08 38.36
C PRO A 304 -2.59 30.11 37.35
N GLU A 305 -1.43 30.71 37.58
CA GLU A 305 -0.99 31.78 36.69
C GLU A 305 -0.52 31.24 35.33
N ASN A 306 -0.25 29.93 35.26
CA ASN A 306 0.29 29.35 34.02
C ASN A 306 -0.69 28.49 33.26
N ARG A 307 -1.93 28.38 33.73
CA ARG A 307 -2.93 27.50 33.18
C ARG A 307 -3.74 28.17 32.08
N HIS A 308 -3.79 27.60 30.88
CA HIS A 308 -4.63 28.18 29.83
C HIS A 308 -6.09 28.22 30.29
N PRO A 309 -6.83 29.31 29.99
CA PRO A 309 -8.22 29.39 30.46
C PRO A 309 -9.10 28.18 30.14
N PHE A 310 -8.89 27.53 29.00
CA PHE A 310 -9.73 26.38 28.66
C PHE A 310 -9.54 25.22 29.66
N LEU A 311 -8.46 25.24 30.44
CA LEU A 311 -8.25 24.20 31.45
C LEU A 311 -9.02 24.42 32.75
N GLY A 312 -9.75 25.53 32.85
CA GLY A 312 -10.54 25.81 34.05
C GLY A 312 -9.80 26.76 34.95
N MET B 3 -33.80 14.03 3.43
CA MET B 3 -32.30 14.09 3.40
C MET B 3 -31.72 12.70 3.11
N THR B 4 -31.33 12.50 1.86
CA THR B 4 -30.89 11.18 1.45
C THR B 4 -29.53 10.86 2.07
N ARG B 5 -29.43 9.63 2.59
CA ARG B 5 -28.21 9.21 3.35
C ARG B 5 -27.31 8.40 2.43
N PHE B 6 -26.07 8.89 2.27
CA PHE B 6 -25.07 8.24 1.39
C PHE B 6 -23.87 7.71 2.15
N ALA B 7 -23.30 6.62 1.66
CA ALA B 7 -21.90 6.28 1.95
C ALA B 7 -21.18 6.35 0.63
N LEU B 8 -19.85 6.43 0.67
CA LEU B 8 -19.03 6.63 -0.54
C LEU B 8 -17.77 5.77 -0.49
N THR B 9 -17.46 5.03 -1.55
CA THR B 9 -16.16 4.35 -1.66
C THR B 9 -15.29 5.09 -2.67
N GLY B 10 -13.99 5.14 -2.34
CA GLY B 10 -12.98 5.83 -3.20
C GLY B 10 -12.82 7.31 -2.89
N LEU B 11 -13.09 7.71 -1.65
CA LEU B 11 -13.04 9.10 -1.21
C LEU B 11 -11.75 9.89 -1.52
N ALA B 12 -10.61 9.16 -1.56
CA ALA B 12 -9.31 9.87 -1.74
C ALA B 12 -9.06 10.16 -3.23
N GLY B 13 -9.91 9.67 -4.12
CA GLY B 13 -9.59 9.68 -5.54
C GLY B 13 -9.84 10.99 -6.23
N TYR B 14 -9.46 11.01 -7.51
CA TYR B 14 -9.70 12.16 -8.38
C TYR B 14 -11.14 12.61 -8.51
N ILE B 15 -12.03 11.62 -8.74
CA ILE B 15 -13.42 11.94 -9.06
C ILE B 15 -14.26 12.11 -7.81
N ALA B 16 -13.77 11.64 -6.65
CA ALA B 16 -14.58 11.73 -5.44
C ALA B 16 -15.11 13.12 -5.11
N PRO B 17 -14.33 14.21 -5.29
CA PRO B 17 -14.90 15.51 -4.92
C PRO B 17 -16.12 15.89 -5.73
N ARG B 18 -16.26 15.36 -6.95
CA ARG B 18 -17.43 15.63 -7.73
C ARG B 18 -18.66 14.92 -7.12
N HIS B 19 -18.45 13.73 -6.56
CA HIS B 19 -19.52 13.06 -5.79
C HIS B 19 -19.86 13.82 -4.51
N LEU B 20 -18.85 14.31 -3.80
CA LEU B 20 -19.15 15.04 -2.57
C LEU B 20 -19.99 16.26 -2.91
N LYS B 21 -19.63 16.94 -4.00
CA LYS B 21 -20.42 18.09 -4.44
C LYS B 21 -21.85 17.69 -4.82
N ALA B 22 -22.00 16.59 -5.53
CA ALA B 22 -23.34 16.14 -5.90
C ALA B 22 -24.20 15.83 -4.68
N ILE B 23 -23.63 15.12 -3.71
CA ILE B 23 -24.37 14.75 -2.49
C ILE B 23 -24.80 16.03 -1.79
N LYS B 24 -23.89 16.99 -1.65
CA LYS B 24 -24.26 18.28 -1.04
C LYS B 24 -25.41 18.94 -1.80
N GLU B 25 -25.32 18.99 -3.13
CA GLU B 25 -26.26 19.73 -3.95
C GLU B 25 -27.64 19.06 -4.08
N VAL B 26 -27.76 17.75 -3.86
CA VAL B 26 -29.08 17.14 -3.85
C VAL B 26 -29.66 17.07 -2.43
N GLY B 27 -29.02 17.79 -1.52
CA GLY B 27 -29.51 17.90 -0.13
C GLY B 27 -29.30 16.61 0.64
N GLY B 28 -28.32 15.82 0.21
CA GLY B 28 -27.99 14.60 0.93
C GLY B 28 -26.97 14.80 2.04
N VAL B 29 -26.73 13.72 2.77
CA VAL B 29 -25.67 13.68 3.79
C VAL B 29 -24.76 12.48 3.58
N LEU B 30 -23.44 12.73 3.69
CA LEU B 30 -22.47 11.63 3.63
C LEU B 30 -22.29 11.09 5.03
N VAL B 31 -22.70 9.86 5.25
CA VAL B 31 -22.68 9.24 6.57
C VAL B 31 -21.31 8.61 6.85
N ALA B 32 -20.70 8.03 5.83
CA ALA B 32 -19.46 7.28 6.01
C ALA B 32 -18.81 7.08 4.67
N SER B 33 -17.48 6.91 4.70
CA SER B 33 -16.71 6.64 3.49
C SER B 33 -15.67 5.54 3.73
N LEU B 34 -15.23 4.95 2.61
CA LEU B 34 -14.20 3.91 2.60
C LEU B 34 -13.13 4.29 1.58
N ASP B 35 -11.87 4.26 2.02
CA ASP B 35 -10.77 4.25 1.03
C ASP B 35 -9.52 3.72 1.75
N PRO B 36 -8.80 2.74 1.19
CA PRO B 36 -7.61 2.23 1.87
C PRO B 36 -6.54 3.34 1.96
N ALA B 37 -6.65 4.35 1.11
CA ALA B 37 -5.74 5.53 1.18
C ALA B 37 -6.35 6.61 2.05
N THR B 38 -5.53 7.27 2.84
CA THR B 38 -6.07 8.26 3.78
C THR B 38 -5.86 9.71 3.36
N ASN B 39 -5.46 9.93 2.10
CA ASN B 39 -5.28 11.31 1.65
C ASN B 39 -6.61 11.92 1.25
N VAL B 40 -7.45 12.06 2.28
CA VAL B 40 -8.84 12.45 2.11
C VAL B 40 -9.28 13.70 2.81
N GLY B 41 -8.31 14.51 3.26
CA GLY B 41 -8.65 15.66 4.09
C GLY B 41 -9.63 16.64 3.49
N LEU B 42 -9.79 16.66 2.17
CA LEU B 42 -10.79 17.54 1.59
C LEU B 42 -12.22 17.28 2.12
N VAL B 43 -12.46 16.07 2.58
CA VAL B 43 -13.81 15.69 3.01
C VAL B 43 -14.35 16.61 4.10
N ASP B 44 -13.48 17.13 4.97
CA ASP B 44 -14.02 17.95 6.06
C ASP B 44 -14.67 19.24 5.60
N SER B 45 -14.30 19.74 4.42
CA SER B 45 -14.93 20.96 3.88
C SER B 45 -16.33 20.70 3.33
N PHE B 46 -16.74 19.43 3.25
CA PHE B 46 -18.10 19.07 2.79
C PHE B 46 -18.92 18.44 3.90
N PHE B 47 -18.39 17.39 4.54
CA PHE B 47 -19.09 16.59 5.52
C PHE B 47 -18.17 16.29 6.71
N PRO B 48 -18.03 17.26 7.62
CA PRO B 48 -17.03 17.14 8.69
C PRO B 48 -17.37 16.10 9.75
N GLU B 49 -18.55 15.46 9.70
CA GLU B 49 -18.91 14.46 10.70
C GLU B 49 -18.97 13.02 10.15
N ALA B 50 -18.60 12.85 8.89
CA ALA B 50 -18.69 11.53 8.27
C ALA B 50 -17.72 10.56 8.91
N GLU B 51 -18.11 9.29 9.12
CA GLU B 51 -17.25 8.23 9.56
C GLU B 51 -16.31 7.87 8.40
N PHE B 52 -15.16 7.28 8.75
CA PHE B 52 -14.17 6.93 7.74
C PHE B 52 -13.55 5.61 8.08
N PHE B 53 -13.33 4.81 7.03
CA PHE B 53 -12.75 3.48 7.16
C PHE B 53 -11.70 3.29 6.07
N THR B 54 -10.59 2.65 6.46
CA THR B 54 -9.62 2.10 5.51
C THR B 54 -9.87 0.65 5.13
N GLU B 55 -10.58 -0.07 5.99
CA GLU B 55 -10.77 -1.52 5.78
C GLU B 55 -12.19 -1.82 5.31
N PRO B 56 -12.35 -2.40 4.10
CA PRO B 56 -13.71 -2.67 3.58
C PRO B 56 -14.54 -3.53 4.58
N GLU B 57 -13.89 -4.47 5.28
CA GLU B 57 -14.68 -5.36 6.17
C GLU B 57 -15.24 -4.56 7.35
N ALA B 58 -14.49 -3.57 7.83
CA ALA B 58 -14.97 -2.72 8.92
C ALA B 58 -16.07 -1.76 8.47
N PHE B 59 -15.91 -1.21 7.25
CA PHE B 59 -16.94 -0.38 6.67
C PHE B 59 -18.27 -1.17 6.56
N GLU B 60 -18.20 -2.37 6.01
CA GLU B 60 -19.39 -3.26 5.83
C GLU B 60 -20.08 -3.50 7.18
N ALA B 61 -19.28 -3.76 8.21
CA ALA B 61 -19.82 -4.10 9.53
C ALA B 61 -20.50 -2.90 10.15
N TYR B 62 -19.89 -1.73 10.03
CA TYR B 62 -20.50 -0.49 10.46
C TYR B 62 -21.82 -0.20 9.74
N LEU B 63 -21.89 -0.41 8.43
CA LEU B 63 -23.13 -0.01 7.71
C LEU B 63 -24.26 -1.00 8.02
N GLU B 64 -23.86 -2.23 8.25
CA GLU B 64 -24.82 -3.25 8.71
C GLU B 64 -25.35 -2.88 10.08
N ASP B 65 -24.46 -2.46 10.98
CA ASP B 65 -24.92 -2.05 12.31
C ASP B 65 -25.92 -0.87 12.22
N LEU B 66 -25.68 0.07 11.32
CA LEU B 66 -26.60 1.19 11.08
C LEU B 66 -27.95 0.65 10.59
N ARG B 67 -27.90 -0.30 9.65
CA ARG B 67 -29.10 -0.96 9.05
C ARG B 67 -29.77 -1.87 10.10
N ASP B 68 -29.02 -2.72 10.82
CA ASP B 68 -29.64 -3.68 11.76
C ASP B 68 -30.23 -2.86 12.90
N ARG B 69 -30.14 -1.53 12.83
CA ARG B 69 -30.90 -0.68 13.75
C ARG B 69 -31.70 0.54 13.23
N GLY B 70 -32.11 0.58 11.96
CA GLY B 70 -32.91 1.71 11.48
C GLY B 70 -32.31 3.00 10.96
N GLU B 71 -30.98 3.09 10.84
CA GLU B 71 -30.35 4.33 10.43
C GLU B 71 -29.43 4.08 9.23
N GLY B 72 -29.80 3.09 8.41
CA GLY B 72 -28.95 2.66 7.28
C GLY B 72 -28.85 3.72 6.23
N VAL B 73 -27.80 3.63 5.41
CA VAL B 73 -27.72 4.53 4.27
C VAL B 73 -28.69 4.12 3.15
N ASP B 74 -29.12 5.11 2.41
CA ASP B 74 -30.02 4.89 1.27
C ASP B 74 -29.27 4.51 -0.01
N TYR B 75 -28.06 5.08 -0.18
CA TYR B 75 -27.24 4.86 -1.39
C TYR B 75 -25.78 4.63 -0.98
N LEU B 76 -25.13 3.69 -1.65
CA LEU B 76 -23.66 3.66 -1.70
C LEU B 76 -23.22 4.19 -3.04
N SER B 77 -22.48 5.29 -3.01
CA SER B 77 -21.77 5.83 -4.18
C SER B 77 -20.43 5.16 -4.29
N ILE B 78 -20.08 4.73 -5.50
CA ILE B 78 -18.92 3.90 -5.69
C ILE B 78 -18.01 4.60 -6.70
N ALA B 79 -16.82 5.01 -6.20
CA ALA B 79 -15.80 5.69 -7.03
C ALA B 79 -14.47 4.98 -6.86
N SER B 80 -14.47 3.68 -6.63
CA SER B 80 -13.28 2.85 -6.58
C SER B 80 -12.81 2.41 -8.00
N PRO B 81 -11.67 1.71 -8.14
CA PRO B 81 -11.22 1.16 -9.44
C PRO B 81 -12.26 0.21 -10.00
N ASN B 82 -12.27 0.10 -11.32
CA ASN B 82 -13.41 -0.55 -12.01
C ASN B 82 -13.72 -1.96 -11.56
N HIS B 83 -12.67 -2.72 -11.31
CA HIS B 83 -12.88 -4.15 -10.96
C HIS B 83 -13.57 -4.25 -9.61
N LEU B 84 -13.52 -3.21 -8.80
CA LEU B 84 -14.20 -3.25 -7.51
C LEU B 84 -15.66 -2.84 -7.56
N HIS B 85 -16.14 -2.34 -8.70
CA HIS B 85 -17.54 -1.87 -8.77
C HIS B 85 -18.48 -3.06 -8.51
N TYR B 86 -18.28 -4.16 -9.23
CA TYR B 86 -19.18 -5.31 -9.02
C TYR B 86 -19.29 -5.76 -7.54
N PRO B 87 -18.14 -6.09 -6.91
CA PRO B 87 -18.32 -6.57 -5.52
C PRO B 87 -18.76 -5.48 -4.55
N GLN B 88 -18.48 -4.19 -4.82
CA GLN B 88 -18.99 -3.18 -3.93
C GLN B 88 -20.47 -2.89 -4.16
N ILE B 89 -20.98 -3.10 -5.39
CA ILE B 89 -22.43 -3.01 -5.59
C ILE B 89 -23.18 -4.13 -4.85
N ARG B 90 -22.56 -5.29 -4.89
CA ARG B 90 -23.22 -6.38 -4.14
C ARG B 90 -23.25 -6.03 -2.65
N MET B 91 -22.12 -5.53 -2.13
CA MET B 91 -22.14 -5.04 -0.74
CA MET B 91 -22.12 -5.03 -0.74
C MET B 91 -23.28 -4.06 -0.48
N ALA B 92 -23.51 -3.07 -1.34
CA ALA B 92 -24.53 -2.10 -1.14
C ALA B 92 -25.93 -2.75 -1.04
N LEU B 93 -26.24 -3.54 -2.04
CA LEU B 93 -27.59 -4.13 -2.08
C LEU B 93 -27.86 -4.97 -0.84
N ARG B 94 -26.89 -5.81 -0.47
CA ARG B 94 -27.06 -6.60 0.73
C ARG B 94 -27.28 -5.73 1.96
N LEU B 95 -26.64 -4.57 2.04
CA LEU B 95 -26.84 -3.65 3.16
C LEU B 95 -28.11 -2.77 3.07
N GLY B 96 -29.06 -3.00 2.13
CA GLY B 96 -30.24 -2.18 1.96
C GLY B 96 -30.05 -0.84 1.37
N ALA B 97 -28.98 -0.73 0.58
CA ALA B 97 -28.81 0.53 -0.11
C ALA B 97 -28.92 0.26 -1.61
N ASN B 98 -29.42 1.30 -2.30
CA ASN B 98 -29.20 1.41 -3.75
C ASN B 98 -27.72 1.67 -3.98
N ALA B 99 -27.24 1.26 -5.15
CA ALA B 99 -25.85 1.57 -5.53
C ALA B 99 -25.92 2.66 -6.60
N LEU B 100 -24.97 3.59 -6.55
CA LEU B 100 -24.75 4.50 -7.65
C LEU B 100 -23.28 4.45 -8.03
N SER B 101 -22.94 3.66 -9.05
CA SER B 101 -21.54 3.36 -9.34
C SER B 101 -21.04 4.21 -10.46
N GLU B 102 -19.83 4.70 -10.31
CA GLU B 102 -19.17 5.21 -11.49
C GLU B 102 -19.16 4.26 -12.67
N LYS B 103 -18.95 4.81 -13.86
CA LYS B 103 -18.70 4.00 -15.03
C LYS B 103 -17.29 3.36 -15.02
N PRO B 104 -17.09 2.27 -15.76
CA PRO B 104 -18.17 1.41 -16.28
C PRO B 104 -18.89 0.79 -15.07
N LEU B 105 -20.19 0.53 -15.17
CA LEU B 105 -20.94 0.02 -14.03
C LEU B 105 -20.28 -1.23 -13.49
N VAL B 106 -20.00 -2.20 -14.38
CA VAL B 106 -19.15 -3.32 -14.05
C VAL B 106 -18.27 -3.68 -15.25
N LEU B 107 -17.37 -4.65 -15.13
CA LEU B 107 -16.47 -5.03 -16.23
C LEU B 107 -17.05 -6.05 -17.21
N TRP B 108 -17.95 -6.93 -16.74
CA TRP B 108 -18.33 -8.07 -17.56
C TRP B 108 -19.84 -8.28 -17.62
N PRO B 109 -20.31 -8.77 -18.77
CA PRO B 109 -21.75 -9.11 -18.88
C PRO B 109 -22.24 -10.15 -17.82
N GLU B 110 -21.38 -11.05 -17.42
CA GLU B 110 -21.77 -12.01 -16.35
C GLU B 110 -22.06 -11.28 -15.05
N GLU B 111 -21.33 -10.19 -14.77
CA GLU B 111 -21.57 -9.42 -13.56
C GLU B 111 -22.90 -8.65 -13.62
N ILE B 112 -23.28 -8.11 -14.81
CA ILE B 112 -24.61 -7.53 -14.99
C ILE B 112 -25.71 -8.58 -14.68
N ALA B 113 -25.49 -9.77 -15.23
CA ALA B 113 -26.54 -10.79 -15.07
C ALA B 113 -26.72 -11.17 -13.60
N ARG B 114 -25.60 -11.29 -12.88
CA ARG B 114 -25.73 -11.60 -11.46
C ARG B 114 -26.34 -10.49 -10.63
N LEU B 115 -26.01 -9.24 -10.95
CA LEU B 115 -26.65 -8.13 -10.30
C LEU B 115 -28.18 -8.02 -10.51
N LYS B 116 -28.66 -8.41 -11.69
CA LYS B 116 -30.11 -8.39 -11.94
CA LYS B 116 -30.11 -8.39 -11.95
C LYS B 116 -30.78 -9.36 -10.99
N GLU B 117 -30.17 -10.52 -10.83
CA GLU B 117 -30.73 -11.47 -9.86
C GLU B 117 -30.65 -10.97 -8.43
N LEU B 118 -29.49 -10.41 -8.06
CA LEU B 118 -29.41 -9.87 -6.70
C LEU B 118 -30.35 -8.71 -6.39
N GLU B 119 -30.70 -7.80 -7.31
CA GLU B 119 -31.71 -6.78 -7.07
C GLU B 119 -33.01 -7.44 -6.57
N ALA B 120 -33.33 -8.54 -7.24
CA ALA B 120 -34.65 -9.14 -6.99
C ALA B 120 -34.70 -9.77 -5.60
N ARG B 121 -33.54 -10.00 -5.00
CA ARG B 121 -33.44 -10.64 -3.68
C ARG B 121 -33.14 -9.67 -2.55
N THR B 122 -32.85 -8.43 -2.92
CA THR B 122 -32.60 -7.41 -1.93
C THR B 122 -33.51 -6.18 -1.91
N GLY B 123 -34.40 -6.02 -2.90
CA GLY B 123 -35.31 -4.88 -2.93
C GLY B 123 -34.66 -3.54 -3.21
N ARG B 124 -33.41 -3.57 -3.70
CA ARG B 124 -32.72 -2.34 -4.08
C ARG B 124 -32.21 -2.42 -5.53
N ARG B 125 -31.69 -1.28 -5.96
CA ARG B 125 -31.48 -1.07 -7.38
C ARG B 125 -30.03 -0.56 -7.56
N VAL B 126 -29.51 -0.88 -8.75
CA VAL B 126 -28.15 -0.54 -9.15
C VAL B 126 -28.25 0.54 -10.22
N TYR B 127 -27.54 1.64 -10.04
CA TYR B 127 -27.56 2.74 -11.00
C TYR B 127 -26.12 3.13 -11.29
N THR B 128 -25.93 3.89 -12.37
CA THR B 128 -24.56 4.18 -12.80
C THR B 128 -24.45 5.60 -13.30
N VAL B 129 -23.20 6.10 -13.23
CA VAL B 129 -22.95 7.47 -13.71
C VAL B 129 -22.56 7.42 -15.18
N LEU B 130 -23.47 7.89 -16.03
CA LEU B 130 -23.22 8.02 -17.48
C LEU B 130 -23.64 9.44 -17.85
N GLN B 131 -22.76 10.40 -17.55
CA GLN B 131 -23.17 11.79 -17.71
C GLN B 131 -23.44 12.18 -19.14
N LEU B 132 -22.90 11.48 -20.14
CA LEU B 132 -23.22 11.90 -21.52
C LEU B 132 -24.72 11.81 -21.75
N ARG B 133 -25.41 10.91 -21.04
CA ARG B 133 -26.87 10.79 -21.22
C ARG B 133 -27.65 11.99 -20.67
N VAL B 134 -27.01 12.86 -19.91
CA VAL B 134 -27.65 14.13 -19.50
C VAL B 134 -27.04 15.40 -20.09
N HIS B 135 -26.15 15.23 -21.06
CA HIS B 135 -25.48 16.35 -21.70
C HIS B 135 -26.51 17.01 -22.62
N PRO B 136 -26.76 18.32 -22.47
CA PRO B 136 -27.86 18.94 -23.21
C PRO B 136 -27.69 18.86 -24.72
N SER B 137 -26.46 18.87 -25.21
CA SER B 137 -26.23 18.84 -26.66
C SER B 137 -26.54 17.46 -27.19
N LEU B 138 -26.23 16.44 -26.40
CA LEU B 138 -26.50 15.08 -26.85
C LEU B 138 -27.96 14.70 -26.73
N LEU B 139 -28.64 15.18 -25.69
CA LEU B 139 -30.09 14.97 -25.61
C LEU B 139 -30.78 15.63 -26.82
N ALA B 140 -30.28 16.79 -27.20
CA ALA B 140 -30.87 17.48 -28.35
C ALA B 140 -30.57 16.70 -29.64
N LEU B 141 -29.35 16.19 -29.77
CA LEU B 141 -28.99 15.39 -30.96
C LEU B 141 -29.90 14.16 -31.01
N LYS B 142 -30.10 13.51 -29.86
CA LYS B 142 -30.96 12.33 -29.84
C LYS B 142 -32.37 12.61 -30.35
N GLU B 143 -32.92 13.77 -30.00
CA GLU B 143 -34.25 14.09 -30.48
C GLU B 143 -34.24 14.31 -31.99
N ARG B 144 -33.24 15.03 -32.51
CA ARG B 144 -33.07 15.23 -33.96
C ARG B 144 -32.96 13.90 -34.70
N LEU B 145 -32.19 12.96 -34.16
CA LEU B 145 -31.94 11.72 -34.89
C LEU B 145 -33.17 10.84 -34.90
N GLY B 146 -34.04 11.01 -33.92
CA GLY B 146 -35.24 10.20 -33.81
C GLY B 146 -36.27 10.58 -34.87
N GLN B 147 -36.06 11.72 -35.54
CA GLN B 147 -37.10 12.20 -36.45
C GLN B 147 -36.82 11.63 -37.82
N GLU B 148 -35.71 10.90 -37.94
CA GLU B 148 -35.16 10.51 -39.22
C GLU B 148 -35.20 8.98 -39.37
N LYS B 149 -35.77 8.52 -40.49
CA LYS B 149 -35.78 7.09 -40.78
C LYS B 149 -34.45 6.68 -41.41
N GLY B 150 -34.14 5.40 -41.25
CA GLY B 150 -32.90 4.83 -41.80
C GLY B 150 -31.76 4.81 -40.79
N ALA B 151 -30.82 3.90 -40.99
CA ALA B 151 -29.61 3.91 -40.14
C ALA B 151 -28.73 5.10 -40.55
N LYS B 152 -27.95 5.56 -39.58
CA LYS B 152 -27.10 6.70 -39.81
C LYS B 152 -25.65 6.26 -40.01
N ASP B 153 -24.86 7.13 -40.60
CA ASP B 153 -23.44 6.91 -40.71
C ASP B 153 -22.73 7.90 -39.78
N VAL B 154 -21.90 7.35 -38.91
CA VAL B 154 -21.36 8.12 -37.78
C VAL B 154 -19.84 8.02 -37.75
N VAL B 155 -19.17 9.17 -37.49
CA VAL B 155 -17.75 9.16 -37.14
C VAL B 155 -17.62 9.68 -35.71
N LEU B 156 -17.07 8.84 -34.83
CA LEU B 156 -16.95 9.16 -33.40
C LEU B 156 -15.46 9.31 -33.12
N THR B 157 -15.05 10.51 -32.64
CA THR B 157 -13.66 10.75 -32.32
C THR B 157 -13.60 11.17 -30.86
N TYR B 158 -12.84 10.44 -30.05
CA TYR B 158 -12.83 10.69 -28.61
C TYR B 158 -11.37 10.71 -28.13
N VAL B 159 -10.90 11.94 -27.87
CA VAL B 159 -9.54 12.19 -27.43
C VAL B 159 -9.60 12.89 -26.08
N THR B 160 -8.91 12.32 -25.10
CA THR B 160 -8.88 12.97 -23.79
C THR B 160 -7.49 12.73 -23.19
N GLY B 161 -6.71 13.81 -23.11
CA GLY B 161 -5.28 13.62 -22.84
C GLY B 161 -5.05 13.15 -21.42
N ARG B 162 -4.05 12.28 -21.25
CA ARG B 162 -3.65 11.79 -19.92
C ARG B 162 -2.15 11.88 -19.76
N GLY B 163 -1.74 12.48 -18.64
CA GLY B 163 -0.30 12.57 -18.30
C GLY B 163 0.33 11.25 -17.89
N LYS B 164 1.62 11.30 -17.53
CA LYS B 164 2.43 10.12 -17.35
C LYS B 164 2.03 9.26 -16.16
N TRP B 165 1.32 9.86 -15.19
CA TRP B 165 0.85 9.09 -14.04
C TRP B 165 -0.15 8.00 -14.46
N TYR B 166 -0.87 8.24 -15.56
CA TYR B 166 -1.93 7.28 -15.93
C TYR B 166 -1.34 5.89 -16.18
N GLY B 167 -0.22 5.84 -16.91
CA GLY B 167 0.44 4.59 -17.20
C GLY B 167 1.15 3.91 -16.05
N LYS B 168 1.11 4.54 -14.87
CA LYS B 168 1.63 3.90 -13.66
C LYS B 168 0.52 3.57 -12.66
N SER B 169 -0.74 3.69 -13.12
CA SER B 169 -1.88 3.53 -12.23
C SER B 169 -2.66 2.26 -12.59
N TRP B 170 -3.68 2.00 -11.76
CA TRP B 170 -4.57 0.87 -12.01
C TRP B 170 -5.27 1.00 -13.35
N LYS B 171 -5.34 2.22 -13.87
CA LYS B 171 -6.12 2.46 -15.09
C LYS B 171 -5.57 1.71 -16.29
N VAL B 172 -4.27 1.41 -16.27
CA VAL B 172 -3.70 0.61 -17.35
C VAL B 172 -3.51 -0.89 -17.04
N ASP B 173 -3.92 -1.33 -15.85
CA ASP B 173 -3.94 -2.76 -15.50
C ASP B 173 -5.27 -3.33 -16.01
N GLU B 174 -5.23 -4.10 -17.08
CA GLU B 174 -6.48 -4.44 -17.72
C GLU B 174 -7.39 -5.24 -16.78
N ALA B 175 -6.81 -5.99 -15.85
CA ALA B 175 -7.68 -6.74 -14.92
C ALA B 175 -8.40 -5.79 -13.97
N LYS B 176 -7.83 -4.62 -13.71
CA LYS B 176 -8.50 -3.63 -12.86
C LYS B 176 -9.40 -2.66 -13.62
N SER B 177 -8.96 -2.30 -14.83
CA SER B 177 -9.64 -1.24 -15.54
C SER B 177 -10.52 -1.67 -16.72
N GLY B 178 -10.26 -2.89 -17.19
CA GLY B 178 -10.92 -3.31 -18.42
C GLY B 178 -10.19 -2.94 -19.70
N GLY B 179 -9.10 -2.17 -19.58
CA GLY B 179 -8.38 -1.64 -20.75
C GLY B 179 -8.94 -0.30 -21.21
N LEU B 180 -8.22 0.33 -22.14
CA LEU B 180 -8.53 1.67 -22.60
C LEU B 180 -9.98 1.79 -23.13
N ALA B 181 -10.37 0.79 -23.93
CA ALA B 181 -11.70 0.84 -24.55
C ALA B 181 -12.82 0.76 -23.53
N THR B 182 -12.54 0.16 -22.38
CA THR B 182 -13.52 0.15 -21.30
C THR B 182 -13.36 1.39 -20.44
N ASN B 183 -12.16 1.61 -19.90
CA ASN B 183 -12.02 2.62 -18.88
C ASN B 183 -12.38 3.99 -19.43
N ILE B 184 -11.94 4.31 -20.66
CA ILE B 184 -12.27 5.61 -21.22
C ILE B 184 -13.42 5.42 -22.21
N GLY B 185 -13.32 4.39 -23.03
CA GLY B 185 -14.28 4.29 -24.15
C GLY B 185 -15.70 3.94 -23.76
N ILE B 186 -15.95 3.46 -22.53
CA ILE B 186 -17.32 3.09 -22.19
C ILE B 186 -18.23 4.31 -22.38
N HIS B 187 -17.75 5.55 -22.17
CA HIS B 187 -18.60 6.69 -22.33
C HIS B 187 -19.21 6.70 -23.73
N PHE B 188 -18.39 6.52 -24.76
CA PHE B 188 -18.92 6.63 -26.12
C PHE B 188 -19.55 5.34 -26.60
N PHE B 189 -19.09 4.17 -26.13
CA PHE B 189 -19.84 2.95 -26.51
C PHE B 189 -21.23 3.05 -25.92
N ASP B 190 -21.37 3.60 -24.71
CA ASP B 190 -22.68 3.79 -24.15
C ASP B 190 -23.50 4.86 -24.87
N LEU B 191 -22.90 5.99 -25.24
CA LEU B 191 -23.61 6.99 -26.03
C LEU B 191 -24.13 6.34 -27.31
N LEU B 192 -23.30 5.54 -27.98
CA LEU B 192 -23.72 4.96 -29.26
C LEU B 192 -24.82 3.93 -29.04
N ALA B 193 -24.76 3.13 -27.99
CA ALA B 193 -25.87 2.18 -27.71
C ALA B 193 -27.16 2.92 -27.37
N TRP B 194 -27.07 3.99 -26.59
CA TRP B 194 -28.23 4.79 -26.24
C TRP B 194 -28.88 5.39 -27.50
N LEU B 195 -28.05 5.86 -28.42
CA LEU B 195 -28.59 6.45 -29.65
C LEU B 195 -29.05 5.41 -30.68
N PHE B 196 -28.36 4.28 -30.77
CA PHE B 196 -28.45 3.48 -32.00
C PHE B 196 -28.60 2.00 -31.71
N GLY B 197 -28.73 1.65 -30.45
CA GLY B 197 -29.01 0.24 -30.11
C GLY B 197 -27.85 -0.72 -30.12
N ARG B 198 -28.17 -1.99 -30.39
CA ARG B 198 -27.28 -3.10 -30.14
C ARG B 198 -26.28 -3.26 -31.29
N ALA B 199 -25.08 -3.74 -30.97
CA ALA B 199 -24.03 -3.96 -31.91
C ALA B 199 -24.19 -5.34 -32.54
N LEU B 200 -24.44 -5.33 -33.85
CA LEU B 200 -24.53 -6.56 -34.63
C LEU B 200 -23.14 -7.06 -35.05
N HIS B 201 -22.19 -6.13 -35.22
CA HIS B 201 -20.85 -6.51 -35.65
C HIS B 201 -19.89 -5.48 -35.07
N VAL B 202 -18.72 -5.95 -34.62
CA VAL B 202 -17.66 -5.13 -34.01
C VAL B 202 -16.31 -5.49 -34.66
N GLU B 203 -15.51 -4.47 -34.95
CA GLU B 203 -14.15 -4.66 -35.47
C GLU B 203 -13.24 -3.74 -34.71
N VAL B 204 -12.01 -4.17 -34.49
CA VAL B 204 -10.95 -3.32 -33.98
C VAL B 204 -9.80 -3.27 -34.99
N HIS B 205 -9.36 -2.07 -35.33
CA HIS B 205 -8.34 -1.88 -36.40
C HIS B 205 -6.99 -1.43 -35.88
N ALA B 206 -6.97 -0.83 -34.70
CA ALA B 206 -5.71 -0.37 -34.11
C ALA B 206 -5.80 -0.56 -32.63
N ARG B 207 -4.72 -1.01 -32.00
CA ARG B 207 -4.69 -1.11 -30.56
C ARG B 207 -3.24 -0.86 -30.15
N THR B 208 -3.03 0.25 -29.44
CA THR B 208 -1.76 0.54 -28.79
C THR B 208 -2.07 1.03 -27.38
N PRO B 209 -1.05 1.30 -26.56
CA PRO B 209 -1.39 1.76 -25.22
C PRO B 209 -2.20 3.04 -25.13
N THR B 210 -2.13 3.88 -26.15
CA THR B 210 -2.76 5.18 -26.16
C THR B 210 -3.85 5.39 -27.23
N VAL B 211 -4.04 4.42 -28.11
CA VAL B 211 -5.00 4.56 -29.20
C VAL B 211 -5.72 3.23 -29.37
N ASN B 212 -7.05 3.26 -29.51
CA ASN B 212 -7.79 2.15 -30.06
C ASN B 212 -8.72 2.75 -31.13
N ALA B 213 -8.96 2.00 -32.22
CA ALA B 213 -9.87 2.46 -33.25
C ALA B 213 -10.54 1.26 -33.89
N GLY B 214 -11.73 1.48 -34.43
CA GLY B 214 -12.42 0.37 -35.04
C GLY B 214 -13.73 0.80 -35.70
N TYR B 215 -14.59 -0.19 -35.84
CA TYR B 215 -15.87 -0.01 -36.54
C TYR B 215 -16.96 -0.77 -35.81
N LEU B 216 -18.19 -0.26 -35.80
CA LEU B 216 -19.38 -0.95 -35.27
C LEU B 216 -20.49 -0.91 -36.30
N GLU B 217 -21.19 -2.02 -36.44
CA GLU B 217 -22.49 -1.99 -37.07
C GLU B 217 -23.53 -2.14 -35.97
N LEU B 218 -24.31 -1.09 -35.72
CA LEU B 218 -25.35 -1.08 -34.68
C LEU B 218 -26.70 -1.17 -35.36
N GLU B 219 -27.74 -1.48 -34.60
CA GLU B 219 -29.08 -1.54 -35.20
C GLU B 219 -29.42 -0.25 -35.95
N GLY B 220 -28.99 0.91 -35.42
CA GLY B 220 -29.37 2.21 -35.97
C GLY B 220 -28.25 2.96 -36.67
N ALA B 221 -27.05 2.41 -36.73
CA ALA B 221 -25.97 3.16 -37.33
C ALA B 221 -24.77 2.32 -37.69
N ARG B 222 -24.00 2.80 -38.65
CA ARG B 222 -22.68 2.28 -38.93
C ARG B 222 -21.70 3.31 -38.34
N VAL B 223 -20.76 2.87 -37.50
CA VAL B 223 -19.90 3.83 -36.77
C VAL B 223 -18.42 3.55 -36.96
N ARG B 224 -17.68 4.56 -37.41
CA ARG B 224 -16.21 4.47 -37.37
C ARG B 224 -15.78 5.24 -36.14
N TRP B 225 -14.95 4.63 -35.30
CA TRP B 225 -14.60 5.27 -34.04
C TRP B 225 -13.08 5.27 -33.82
N PHE B 226 -12.66 6.26 -33.05
CA PHE B 226 -11.23 6.46 -32.71
C PHE B 226 -11.20 7.01 -31.29
N LEU B 227 -10.37 6.34 -30.50
CA LEU B 227 -10.20 6.70 -29.08
C LEU B 227 -8.72 6.88 -28.77
N SER B 228 -8.39 8.00 -28.12
CA SER B 228 -7.03 8.21 -27.64
C SER B 228 -6.93 8.99 -26.35
N ILE B 229 -5.86 8.65 -25.61
CA ILE B 229 -5.41 9.44 -24.46
C ILE B 229 -4.14 10.21 -24.76
N ASP B 230 -3.78 10.26 -26.05
CA ASP B 230 -2.65 11.12 -26.50
C ASP B 230 -3.23 12.43 -27.05
N PRO B 231 -2.97 13.57 -26.38
CA PRO B 231 -3.59 14.84 -26.76
C PRO B 231 -3.08 15.42 -28.09
N SER B 232 -2.06 14.79 -28.67
CA SER B 232 -1.65 15.22 -30.01
C SER B 232 -2.72 14.96 -31.07
N PHE B 233 -3.68 14.09 -30.79
CA PHE B 233 -4.78 13.85 -31.72
C PHE B 233 -5.88 14.90 -31.64
N VAL B 234 -5.84 15.83 -30.68
CA VAL B 234 -6.74 16.97 -30.71
C VAL B 234 -6.52 17.82 -31.97
N PRO B 235 -7.59 18.18 -32.72
CA PRO B 235 -7.36 18.94 -33.96
C PRO B 235 -6.54 20.19 -33.70
N GLU B 236 -5.70 20.55 -34.66
CA GLU B 236 -4.68 21.58 -34.50
C GLU B 236 -5.19 22.95 -34.08
N PRO B 237 -6.30 23.40 -34.69
CA PRO B 237 -6.89 24.68 -34.31
C PRO B 237 -7.31 24.72 -32.84
N LEU B 238 -7.78 23.59 -32.30
CA LEU B 238 -8.12 23.50 -30.88
C LEU B 238 -6.87 23.34 -30.00
N ARG B 239 -5.89 22.59 -30.49
CA ARG B 239 -4.62 22.43 -29.78
C ARG B 239 -4.02 23.82 -29.56
N ARG B 240 -4.16 24.69 -30.56
CA ARG B 240 -3.50 26.00 -30.56
C ARG B 240 -4.01 26.76 -29.35
N GLN B 241 -5.32 26.69 -29.12
CA GLN B 241 -5.94 27.39 -28.01
C GLN B 241 -5.83 26.63 -26.71
N GLY B 242 -4.98 25.60 -26.70
CA GLY B 242 -4.67 24.92 -25.45
C GLY B 242 -5.55 23.74 -25.10
N LYS B 243 -6.47 23.32 -25.97
CA LYS B 243 -7.36 22.21 -25.60
C LYS B 243 -6.66 20.84 -25.61
N ARG B 244 -7.00 20.01 -24.62
CA ARG B 244 -6.45 18.68 -24.36
CA ARG B 244 -6.40 18.67 -24.55
C ARG B 244 -7.47 17.59 -24.63
N THR B 245 -8.69 17.99 -24.97
CA THR B 245 -9.74 17.01 -25.27
C THR B 245 -10.41 17.38 -26.58
N TYR B 246 -11.01 16.36 -27.19
CA TYR B 246 -11.83 16.53 -28.39
C TYR B 246 -12.78 15.34 -28.41
N ARG B 247 -14.07 15.62 -28.23
CA ARG B 247 -15.03 14.51 -28.11
C ARG B 247 -16.15 14.88 -29.06
N SER B 248 -16.23 14.18 -30.20
CA SER B 248 -17.03 14.64 -31.31
C SER B 248 -17.80 13.45 -31.89
N ILE B 249 -19.08 13.68 -32.17
CA ILE B 249 -19.88 12.73 -32.96
C ILE B 249 -20.41 13.47 -34.21
N ALA B 250 -20.08 12.92 -35.39
CA ALA B 250 -20.47 13.49 -36.68
C ALA B 250 -21.46 12.47 -37.28
N VAL B 251 -22.64 12.96 -37.65
CA VAL B 251 -23.71 12.09 -38.10
C VAL B 251 -24.76 12.92 -38.83
N ASP B 252 -25.36 12.29 -39.84
CA ASP B 252 -26.57 12.86 -40.45
C ASP B 252 -26.31 14.29 -40.90
N GLY B 253 -25.08 14.58 -41.31
CA GLY B 253 -24.69 15.89 -41.86
C GLY B 253 -24.34 16.97 -40.86
N GLU B 254 -24.39 16.64 -39.57
CA GLU B 254 -23.96 17.55 -38.51
C GLU B 254 -22.82 16.99 -37.65
N GLU B 255 -22.23 17.82 -36.80
CA GLU B 255 -21.18 17.37 -35.88
C GLU B 255 -21.46 18.04 -34.55
N VAL B 256 -21.38 17.26 -33.49
CA VAL B 256 -21.55 17.81 -32.14
C VAL B 256 -20.29 17.50 -31.37
N GLU B 257 -19.60 18.54 -30.89
CA GLU B 257 -18.46 18.36 -30.00
C GLU B 257 -19.02 18.57 -28.58
N PHE B 258 -18.83 17.59 -27.70
CA PHE B 258 -19.56 17.55 -26.43
C PHE B 258 -18.67 17.63 -25.21
N SER B 259 -17.54 18.33 -25.33
CA SER B 259 -16.66 18.48 -24.18
C SER B 259 -17.16 19.51 -23.18
N GLU B 260 -17.91 20.52 -23.64
CA GLU B 260 -18.24 21.59 -22.72
C GLU B 260 -19.21 21.05 -21.69
N GLY B 261 -18.85 21.18 -20.42
CA GLY B 261 -19.74 20.73 -19.38
C GLY B 261 -19.62 19.25 -19.07
N PHE B 262 -18.71 18.55 -19.76
CA PHE B 262 -18.45 17.11 -19.51
C PHE B 262 -18.15 16.83 -18.03
N THR B 263 -17.47 17.75 -17.36
CA THR B 263 -17.09 17.59 -15.97
C THR B 263 -18.05 18.23 -14.99
N ASP B 264 -19.19 18.73 -15.47
CA ASP B 264 -20.11 19.49 -14.65
C ASP B 264 -21.50 18.91 -14.67
N LEU B 265 -21.61 17.59 -14.82
CA LEU B 265 -22.94 16.96 -14.97
C LEU B 265 -23.22 15.88 -13.91
N HIS B 266 -22.30 15.70 -12.97
CA HIS B 266 -22.51 14.67 -11.95
C HIS B 266 -23.70 15.01 -11.04
N THR B 267 -23.90 16.28 -10.69
CA THR B 267 -25.09 16.62 -9.88
C THR B 267 -26.40 16.28 -10.60
N GLU B 268 -26.43 16.56 -11.90
CA GLU B 268 -27.60 16.19 -12.66
C GLU B 268 -27.82 14.69 -12.70
N VAL B 269 -26.75 13.89 -12.82
CA VAL B 269 -26.91 12.44 -12.74
C VAL B 269 -27.48 11.98 -11.40
N TYR B 270 -26.99 12.56 -10.32
CA TYR B 270 -27.53 12.28 -9.00
C TYR B 270 -29.00 12.67 -8.94
N ARG B 271 -29.34 13.87 -9.42
CA ARG B 271 -30.75 14.32 -9.38
C ARG B 271 -31.64 13.37 -10.14
N LYS B 272 -31.23 12.99 -11.36
CA LYS B 272 -32.02 12.02 -12.15
C LYS B 272 -32.16 10.69 -11.41
N THR B 273 -31.08 10.18 -10.82
CA THR B 273 -31.12 8.95 -10.07
C THR B 273 -32.08 8.97 -8.89
N LEU B 274 -32.00 10.02 -8.07
CA LEU B 274 -32.88 10.11 -6.89
C LEU B 274 -34.36 10.32 -7.32
N ALA B 275 -34.59 10.88 -8.50
CA ALA B 275 -35.95 11.03 -9.07
C ALA B 275 -36.51 9.75 -9.69
N GLY B 276 -35.78 8.64 -9.65
CA GLY B 276 -36.19 7.38 -10.23
C GLY B 276 -35.97 7.29 -11.73
N GLU B 277 -35.13 8.19 -12.27
CA GLU B 277 -34.87 8.19 -13.70
C GLU B 277 -33.41 7.85 -13.99
N GLY B 278 -32.80 7.08 -13.11
CA GLY B 278 -31.42 6.68 -13.26
C GLY B 278 -31.12 5.66 -14.34
N PHE B 279 -29.83 5.45 -14.56
CA PHE B 279 -29.39 4.56 -15.60
C PHE B 279 -29.03 3.22 -14.94
N GLY B 280 -29.90 2.24 -15.11
CA GLY B 280 -29.75 0.97 -14.43
C GLY B 280 -29.05 -0.10 -15.22
N LEU B 281 -29.14 -1.34 -14.77
CA LEU B 281 -28.48 -2.49 -15.35
C LEU B 281 -28.88 -2.66 -16.84
N ASP B 282 -30.17 -2.53 -17.08
CA ASP B 282 -30.69 -2.71 -18.45
C ASP B 282 -30.12 -1.66 -19.40
N GLU B 283 -29.93 -0.45 -18.90
CA GLU B 283 -29.41 0.67 -19.68
C GLU B 283 -27.92 0.51 -19.92
N ALA B 284 -27.18 0.07 -18.89
CA ALA B 284 -25.73 -0.02 -18.99
C ALA B 284 -25.20 -1.21 -19.73
N ALA B 285 -26.03 -2.27 -19.85
CA ALA B 285 -25.50 -3.55 -20.25
C ALA B 285 -24.88 -3.60 -21.65
N GLU B 286 -25.52 -2.93 -22.63
CA GLU B 286 -25.01 -3.10 -24.00
C GLU B 286 -23.58 -2.59 -24.23
N ALA B 287 -23.30 -1.42 -23.64
CA ALA B 287 -21.93 -0.93 -23.81
C ALA B 287 -20.87 -1.77 -23.12
N ILE B 288 -21.25 -2.36 -21.97
CA ILE B 288 -20.36 -3.25 -21.27
C ILE B 288 -20.11 -4.51 -22.09
N ARG B 289 -21.18 -4.97 -22.77
CA ARG B 289 -20.97 -6.13 -23.64
C ARG B 289 -19.99 -5.85 -24.77
N VAL B 290 -20.15 -4.69 -25.42
CA VAL B 290 -19.23 -4.29 -26.48
C VAL B 290 -17.79 -4.11 -26.01
N ALA B 291 -17.64 -3.37 -24.91
CA ALA B 291 -16.32 -3.17 -24.34
C ALA B 291 -15.63 -4.49 -23.96
N ALA B 292 -16.40 -5.40 -23.38
CA ALA B 292 -15.81 -6.68 -22.99
C ALA B 292 -15.36 -7.51 -24.21
N LEU B 293 -16.16 -7.48 -25.28
CA LEU B 293 -15.82 -8.20 -26.53
C LEU B 293 -14.50 -7.64 -27.06
N LEU B 294 -14.34 -6.33 -27.00
CA LEU B 294 -13.11 -5.74 -27.48
C LEU B 294 -11.82 -6.13 -26.74
N ARG B 295 -11.88 -6.60 -25.50
CA ARG B 295 -10.64 -7.00 -24.81
C ARG B 295 -9.89 -8.13 -25.48
N THR B 296 -10.65 -8.96 -26.20
CA THR B 296 -10.08 -10.17 -26.78
C THR B 296 -10.29 -10.28 -28.29
N LEU B 297 -10.96 -9.30 -28.88
CA LEU B 297 -11.18 -9.38 -30.33
C LEU B 297 -9.87 -9.17 -31.10
N PRO B 298 -9.53 -10.07 -32.04
CA PRO B 298 -8.33 -9.88 -32.84
C PRO B 298 -8.47 -8.65 -33.73
N LEU B 299 -7.36 -7.99 -33.96
CA LEU B 299 -7.25 -6.93 -34.96
C LEU B 299 -7.66 -7.42 -36.34
N SER B 300 -8.34 -6.57 -37.10
CA SER B 300 -8.58 -6.85 -38.51
C SER B 300 -8.19 -5.64 -39.34
N GLN B 301 -8.05 -5.86 -40.65
CA GLN B 301 -7.70 -4.80 -41.58
C GLN B 301 -9.01 -4.18 -42.07
N PRO B 302 -9.18 -2.87 -41.86
CA PRO B 302 -10.44 -2.26 -42.28
C PRO B 302 -10.58 -2.10 -43.79
N SER B 303 -11.79 -2.27 -44.27
CA SER B 303 -12.11 -1.80 -45.61
C SER B 303 -12.06 -0.29 -45.60
N PRO B 304 -11.87 0.31 -46.78
CA PRO B 304 -11.80 1.75 -46.74
C PRO B 304 -13.06 2.42 -46.16
N GLU B 305 -14.23 1.84 -46.41
CA GLU B 305 -15.51 2.42 -45.95
C GLU B 305 -15.59 2.37 -44.43
N ASN B 306 -14.82 1.48 -43.81
CA ASN B 306 -14.93 1.24 -42.36
C ASN B 306 -13.79 1.83 -41.53
N ARG B 307 -12.85 2.52 -42.17
CA ARG B 307 -11.64 3.03 -41.51
C ARG B 307 -11.89 4.44 -40.98
N HIS B 308 -11.75 4.68 -39.67
CA HIS B 308 -11.82 6.04 -39.18
C HIS B 308 -10.78 6.95 -39.88
N PRO B 309 -11.14 8.21 -40.20
CA PRO B 309 -10.20 9.11 -40.89
C PRO B 309 -8.87 9.35 -40.19
N PHE B 310 -8.79 9.21 -38.87
CA PHE B 310 -7.51 9.46 -38.20
C PHE B 310 -6.51 8.34 -38.42
N LEU B 311 -6.95 7.23 -39.02
CA LEU B 311 -6.05 6.17 -39.43
C LEU B 311 -5.64 6.28 -40.90
N GLY B 312 -6.24 7.22 -41.63
CA GLY B 312 -6.28 7.18 -43.09
C GLY B 312 -4.97 6.80 -43.72
N MET C 3 -14.47 -33.78 3.96
CA MET C 3 -13.25 -32.94 3.82
C MET C 3 -13.56 -31.47 4.14
N THR C 4 -13.05 -31.02 5.27
CA THR C 4 -13.42 -29.71 5.79
C THR C 4 -12.89 -28.64 4.84
N ARG C 5 -13.78 -27.77 4.40
CA ARG C 5 -13.38 -26.71 3.46
C ARG C 5 -13.07 -25.39 4.17
N PHE C 6 -11.86 -24.91 3.92
CA PHE C 6 -11.39 -23.66 4.58
C PHE C 6 -11.18 -22.56 3.54
N ALA C 7 -11.41 -21.34 3.99
CA ALA C 7 -10.78 -20.18 3.39
C ALA C 7 -9.85 -19.52 4.41
N LEU C 8 -8.88 -18.72 3.97
CA LEU C 8 -7.89 -18.18 4.91
C LEU C 8 -7.61 -16.73 4.62
N THR C 9 -7.52 -15.92 5.67
CA THR C 9 -7.09 -14.53 5.51
C THR C 9 -5.71 -14.34 6.13
N GLY C 10 -4.93 -13.52 5.42
CA GLY C 10 -3.57 -13.19 5.89
C GLY C 10 -2.48 -14.11 5.31
N LEU C 11 -2.74 -14.68 4.14
CA LEU C 11 -1.80 -15.71 3.61
C LEU C 11 -0.33 -15.30 3.47
N ALA C 12 -0.03 -14.01 3.26
CA ALA C 12 1.35 -13.57 2.97
C ALA C 12 2.18 -13.35 4.23
N GLY C 13 1.62 -13.56 5.41
CA GLY C 13 2.28 -13.13 6.63
C GLY C 13 3.03 -14.24 7.31
N TYR C 14 3.53 -13.89 8.48
CA TYR C 14 4.41 -14.78 9.23
C TYR C 14 3.76 -16.07 9.68
N ILE C 15 2.52 -15.99 10.23
CA ILE C 15 1.91 -17.16 10.85
C ILE C 15 1.15 -18.09 9.89
N ALA C 16 0.76 -17.53 8.74
CA ALA C 16 -0.05 -18.29 7.78
C ALA C 16 0.50 -19.69 7.42
N PRO C 17 1.84 -19.84 7.24
CA PRO C 17 2.32 -21.19 6.91
C PRO C 17 1.94 -22.27 7.93
N ARG C 18 1.80 -21.87 9.19
CA ARG C 18 1.33 -22.80 10.19
C ARG C 18 -0.11 -23.20 10.05
N HIS C 19 -0.92 -22.24 9.55
CA HIS C 19 -2.31 -22.56 9.24
C HIS C 19 -2.44 -23.45 8.02
N LEU C 20 -1.63 -23.20 7.00
CA LEU C 20 -1.60 -24.08 5.82
C LEU C 20 -1.22 -25.52 6.24
N LYS C 21 -0.19 -25.63 7.06
CA LYS C 21 0.23 -26.94 7.57
C LYS C 21 -0.88 -27.61 8.38
N ALA C 22 -1.52 -26.82 9.25
CA ALA C 22 -2.65 -27.34 10.00
C ALA C 22 -3.81 -27.86 9.15
N ILE C 23 -4.26 -27.08 8.18
CA ILE C 23 -5.37 -27.49 7.34
C ILE C 23 -5.00 -28.81 6.62
N LYS C 24 -3.78 -28.90 6.12
CA LYS C 24 -3.29 -30.08 5.39
C LYS C 24 -3.35 -31.26 6.37
N GLU C 25 -2.78 -31.06 7.56
CA GLU C 25 -2.68 -32.17 8.54
C GLU C 25 -3.99 -32.67 9.13
N VAL C 26 -5.03 -31.82 9.17
CA VAL C 26 -6.35 -32.30 9.57
C VAL C 26 -7.22 -32.76 8.40
N GLY C 27 -6.63 -32.82 7.22
CA GLY C 27 -7.31 -33.40 6.06
C GLY C 27 -8.30 -32.43 5.45
N GLY C 28 -8.08 -31.14 5.70
CA GLY C 28 -8.93 -30.12 5.08
C GLY C 28 -8.47 -29.73 3.69
N VAL C 29 -9.23 -28.85 3.05
CA VAL C 29 -8.77 -28.29 1.80
C VAL C 29 -8.94 -26.78 1.86
N LEU C 30 -7.93 -26.07 1.39
CA LEU C 30 -8.01 -24.60 1.28
C LEU C 30 -8.66 -24.27 -0.06
N VAL C 31 -9.85 -23.70 -0.01
CA VAL C 31 -10.58 -23.32 -1.20
C VAL C 31 -10.13 -21.95 -1.76
N ALA C 32 -9.85 -20.99 -0.88
CA ALA C 32 -9.54 -19.62 -1.29
C ALA C 32 -8.80 -18.91 -0.18
N SER C 33 -8.04 -17.86 -0.56
CA SER C 33 -7.29 -17.07 0.44
C SER C 33 -7.40 -15.60 0.04
N LEU C 34 -7.24 -14.75 1.06
CA LEU C 34 -7.22 -13.29 0.90
C LEU C 34 -5.95 -12.76 1.54
N ASP C 35 -5.29 -11.86 0.80
CA ASP C 35 -4.27 -10.99 1.38
C ASP C 35 -4.09 -9.85 0.38
N PRO C 36 -4.09 -8.58 0.82
CA PRO C 36 -3.73 -7.47 -0.07
C PRO C 36 -2.29 -7.58 -0.58
N ALA C 37 -1.41 -8.29 0.12
CA ALA C 37 -0.06 -8.58 -0.37
C ALA C 37 0.08 -9.94 -1.05
N THR C 38 1.05 -10.05 -1.96
CA THR C 38 1.13 -11.23 -2.82
C THR C 38 2.39 -12.08 -2.64
N ASN C 39 3.13 -11.91 -1.55
CA ASN C 39 4.18 -12.86 -1.13
C ASN C 39 3.72 -14.22 -0.57
N VAL C 40 3.10 -15.05 -1.42
CA VAL C 40 2.28 -16.19 -0.99
C VAL C 40 2.55 -17.51 -1.73
N GLY C 41 3.60 -17.56 -2.54
CA GLY C 41 3.91 -18.74 -3.38
C GLY C 41 3.97 -20.08 -2.66
N LEU C 42 4.34 -20.05 -1.38
CA LEU C 42 4.27 -21.21 -0.52
C LEU C 42 2.97 -22.01 -0.66
N VAL C 43 1.87 -21.32 -0.90
CA VAL C 43 0.56 -21.96 -0.91
C VAL C 43 0.53 -23.09 -1.95
N ASP C 44 1.33 -22.95 -3.00
CA ASP C 44 1.29 -23.90 -4.13
C ASP C 44 1.82 -25.26 -3.71
N SER C 45 2.65 -25.28 -2.67
CA SER C 45 3.16 -26.56 -2.16
C SER C 45 2.17 -27.27 -1.24
N PHE C 46 1.10 -26.56 -0.87
CA PHE C 46 0.02 -27.14 -0.08
C PHE C 46 -1.27 -27.37 -0.86
N PHE C 47 -1.77 -26.30 -1.47
CA PHE C 47 -3.07 -26.31 -2.14
C PHE C 47 -2.97 -25.59 -3.47
N PRO C 48 -2.53 -26.34 -4.49
CA PRO C 48 -2.13 -25.72 -5.75
C PRO C 48 -3.29 -25.09 -6.51
N GLU C 49 -4.52 -25.43 -6.15
CA GLU C 49 -5.66 -24.97 -6.93
C GLU C 49 -6.44 -23.91 -6.16
N ALA C 50 -5.95 -23.48 -4.99
CA ALA C 50 -6.74 -22.51 -4.21
C ALA C 50 -6.91 -21.19 -4.95
N GLU C 51 -8.11 -20.63 -4.84
CA GLU C 51 -8.33 -19.27 -5.35
C GLU C 51 -7.58 -18.25 -4.49
N PHE C 52 -7.29 -17.09 -5.07
CA PHE C 52 -6.59 -16.02 -4.35
C PHE C 52 -7.15 -14.64 -4.69
N PHE C 53 -7.29 -13.81 -3.65
CA PHE C 53 -7.87 -12.48 -3.80
C PHE C 53 -7.01 -11.49 -3.04
N THR C 54 -6.82 -10.33 -3.64
CA THR C 54 -6.22 -9.21 -2.92
C THR C 54 -7.31 -8.31 -2.34
N GLU C 55 -8.54 -8.36 -2.86
CA GLU C 55 -9.57 -7.42 -2.48
C GLU C 55 -10.57 -8.14 -1.57
N PRO C 56 -10.77 -7.64 -0.35
CA PRO C 56 -11.70 -8.34 0.54
C PRO C 56 -13.09 -8.44 -0.06
N GLU C 57 -13.55 -7.41 -0.79
CA GLU C 57 -14.94 -7.43 -1.30
C GLU C 57 -15.07 -8.52 -2.37
N ALA C 58 -14.03 -8.73 -3.17
CA ALA C 58 -14.06 -9.81 -4.18
C ALA C 58 -13.97 -11.20 -3.53
N PHE C 59 -13.17 -11.34 -2.46
CA PHE C 59 -13.12 -12.61 -1.71
C PHE C 59 -14.53 -12.89 -1.17
N GLU C 60 -15.18 -11.87 -0.61
CA GLU C 60 -16.45 -12.12 0.05
C GLU C 60 -17.48 -12.48 -1.03
N ALA C 61 -17.50 -11.77 -2.17
CA ALA C 61 -18.44 -12.13 -3.23
C ALA C 61 -18.25 -13.55 -3.77
N TYR C 62 -17.01 -14.00 -3.85
CA TYR C 62 -16.69 -15.35 -4.31
C TYR C 62 -17.25 -16.35 -3.29
N LEU C 63 -16.98 -16.13 -2.01
CA LEU C 63 -17.47 -17.05 -0.98
C LEU C 63 -19.00 -17.02 -0.89
N GLU C 64 -19.60 -15.87 -1.12
CA GLU C 64 -21.07 -15.75 -1.16
C GLU C 64 -21.63 -16.57 -2.31
N ASP C 65 -21.02 -16.46 -3.50
CA ASP C 65 -21.42 -17.31 -4.63
C ASP C 65 -21.37 -18.80 -4.28
N LEU C 66 -20.29 -19.25 -3.68
CA LEU C 66 -20.15 -20.67 -3.26
C LEU C 66 -21.30 -21.02 -2.35
N ARG C 67 -21.55 -20.20 -1.33
CA ARG C 67 -22.64 -20.48 -0.36
C ARG C 67 -23.97 -20.62 -1.11
N ASP C 68 -24.24 -19.70 -2.03
CA ASP C 68 -25.55 -19.67 -2.70
C ASP C 68 -25.79 -20.91 -3.55
N ARG C 69 -24.74 -21.48 -4.09
CA ARG C 69 -24.90 -22.71 -4.88
C ARG C 69 -24.49 -23.96 -4.10
N GLY C 70 -24.60 -23.86 -2.77
CA GLY C 70 -24.47 -25.05 -1.93
C GLY C 70 -23.09 -25.65 -1.79
N GLU C 71 -22.05 -24.81 -1.91
CA GLU C 71 -20.66 -25.23 -1.97
C GLU C 71 -19.79 -24.33 -1.05
N GLY C 72 -20.45 -23.75 -0.04
CA GLY C 72 -19.79 -22.84 0.90
C GLY C 72 -18.63 -23.44 1.67
N VAL C 73 -17.67 -22.62 2.09
CA VAL C 73 -16.67 -23.09 3.03
C VAL C 73 -17.29 -23.36 4.42
N ASP C 74 -16.64 -24.29 5.12
CA ASP C 74 -17.02 -24.68 6.47
C ASP C 74 -16.41 -23.76 7.52
N TYR C 75 -15.20 -23.27 7.23
CA TYR C 75 -14.44 -22.45 8.19
C TYR C 75 -13.76 -21.29 7.43
N LEU C 76 -13.70 -20.14 8.09
CA LEU C 76 -12.75 -19.09 7.72
C LEU C 76 -11.66 -19.04 8.77
N SER C 77 -10.44 -19.35 8.36
CA SER C 77 -9.28 -19.18 9.24
C SER C 77 -8.75 -17.76 9.09
N ILE C 78 -8.45 -17.08 10.21
CA ILE C 78 -8.19 -15.67 10.15
C ILE C 78 -6.81 -15.39 10.73
N ALA C 79 -5.91 -14.95 9.86
CA ALA C 79 -4.57 -14.61 10.32
C ALA C 79 -4.18 -13.21 9.87
N SER C 80 -5.15 -12.33 9.79
CA SER C 80 -4.91 -10.93 9.50
C SER C 80 -4.54 -10.12 10.75
N PRO C 81 -4.25 -8.80 10.60
CA PRO C 81 -3.93 -7.97 11.78
C PRO C 81 -5.12 -7.95 12.73
N ASN C 82 -4.83 -7.65 14.00
CA ASN C 82 -5.80 -7.96 15.07
C ASN C 82 -7.10 -7.19 14.91
N HIS C 83 -7.08 -5.91 14.49
CA HIS C 83 -8.30 -5.14 14.36
C HIS C 83 -9.24 -5.70 13.29
N LEU C 84 -8.70 -6.50 12.38
CA LEU C 84 -9.49 -7.11 11.31
C LEU C 84 -10.19 -8.37 11.78
N HIS C 85 -9.83 -8.91 12.94
CA HIS C 85 -10.42 -10.21 13.33
C HIS C 85 -11.91 -10.07 13.49
N TYR C 86 -12.37 -9.08 14.27
CA TYR C 86 -13.82 -8.92 14.44
C TYR C 86 -14.59 -8.84 13.12
N PRO C 87 -14.27 -7.89 12.22
CA PRO C 87 -15.11 -7.83 11.03
C PRO C 87 -14.89 -8.99 10.08
N GLN C 88 -13.76 -9.70 10.11
CA GLN C 88 -13.66 -10.93 9.31
C GLN C 88 -14.42 -12.11 9.92
N ILE C 89 -14.51 -12.16 11.24
CA ILE C 89 -15.40 -13.18 11.87
C ILE C 89 -16.85 -12.86 11.52
N ARG C 90 -17.20 -11.56 11.47
CA ARG C 90 -18.59 -11.23 11.06
C ARG C 90 -18.82 -11.72 9.64
N MET C 91 -17.84 -11.51 8.75
CA MET C 91 -17.97 -12.04 7.39
C MET C 91 -18.17 -13.57 7.36
N ALA C 92 -17.36 -14.32 8.09
CA ALA C 92 -17.54 -15.75 8.17
C ALA C 92 -18.93 -16.17 8.57
N LEU C 93 -19.42 -15.57 9.66
CA LEU C 93 -20.74 -15.93 10.16
C LEU C 93 -21.81 -15.61 9.13
N ARG C 94 -21.76 -14.43 8.50
CA ARG C 94 -22.84 -14.20 7.53
C ARG C 94 -22.75 -15.06 6.26
N LEU C 95 -21.58 -15.64 6.03
CA LEU C 95 -21.36 -16.62 4.94
C LEU C 95 -21.77 -18.04 5.35
N GLY C 96 -22.33 -18.19 6.55
CA GLY C 96 -22.57 -19.53 7.13
C GLY C 96 -21.42 -20.46 7.42
N ALA C 97 -20.26 -19.88 7.74
CA ALA C 97 -19.06 -20.62 8.09
C ALA C 97 -18.79 -20.38 9.56
N ASN C 98 -18.12 -21.36 10.16
CA ASN C 98 -17.47 -21.13 11.46
C ASN C 98 -16.24 -20.27 11.23
N ALA C 99 -15.70 -19.68 12.29
CA ALA C 99 -14.44 -18.94 12.18
C ALA C 99 -13.43 -19.54 13.11
N LEU C 100 -12.16 -19.55 12.70
CA LEU C 100 -11.07 -19.93 13.59
C LEU C 100 -10.08 -18.79 13.45
N SER C 101 -10.08 -17.89 14.44
CA SER C 101 -9.25 -16.68 14.40
C SER C 101 -8.00 -16.80 15.22
N GLU C 102 -6.92 -16.22 14.69
CA GLU C 102 -5.72 -16.05 15.53
C GLU C 102 -6.07 -15.23 16.77
N LYS C 103 -5.23 -15.39 17.81
CA LYS C 103 -5.34 -14.50 18.94
C LYS C 103 -4.87 -13.10 18.59
N PRO C 104 -5.29 -12.08 19.35
CA PRO C 104 -6.44 -12.13 20.24
C PRO C 104 -7.69 -12.34 19.38
N LEU C 105 -8.68 -13.05 19.91
CA LEU C 105 -9.88 -13.34 19.12
C LEU C 105 -10.46 -12.04 18.53
N VAL C 106 -10.66 -11.05 19.38
CA VAL C 106 -11.00 -9.71 18.95
C VAL C 106 -10.33 -8.72 19.89
N LEU C 107 -10.46 -7.42 19.63
CA LEU C 107 -9.81 -6.44 20.47
C LEU C 107 -10.61 -5.99 21.71
N TRP C 108 -11.96 -6.04 21.63
CA TRP C 108 -12.78 -5.35 22.62
C TRP C 108 -13.89 -6.26 23.14
N PRO C 109 -14.18 -6.11 24.44
CA PRO C 109 -15.36 -6.83 24.99
C PRO C 109 -16.68 -6.59 24.23
N GLU C 110 -16.89 -5.37 23.73
CA GLU C 110 -18.13 -5.11 23.00
C GLU C 110 -18.18 -5.98 21.73
N GLU C 111 -17.01 -6.25 21.13
CA GLU C 111 -17.00 -7.13 19.94
C GLU C 111 -17.33 -8.58 20.31
N ILE C 112 -16.82 -9.09 21.46
CA ILE C 112 -17.25 -10.39 21.95
C ILE C 112 -18.78 -10.47 22.10
N ALA C 113 -19.31 -9.42 22.72
CA ALA C 113 -20.78 -9.43 22.93
C ALA C 113 -21.59 -9.49 21.63
N ARG C 114 -21.13 -8.75 20.64
CA ARG C 114 -21.81 -8.77 19.34
C ARG C 114 -21.71 -10.12 18.66
N LEU C 115 -20.55 -10.74 18.77
CA LEU C 115 -20.32 -12.04 18.13
C LEU C 115 -21.18 -13.11 18.80
N LYS C 116 -21.41 -12.99 20.11
CA LYS C 116 -22.29 -13.98 20.73
C LYS C 116 -23.72 -13.93 20.17
N GLU C 117 -24.18 -12.72 19.92
CA GLU C 117 -25.50 -12.52 19.30
C GLU C 117 -25.52 -13.10 17.88
N LEU C 118 -24.46 -12.86 17.11
CA LEU C 118 -24.43 -13.37 15.73
C LEU C 118 -24.30 -14.89 15.64
N GLU C 119 -23.58 -15.51 16.58
CA GLU C 119 -23.55 -16.97 16.65
C GLU C 119 -24.98 -17.53 16.75
N ALA C 120 -25.75 -16.93 17.64
CA ALA C 120 -27.09 -17.46 17.95
C ALA C 120 -27.98 -17.34 16.72
N ARG C 121 -27.81 -16.24 15.99
CA ARG C 121 -28.58 -16.00 14.76
C ARG C 121 -28.29 -17.04 13.68
N THR C 122 -27.02 -17.37 13.49
CA THR C 122 -26.59 -18.14 12.33
C THR C 122 -26.39 -19.62 12.62
N GLY C 123 -26.34 -20.01 13.89
CA GLY C 123 -25.95 -21.39 14.20
C GLY C 123 -24.52 -21.79 13.85
N ARG C 124 -23.65 -20.79 13.70
CA ARG C 124 -22.22 -21.04 13.45
C ARG C 124 -21.45 -20.58 14.68
N ARG C 125 -20.20 -21.03 14.76
CA ARG C 125 -19.40 -20.78 15.95
C ARG C 125 -18.08 -20.08 15.62
N VAL C 126 -17.66 -19.28 16.60
CA VAL C 126 -16.38 -18.56 16.58
C VAL C 126 -15.38 -19.27 17.52
N TYR C 127 -14.21 -19.62 17.01
CA TYR C 127 -13.13 -20.23 17.81
C TYR C 127 -11.85 -19.43 17.62
N THR C 128 -10.88 -19.70 18.50
CA THR C 128 -9.63 -18.95 18.43
C THR C 128 -8.43 -19.83 18.71
N VAL C 129 -7.27 -19.37 18.24
CA VAL C 129 -5.97 -20.02 18.49
C VAL C 129 -5.39 -19.51 19.82
N LEU C 130 -5.44 -20.37 20.81
CA LEU C 130 -4.74 -20.11 22.09
C LEU C 130 -3.91 -21.37 22.35
N GLN C 131 -2.74 -21.44 21.71
CA GLN C 131 -1.97 -22.69 21.78
C GLN C 131 -1.43 -23.01 23.18
N LEU C 132 -1.32 -22.02 24.07
CA LEU C 132 -0.87 -22.39 25.41
C LEU C 132 -1.84 -23.36 26.09
N ARG C 133 -3.13 -23.32 25.72
CA ARG C 133 -4.11 -24.20 26.34
C ARG C 133 -3.97 -25.66 25.87
N VAL C 134 -3.15 -25.87 24.84
CA VAL C 134 -2.78 -27.23 24.45
C VAL C 134 -1.33 -27.57 24.72
N HIS C 135 -0.60 -26.69 25.41
CA HIS C 135 0.81 -26.94 25.65
C HIS C 135 0.94 -27.99 26.76
N PRO C 136 1.59 -29.16 26.49
CA PRO C 136 1.58 -30.22 27.49
C PRO C 136 2.10 -29.81 28.87
N SER C 137 3.09 -28.93 28.93
CA SER C 137 3.63 -28.55 30.23
C SER C 137 2.63 -27.73 31.03
N LEU C 138 1.81 -26.92 30.35
CA LEU C 138 0.81 -26.10 30.99
C LEU C 138 -0.42 -26.92 31.35
N LEU C 139 -0.76 -27.88 30.51
CA LEU C 139 -1.87 -28.76 30.88
C LEU C 139 -1.50 -29.57 32.16
N ALA C 140 -0.25 -30.00 32.22
CA ALA C 140 0.23 -30.76 33.36
C ALA C 140 0.26 -29.87 34.59
N LEU C 141 0.71 -28.63 34.44
CA LEU C 141 0.67 -27.68 35.56
C LEU C 141 -0.76 -27.45 36.04
N LYS C 142 -1.70 -27.26 35.11
CA LYS C 142 -3.08 -27.02 35.49
C LYS C 142 -3.65 -28.14 36.38
N GLU C 143 -3.31 -29.36 36.01
CA GLU C 143 -3.69 -30.53 36.81
C GLU C 143 -3.07 -30.50 38.19
N ARG C 144 -1.77 -30.25 38.25
CA ARG C 144 -1.11 -30.18 39.55
C ARG C 144 -1.72 -29.13 40.46
N LEU C 145 -2.00 -27.94 39.90
CA LEU C 145 -2.58 -26.85 40.67
C LEU C 145 -3.97 -27.20 41.18
N GLY C 146 -4.70 -27.98 40.40
CA GLY C 146 -6.12 -28.21 40.68
C GLY C 146 -6.29 -28.86 42.05
N GLN C 147 -5.30 -29.64 42.45
CA GLN C 147 -5.44 -30.52 43.61
C GLN C 147 -5.42 -29.77 44.94
N GLU C 148 -5.35 -28.45 44.89
CA GLU C 148 -5.03 -27.65 46.09
C GLU C 148 -6.25 -26.94 46.66
N LYS C 149 -6.25 -25.60 46.54
CA LYS C 149 -7.29 -24.79 47.16
C LYS C 149 -6.61 -23.61 47.87
N GLY C 150 -7.25 -22.44 47.81
CA GLY C 150 -6.63 -21.20 48.30
C GLY C 150 -5.86 -20.45 47.23
N ALA C 151 -5.74 -19.14 47.42
CA ALA C 151 -5.16 -18.27 46.39
C ALA C 151 -3.68 -18.57 46.17
N LYS C 152 -3.30 -18.65 44.91
CA LYS C 152 -1.92 -18.94 44.54
C LYS C 152 -1.18 -17.61 44.43
N ASP C 153 0.15 -17.68 44.41
CA ASP C 153 0.99 -16.50 44.29
C ASP C 153 1.94 -16.66 43.11
N VAL C 154 1.80 -15.81 42.08
CA VAL C 154 2.37 -16.13 40.77
C VAL C 154 3.30 -15.01 40.32
N VAL C 155 4.42 -15.40 39.69
CA VAL C 155 5.27 -14.46 38.97
C VAL C 155 5.37 -14.92 37.54
N LEU C 156 4.85 -14.09 36.64
CA LEU C 156 4.75 -14.44 35.22
C LEU C 156 5.78 -13.56 34.53
N THR C 157 6.68 -14.17 33.75
CA THR C 157 7.70 -13.41 33.02
C THR C 157 7.65 -13.90 31.59
N TYR C 158 7.52 -12.96 30.64
CA TYR C 158 7.23 -13.35 29.28
C TYR C 158 8.06 -12.44 28.37
N VAL C 159 9.18 -12.98 27.88
CA VAL C 159 10.10 -12.19 27.07
C VAL C 159 10.23 -12.91 25.72
N THR C 160 9.99 -12.19 24.62
CA THR C 160 10.06 -12.84 23.31
C THR C 160 10.69 -11.83 22.36
N GLY C 161 11.95 -12.05 21.99
CA GLY C 161 12.73 -11.00 21.31
C GLY C 161 12.11 -10.62 19.95
N ARG C 162 12.13 -9.33 19.64
CA ARG C 162 11.72 -8.84 18.32
C ARG C 162 12.75 -7.83 17.79
N GLY C 163 13.16 -8.04 16.54
CA GLY C 163 14.05 -7.07 15.90
C GLY C 163 13.38 -5.79 15.47
N LYS C 164 14.18 -4.95 14.82
CA LYS C 164 13.75 -3.58 14.51
C LYS C 164 12.57 -3.52 13.52
N TRP C 165 12.32 -4.59 12.75
CA TRP C 165 11.15 -4.57 11.86
C TRP C 165 9.84 -4.43 12.62
N TYR C 166 9.80 -4.96 13.84
CA TYR C 166 8.53 -5.00 14.57
C TYR C 166 8.02 -3.58 14.79
N GLY C 167 8.91 -2.66 15.15
CA GLY C 167 8.48 -1.29 15.40
C GLY C 167 8.12 -0.48 14.18
N LYS C 168 8.27 -1.05 12.99
CA LYS C 168 7.76 -0.38 11.81
C LYS C 168 6.58 -1.08 11.19
N SER C 169 6.01 -2.01 11.95
CA SER C 169 4.89 -2.80 11.47
C SER C 169 3.58 -2.39 12.15
N TRP C 170 2.48 -2.95 11.69
CA TRP C 170 1.16 -2.73 12.30
C TRP C 170 1.11 -3.16 13.77
N LYS C 171 2.05 -4.01 14.13
CA LYS C 171 2.01 -4.57 15.48
C LYS C 171 2.21 -3.53 16.57
N VAL C 172 2.85 -2.40 16.26
CA VAL C 172 2.98 -1.32 17.24
C VAL C 172 1.96 -0.20 17.07
N ASP C 173 1.03 -0.36 16.14
CA ASP C 173 -0.03 0.63 15.99
C ASP C 173 -1.16 0.13 16.85
N GLU C 174 -1.41 0.81 17.97
CA GLU C 174 -2.36 0.32 18.95
C GLU C 174 -3.77 0.13 18.41
N ALA C 175 -4.18 0.93 17.45
CA ALA C 175 -5.49 0.76 16.86
C ALA C 175 -5.56 -0.54 16.09
N LYS C 176 -4.47 -0.99 15.52
CA LYS C 176 -4.45 -2.23 14.74
C LYS C 176 -4.12 -3.46 15.62
N SER C 177 -3.25 -3.28 16.62
CA SER C 177 -2.73 -4.46 17.34
C SER C 177 -3.31 -4.59 18.77
N GLY C 178 -3.82 -3.51 19.32
CA GLY C 178 -4.22 -3.47 20.73
C GLY C 178 -3.11 -3.12 21.68
N GLY C 179 -1.92 -2.87 21.12
CA GLY C 179 -0.73 -2.64 21.97
C GLY C 179 0.03 -3.91 22.39
N LEU C 180 1.16 -3.73 23.05
CA LEU C 180 2.06 -4.85 23.34
C LEU C 180 1.39 -5.89 24.25
N ALA C 181 0.69 -5.36 25.26
CA ALA C 181 -0.03 -6.21 26.23
C ALA C 181 -1.14 -7.04 25.59
N THR C 182 -1.66 -6.58 24.47
CA THR C 182 -2.65 -7.37 23.75
C THR C 182 -1.95 -8.27 22.75
N ASN C 183 -1.16 -7.68 21.86
CA ASN C 183 -0.65 -8.45 20.73
C ASN C 183 0.24 -9.61 21.17
N ILE C 184 1.17 -9.36 22.11
CA ILE C 184 1.98 -10.41 22.73
C ILE C 184 1.31 -10.93 24.03
N GLY C 185 0.85 -10.00 24.86
CA GLY C 185 0.46 -10.35 26.24
C GLY C 185 -0.77 -11.24 26.31
N ILE C 186 -1.62 -11.24 25.27
CA ILE C 186 -2.88 -11.98 25.38
C ILE C 186 -2.63 -13.46 25.72
N HIS C 187 -1.53 -14.03 25.21
CA HIS C 187 -1.19 -15.40 25.53
C HIS C 187 -1.21 -15.67 27.04
N PHE C 188 -0.48 -14.80 27.77
CA PHE C 188 -0.34 -15.04 29.19
C PHE C 188 -1.54 -14.53 29.97
N PHE C 189 -2.18 -13.43 29.52
CA PHE C 189 -3.42 -13.09 30.23
C PHE C 189 -4.45 -14.20 30.11
N ASP C 190 -4.49 -14.88 28.98
CA ASP C 190 -5.40 -15.96 28.77
C ASP C 190 -5.00 -17.17 29.63
N LEU C 191 -3.71 -17.49 29.64
CA LEU C 191 -3.28 -18.60 30.52
C LEU C 191 -3.67 -18.30 31.97
N LEU C 192 -3.48 -17.06 32.41
CA LEU C 192 -3.83 -16.74 33.80
C LEU C 192 -5.33 -16.85 34.06
N ALA C 193 -6.16 -16.34 33.14
CA ALA C 193 -7.62 -16.47 33.30
C ALA C 193 -8.05 -17.92 33.26
N TRP C 194 -7.44 -18.72 32.38
CA TRP C 194 -7.77 -20.15 32.32
C TRP C 194 -7.45 -20.85 33.64
N LEU C 195 -6.34 -20.49 34.28
CA LEU C 195 -5.95 -21.14 35.55
C LEU C 195 -6.66 -20.59 36.76
N PHE C 196 -6.87 -19.27 36.80
CA PHE C 196 -7.14 -18.57 38.06
C PHE C 196 -8.40 -17.69 38.02
N GLY C 197 -9.08 -17.62 36.88
CA GLY C 197 -10.37 -16.89 36.85
C GLY C 197 -10.32 -15.41 36.56
N ARG C 198 -11.33 -14.67 37.04
CA ARG C 198 -11.54 -13.26 36.71
C ARG C 198 -10.56 -12.36 37.43
N ALA C 199 -10.11 -11.33 36.73
CA ALA C 199 -9.24 -10.34 37.30
C ALA C 199 -10.12 -9.35 38.07
N LEU C 200 -9.89 -9.28 39.37
CA LEU C 200 -10.65 -8.37 40.24
C LEU C 200 -9.93 -7.08 40.51
N HIS C 201 -8.63 -7.03 40.23
CA HIS C 201 -7.84 -5.83 40.41
C HIS C 201 -6.70 -5.88 39.41
N VAL C 202 -6.49 -4.74 38.75
CA VAL C 202 -5.48 -4.66 37.69
C VAL C 202 -4.64 -3.40 37.92
N GLU C 203 -3.32 -3.50 37.82
CA GLU C 203 -2.41 -2.35 37.88
C GLU C 203 -1.38 -2.47 36.79
N VAL C 204 -0.94 -1.33 36.28
CA VAL C 204 0.17 -1.29 35.33
C VAL C 204 1.26 -0.35 35.86
N HIS C 205 2.50 -0.84 35.85
CA HIS C 205 3.58 -0.15 36.54
C HIS C 205 4.62 0.39 35.56
N ALA C 206 4.69 -0.20 34.38
CA ALA C 206 5.62 0.27 33.34
C ALA C 206 5.00 0.05 31.99
N ARG C 207 5.20 1.01 31.09
CA ARG C 207 4.60 0.88 29.75
C ARG C 207 5.42 1.60 28.70
N THR C 208 6.43 0.92 28.16
CA THR C 208 7.28 1.54 27.15
C THR C 208 7.08 0.77 25.86
N PRO C 209 7.69 1.23 24.76
CA PRO C 209 7.52 0.45 23.55
C PRO C 209 7.92 -1.03 23.64
N THR C 210 8.86 -1.37 24.52
CA THR C 210 9.35 -2.75 24.53
C THR C 210 9.07 -3.50 25.84
N VAL C 211 8.49 -2.83 26.84
CA VAL C 211 8.20 -3.44 28.15
C VAL C 211 6.82 -3.03 28.63
N ASN C 212 6.04 -3.99 29.09
CA ASN C 212 4.92 -3.65 29.94
C ASN C 212 5.06 -4.50 31.20
N ALA C 213 4.68 -3.96 32.34
CA ALA C 213 4.71 -4.77 33.57
C ALA C 213 3.61 -4.28 34.49
N GLY C 214 3.14 -5.16 35.36
CA GLY C 214 2.05 -4.75 36.26
C GLY C 214 1.75 -5.83 37.26
N TYR C 215 0.53 -5.77 37.80
CA TYR C 215 0.13 -6.64 38.90
C TYR C 215 -1.36 -6.90 38.71
N LEU C 216 -1.76 -8.15 38.94
CA LEU C 216 -3.16 -8.54 38.90
C LEU C 216 -3.55 -9.25 40.20
N GLU C 217 -4.79 -9.09 40.62
CA GLU C 217 -5.37 -10.07 41.55
C GLU C 217 -6.57 -10.68 40.90
N LEU C 218 -6.51 -12.00 40.74
CA LEU C 218 -7.54 -12.79 40.13
C LEU C 218 -8.27 -13.56 41.23
N GLU C 219 -9.42 -14.11 40.91
CA GLU C 219 -10.11 -14.95 41.89
C GLU C 219 -9.22 -15.98 42.57
N GLY C 220 -8.37 -16.61 41.77
CA GLY C 220 -7.54 -17.68 42.31
C GLY C 220 -6.07 -17.42 42.52
N ALA C 221 -5.59 -16.21 42.29
CA ALA C 221 -4.16 -15.96 42.42
C ALA C 221 -3.87 -14.48 42.41
N ARG C 222 -2.78 -14.06 43.03
CA ARG C 222 -2.20 -12.76 42.78
C ARG C 222 -1.05 -12.98 41.79
N VAL C 223 -0.80 -11.99 40.94
CA VAL C 223 0.13 -12.22 39.82
C VAL C 223 0.93 -10.96 39.56
N ARG C 224 2.27 -11.07 39.69
CA ARG C 224 3.19 -10.03 39.25
C ARG C 224 3.68 -10.44 37.86
N TRP C 225 3.54 -9.53 36.90
CA TRP C 225 3.87 -9.90 35.53
C TRP C 225 4.80 -8.89 34.87
N PHE C 226 5.55 -9.40 33.88
CA PHE C 226 6.51 -8.60 33.12
C PHE C 226 6.49 -9.17 31.70
N LEU C 227 6.37 -8.28 30.73
CA LEU C 227 6.29 -8.62 29.32
C LEU C 227 7.28 -7.74 28.56
N SER C 228 8.14 -8.38 27.75
CA SER C 228 9.03 -7.57 26.88
C SER C 228 9.33 -8.24 25.57
N ILE C 229 9.61 -7.41 24.56
CA ILE C 229 10.14 -7.92 23.30
C ILE C 229 11.62 -7.54 23.18
N ASP C 230 12.23 -7.11 24.27
CA ASP C 230 13.67 -6.84 24.29
C ASP C 230 14.37 -8.08 24.82
N PRO C 231 15.13 -8.79 23.97
CA PRO C 231 15.73 -10.04 24.41
C PRO C 231 16.82 -9.86 25.49
N SER C 232 17.19 -8.63 25.81
CA SER C 232 18.14 -8.41 26.92
C SER C 232 17.56 -8.83 28.27
N PHE C 233 16.24 -9.00 28.34
CA PHE C 233 15.63 -9.46 29.60
C PHE C 233 15.55 -10.96 29.75
N VAL C 234 15.93 -11.75 28.76
CA VAL C 234 16.12 -13.17 28.98
C VAL C 234 17.24 -13.36 30.02
N PRO C 235 17.02 -14.23 31.00
CA PRO C 235 18.02 -14.43 32.07
C PRO C 235 19.38 -14.73 31.46
N GLU C 236 20.43 -14.23 32.12
CA GLU C 236 21.80 -14.35 31.60
C GLU C 236 22.18 -15.78 31.25
N PRO C 237 21.86 -16.75 32.13
CA PRO C 237 22.29 -18.10 31.76
C PRO C 237 21.70 -18.59 30.45
N LEU C 238 20.46 -18.21 30.16
CA LEU C 238 19.83 -18.62 28.90
C LEU C 238 20.33 -17.76 27.74
N ARG C 239 20.61 -16.50 28.03
CA ARG C 239 21.22 -15.62 27.03
C ARG C 239 22.57 -16.18 26.60
N ARG C 240 23.35 -16.64 27.57
CA ARG C 240 24.70 -17.10 27.29
C ARG C 240 24.72 -18.24 26.27
N GLN C 241 23.63 -18.97 26.23
CA GLN C 241 23.42 -20.01 25.22
C GLN C 241 22.57 -19.61 24.02
N GLY C 242 22.38 -18.31 23.83
CA GLY C 242 21.69 -17.82 22.64
C GLY C 242 20.17 -17.84 22.64
N LYS C 243 19.53 -18.03 23.79
CA LYS C 243 18.05 -18.05 23.79
C LYS C 243 17.54 -16.62 23.68
N ARG C 244 16.52 -16.42 22.86
CA ARG C 244 15.86 -15.11 22.69
CA ARG C 244 15.86 -15.11 22.69
C ARG C 244 14.45 -15.04 23.26
N THR C 245 14.02 -16.12 23.91
CA THR C 245 12.73 -16.06 24.59
C THR C 245 12.91 -16.60 26.00
N TYR C 246 11.96 -16.23 26.87
CA TYR C 246 11.88 -16.77 28.23
C TYR C 246 10.43 -16.57 28.63
N ARG C 247 9.69 -17.67 28.74
CA ARG C 247 8.26 -17.66 29.02
C ARG C 247 8.06 -18.51 30.25
N SER C 248 7.87 -17.87 31.41
CA SER C 248 7.97 -18.54 32.69
C SER C 248 6.76 -18.21 33.56
N ILE C 249 6.19 -19.25 34.15
CA ILE C 249 5.20 -19.07 35.22
C ILE C 249 5.71 -19.74 36.49
N ALA C 250 5.90 -18.97 37.55
CA ALA C 250 6.34 -19.48 38.84
C ALA C 250 5.17 -19.38 39.80
N VAL C 251 4.79 -20.51 40.39
CA VAL C 251 3.63 -20.58 41.25
C VAL C 251 3.76 -21.87 42.10
N ASP C 252 3.24 -21.84 43.32
CA ASP C 252 3.07 -23.07 44.10
C ASP C 252 4.40 -23.78 44.36
N GLY C 253 5.49 -23.01 44.44
CA GLY C 253 6.82 -23.56 44.68
C GLY C 253 7.48 -24.22 43.48
N GLU C 254 6.86 -24.15 42.30
CA GLU C 254 7.53 -24.59 41.09
C GLU C 254 7.67 -23.50 40.02
N GLU C 255 8.46 -23.74 38.98
CA GLU C 255 8.53 -22.82 37.85
C GLU C 255 8.41 -23.67 36.60
N VAL C 256 7.53 -23.28 35.68
CA VAL C 256 7.45 -23.94 34.37
C VAL C 256 7.83 -22.93 33.29
N GLU C 257 8.84 -23.28 32.52
CA GLU C 257 9.25 -22.50 31.36
C GLU C 257 8.68 -23.19 30.14
N PHE C 258 7.83 -22.49 29.40
CA PHE C 258 7.00 -23.11 28.38
C PHE C 258 7.31 -22.70 26.94
N SER C 259 8.55 -22.29 26.67
CA SER C 259 8.94 -22.00 25.29
C SER C 259 9.02 -23.19 24.34
N GLU C 260 9.41 -24.36 24.84
CA GLU C 260 9.61 -25.50 23.95
C GLU C 260 8.30 -25.88 23.28
N GLY C 261 8.29 -25.86 21.95
CA GLY C 261 7.14 -26.32 21.16
C GLY C 261 6.06 -25.27 21.08
N PHE C 262 6.37 -24.09 21.60
CA PHE C 262 5.40 -22.98 21.55
C PHE C 262 4.95 -22.76 20.11
N THR C 263 5.85 -22.97 19.17
CA THR C 263 5.57 -22.75 17.76
C THR C 263 5.09 -24.00 17.03
N ASP C 264 4.85 -25.09 17.77
CA ASP C 264 4.49 -26.37 17.15
C ASP C 264 3.14 -26.94 17.57
N LEU C 265 2.17 -26.07 17.84
CA LEU C 265 0.93 -26.51 18.44
C LEU C 265 -0.31 -26.08 17.64
N HIS C 266 -0.08 -25.42 16.51
CA HIS C 266 -1.23 -25.03 15.70
C HIS C 266 -2.07 -26.17 15.16
N THR C 267 -1.44 -27.26 14.72
CA THR C 267 -2.26 -28.36 14.24
C THR C 267 -3.13 -28.93 15.36
N GLU C 268 -2.53 -29.02 16.54
CA GLU C 268 -3.33 -29.50 17.69
C GLU C 268 -4.52 -28.59 17.99
N VAL C 269 -4.34 -27.27 17.89
CA VAL C 269 -5.50 -26.38 18.05
C VAL C 269 -6.59 -26.62 16.98
N TYR C 270 -6.16 -26.82 15.74
CA TYR C 270 -7.10 -27.15 14.67
C TYR C 270 -7.84 -28.46 14.93
N ARG C 271 -7.09 -29.50 15.33
CA ARG C 271 -7.73 -30.77 15.66
C ARG C 271 -8.75 -30.63 16.78
N LYS C 272 -8.39 -29.93 17.85
CA LYS C 272 -9.32 -29.72 18.96
C LYS C 272 -10.56 -28.97 18.49
N THR C 273 -10.36 -27.93 17.67
CA THR C 273 -11.47 -27.15 17.16
C THR C 273 -12.39 -28.00 16.30
N LEU C 274 -11.84 -28.75 15.35
CA LEU C 274 -12.68 -29.62 14.55
C LEU C 274 -13.40 -30.71 15.33
N ALA C 275 -12.85 -31.09 16.48
CA ALA C 275 -13.46 -32.11 17.33
C ALA C 275 -14.52 -31.52 18.26
N GLY C 276 -14.77 -30.22 18.17
CA GLY C 276 -15.80 -29.63 19.02
C GLY C 276 -15.28 -29.33 20.41
N GLU C 277 -13.96 -29.25 20.52
CA GLU C 277 -13.30 -28.91 21.79
C GLU C 277 -12.50 -27.61 21.69
N GLY C 278 -12.88 -26.74 20.76
CA GLY C 278 -12.17 -25.48 20.51
C GLY C 278 -12.40 -24.44 21.58
N PHE C 279 -11.62 -23.36 21.52
CA PHE C 279 -11.68 -22.26 22.46
C PHE C 279 -12.57 -21.18 21.86
N GLY C 280 -13.75 -21.03 22.44
CA GLY C 280 -14.79 -20.13 21.93
C GLY C 280 -14.85 -18.77 22.58
N LEU C 281 -15.91 -18.01 22.30
CA LEU C 281 -16.07 -16.68 22.87
C LEU C 281 -16.05 -16.71 24.40
N ASP C 282 -16.75 -17.67 24.99
CA ASP C 282 -16.81 -17.74 26.47
C ASP C 282 -15.41 -17.92 27.07
N GLU C 283 -14.60 -18.74 26.40
CA GLU C 283 -13.24 -19.04 26.84
C GLU C 283 -12.33 -17.83 26.65
N ALA C 284 -12.45 -17.13 25.52
CA ALA C 284 -11.49 -16.07 25.20
C ALA C 284 -11.79 -14.74 25.88
N ALA C 285 -13.05 -14.56 26.32
CA ALA C 285 -13.51 -13.22 26.71
C ALA C 285 -12.72 -12.59 27.86
N GLU C 286 -12.41 -13.36 28.88
CA GLU C 286 -11.80 -12.72 30.05
C GLU C 286 -10.43 -12.08 29.77
N ALA C 287 -9.58 -12.78 29.01
CA ALA C 287 -8.28 -12.16 28.75
C ALA C 287 -8.41 -10.92 27.84
N ILE C 288 -9.37 -10.97 26.91
CA ILE C 288 -9.69 -9.79 26.12
C ILE C 288 -10.18 -8.58 26.97
N ARG C 289 -10.98 -8.86 28.00
CA ARG C 289 -11.42 -7.80 28.92
C ARG C 289 -10.22 -7.19 29.63
N VAL C 290 -9.34 -8.05 30.14
CA VAL C 290 -8.16 -7.56 30.86
C VAL C 290 -7.20 -6.76 29.96
N ALA C 291 -6.94 -7.30 28.78
CA ALA C 291 -6.06 -6.63 27.84
C ALA C 291 -6.63 -5.26 27.45
N ALA C 292 -7.94 -5.17 27.26
CA ALA C 292 -8.55 -3.90 26.86
C ALA C 292 -8.46 -2.87 27.99
N LEU C 293 -8.63 -3.32 29.23
CA LEU C 293 -8.50 -2.45 30.41
C LEU C 293 -7.12 -1.87 30.47
N LEU C 294 -6.11 -2.70 30.21
CA LEU C 294 -4.74 -2.22 30.24
C LEU C 294 -4.41 -1.16 29.21
N ARG C 295 -5.16 -1.08 28.12
CA ARG C 295 -4.89 -0.01 27.16
C ARG C 295 -5.05 1.39 27.72
N THR C 296 -6.04 1.61 28.58
CA THR C 296 -6.27 2.97 29.05
C THR C 296 -5.96 3.15 30.53
N LEU C 297 -5.53 2.09 31.21
CA LEU C 297 -5.33 2.22 32.64
C LEU C 297 -4.11 3.11 32.92
N PRO C 298 -4.25 4.15 33.75
CA PRO C 298 -3.05 4.93 33.99
C PRO C 298 -2.00 4.12 34.76
N LEU C 299 -0.73 4.43 34.51
CA LEU C 299 0.37 3.94 35.34
C LEU C 299 0.17 4.22 36.85
N SER C 300 0.55 3.26 37.70
CA SER C 300 0.66 3.51 39.13
C SER C 300 2.01 3.08 39.68
N GLN C 301 2.40 3.70 40.79
CA GLN C 301 3.56 3.29 41.55
C GLN C 301 3.29 2.01 42.32
N PRO C 302 4.02 0.94 41.99
CA PRO C 302 3.85 -0.28 42.77
C PRO C 302 4.38 -0.22 44.21
N SER C 303 3.71 -0.91 45.12
CA SER C 303 4.31 -1.28 46.40
C SER C 303 5.39 -2.31 46.09
N PRO C 304 6.44 -2.38 46.92
CA PRO C 304 7.45 -3.42 46.72
C PRO C 304 6.85 -4.82 46.59
N GLU C 305 5.86 -5.13 47.41
CA GLU C 305 5.25 -6.46 47.39
C GLU C 305 4.60 -6.77 46.03
N ASN C 306 4.12 -5.75 45.34
CA ASN C 306 3.36 -5.99 44.10
C ASN C 306 4.17 -5.76 42.84
N ARG C 307 5.47 -5.47 42.99
CA ARG C 307 6.38 -5.18 41.88
C ARG C 307 7.04 -6.45 41.35
N HIS C 308 6.95 -6.69 40.03
CA HIS C 308 7.68 -7.81 39.42
C HIS C 308 9.19 -7.60 39.68
N PRO C 309 9.87 -8.71 39.99
CA PRO C 309 11.31 -8.64 40.30
C PRO C 309 12.16 -7.93 39.25
N PHE C 310 11.84 -8.08 37.95
CA PHE C 310 12.61 -7.43 36.90
C PHE C 310 12.48 -5.92 36.92
N LEU C 311 11.60 -5.38 37.76
CA LEU C 311 11.53 -3.92 37.91
C LEU C 311 12.31 -3.48 39.15
N GLY C 312 12.71 -4.44 39.99
CA GLY C 312 13.32 -4.13 41.27
C GLY C 312 14.71 -3.56 41.11
N MET D 3 35.12 -8.52 7.92
CA MET D 3 33.72 -9.03 7.84
C MET D 3 32.96 -8.16 6.85
N THR D 4 32.53 -8.76 5.74
CA THR D 4 31.91 -7.98 4.66
C THR D 4 30.56 -7.46 5.17
N ARG D 5 30.33 -6.16 4.95
CA ARG D 5 29.08 -5.56 5.43
C ARG D 5 28.06 -5.48 4.29
N PHE D 6 26.87 -5.99 4.57
CA PHE D 6 25.79 -6.03 3.56
C PHE D 6 24.59 -5.20 4.04
N ALA D 7 23.87 -4.61 3.09
CA ALA D 7 22.47 -4.28 3.29
C ALA D 7 21.66 -5.05 2.23
N LEU D 8 20.37 -5.26 2.47
CA LEU D 8 19.55 -6.13 1.63
C LEU D 8 18.22 -5.44 1.34
N THR D 9 17.81 -5.41 0.07
CA THR D 9 16.45 -5.00 -0.31
C THR D 9 15.58 -6.20 -0.70
N GLY D 10 14.29 -6.06 -0.40
CA GLY D 10 13.34 -7.13 -0.71
C GLY D 10 13.24 -8.21 0.34
N LEU D 11 13.49 -7.84 1.60
CA LEU D 11 13.69 -8.85 2.65
C LEU D 11 12.46 -9.74 2.85
N ALA D 12 11.27 -9.23 2.54
CA ALA D 12 9.99 -9.94 2.79
C ALA D 12 9.63 -10.90 1.66
N GLY D 13 10.45 -10.91 0.63
CA GLY D 13 10.04 -11.56 -0.60
C GLY D 13 10.42 -13.03 -0.60
N TYR D 14 9.67 -13.78 -1.41
CA TYR D 14 9.90 -15.19 -1.53
C TYR D 14 11.37 -15.55 -1.40
N ILE D 15 12.24 -14.76 -2.02
CA ILE D 15 13.59 -15.23 -2.26
C ILE D 15 14.72 -14.83 -1.27
N ALA D 16 14.45 -13.84 -0.45
CA ALA D 16 15.44 -13.29 0.48
C ALA D 16 16.13 -14.25 1.47
N PRO D 17 15.43 -15.32 1.90
CA PRO D 17 16.10 -16.27 2.82
C PRO D 17 17.41 -16.88 2.30
N ARG D 18 17.52 -17.09 0.98
CA ARG D 18 18.75 -17.66 0.44
C ARG D 18 19.87 -16.63 0.53
N HIS D 19 19.50 -15.35 0.45
CA HIS D 19 20.46 -14.27 0.61
C HIS D 19 20.93 -14.12 2.06
N LEU D 20 19.99 -14.29 2.99
CA LEU D 20 20.36 -14.31 4.41
C LEU D 20 21.34 -15.45 4.76
N LYS D 21 21.12 -16.64 4.22
CA LYS D 21 22.04 -17.78 4.33
C LYS D 21 23.42 -17.50 3.74
N ALA D 22 23.45 -16.94 2.52
CA ALA D 22 24.74 -16.68 1.89
C ALA D 22 25.50 -15.69 2.73
N ILE D 23 24.82 -14.65 3.20
CA ILE D 23 25.52 -13.63 3.96
C ILE D 23 26.07 -14.28 5.24
N LYS D 24 25.23 -15.06 5.92
CA LYS D 24 25.65 -15.80 7.12
C LYS D 24 26.85 -16.70 6.79
N GLU D 25 26.69 -17.51 5.75
CA GLU D 25 27.65 -18.57 5.44
C GLU D 25 29.00 -18.05 4.96
N VAL D 26 28.98 -16.91 4.27
CA VAL D 26 30.24 -16.31 3.82
C VAL D 26 30.91 -15.42 4.87
N GLY D 27 30.42 -15.49 6.10
CA GLY D 27 30.98 -14.69 7.19
C GLY D 27 30.67 -13.20 7.11
N GLY D 28 29.58 -12.85 6.42
CA GLY D 28 29.21 -11.44 6.31
C GLY D 28 28.34 -11.01 7.48
N VAL D 29 28.07 -9.71 7.56
CA VAL D 29 27.09 -9.17 8.51
C VAL D 29 26.04 -8.32 7.75
N LEU D 30 24.77 -8.53 8.07
CA LEU D 30 23.69 -7.70 7.54
C LEU D 30 23.44 -6.53 8.48
N VAL D 31 23.73 -5.34 7.97
CA VAL D 31 23.63 -4.13 8.75
C VAL D 31 22.19 -3.58 8.73
N ALA D 32 21.50 -3.69 7.60
CA ALA D 32 20.17 -3.06 7.46
C ALA D 32 19.45 -3.70 6.29
N SER D 33 18.12 -3.63 6.31
CA SER D 33 17.31 -4.13 5.19
C SER D 33 16.18 -3.14 4.89
N LEU D 34 15.65 -3.27 3.67
CA LEU D 34 14.56 -2.46 3.17
C LEU D 34 13.51 -3.37 2.58
N ASP D 35 12.26 -3.14 2.98
CA ASP D 35 11.10 -3.73 2.30
C ASP D 35 9.89 -2.87 2.65
N PRO D 36 9.01 -2.64 1.67
CA PRO D 36 7.76 -1.96 2.03
C PRO D 36 6.89 -2.84 2.93
N ALA D 37 7.06 -4.16 2.83
CA ALA D 37 6.25 -5.09 3.65
C ALA D 37 7.03 -5.54 4.90
N THR D 38 6.32 -6.05 5.91
CA THR D 38 6.94 -6.30 7.23
C THR D 38 6.99 -7.76 7.73
N ASN D 39 6.51 -8.74 6.95
CA ASN D 39 6.76 -10.13 7.26
C ASN D 39 8.19 -10.52 6.96
N VAL D 40 9.07 -10.04 7.83
CA VAL D 40 10.52 -10.25 7.65
C VAL D 40 11.20 -10.82 8.90
N GLY D 41 10.41 -11.33 9.84
CA GLY D 41 10.91 -11.83 11.13
C GLY D 41 12.01 -12.87 11.05
N LEU D 42 12.03 -13.62 9.95
CA LEU D 42 13.06 -14.63 9.79
C LEU D 42 14.42 -14.01 9.99
N VAL D 43 14.56 -12.71 9.68
CA VAL D 43 15.87 -12.05 9.77
C VAL D 43 16.41 -12.19 11.21
N ASP D 44 15.53 -12.28 12.20
CA ASP D 44 15.99 -12.26 13.60
C ASP D 44 16.84 -13.50 13.92
N SER D 45 16.60 -14.60 13.22
CA SER D 45 17.38 -15.83 13.43
C SER D 45 18.75 -15.83 12.74
N PHE D 46 19.02 -14.83 11.90
CA PHE D 46 20.35 -14.66 11.29
C PHE D 46 21.08 -13.45 11.82
N PHE D 47 20.45 -12.28 11.78
CA PHE D 47 21.06 -11.03 12.18
C PHE D 47 20.09 -10.26 13.06
N PRO D 48 20.09 -10.63 14.36
CA PRO D 48 19.07 -10.16 15.27
C PRO D 48 19.14 -8.68 15.59
N GLU D 49 20.15 -7.96 15.10
CA GLU D 49 20.33 -6.56 15.42
C GLU D 49 20.25 -5.67 14.18
N ALA D 50 19.95 -6.26 13.02
CA ALA D 50 19.93 -5.47 11.80
C ALA D 50 18.87 -4.38 11.84
N GLU D 51 19.22 -3.22 11.31
CA GLU D 51 18.23 -2.17 11.12
C GLU D 51 17.21 -2.55 10.05
N PHE D 52 16.04 -1.94 10.13
CA PHE D 52 14.98 -2.24 9.14
C PHE D 52 14.26 -0.98 8.76
N PHE D 53 13.97 -0.82 7.45
CA PHE D 53 13.31 0.36 6.92
C PHE D 53 12.23 -0.10 5.97
N THR D 54 11.10 0.62 6.02
CA THR D 54 10.09 0.46 4.99
C THR D 54 10.20 1.61 3.96
N GLU D 55 10.95 2.68 4.25
CA GLU D 55 11.01 3.84 3.38
CA GLU D 55 11.02 3.84 3.38
C GLU D 55 12.37 3.88 2.67
N PRO D 56 12.40 3.79 1.34
CA PRO D 56 13.70 3.74 0.66
C PRO D 56 14.56 4.96 0.96
N GLU D 57 13.98 6.14 1.09
CA GLU D 57 14.78 7.34 1.30
C GLU D 57 15.40 7.29 2.70
N ALA D 58 14.70 6.74 3.69
CA ALA D 58 15.31 6.62 5.03
C ALA D 58 16.40 5.57 5.07
N PHE D 59 16.22 4.48 4.33
CA PHE D 59 17.24 3.46 4.21
C PHE D 59 18.49 4.12 3.56
N GLU D 60 18.29 4.93 2.51
CA GLU D 60 19.44 5.48 1.80
C GLU D 60 20.16 6.46 2.71
N ALA D 61 19.43 7.30 3.44
CA ALA D 61 20.05 8.29 4.34
C ALA D 61 20.85 7.62 5.45
N TYR D 62 20.37 6.48 5.94
CA TYR D 62 21.05 5.72 7.00
C TYR D 62 22.36 5.19 6.43
N LEU D 63 22.31 4.60 5.25
CA LEU D 63 23.52 4.03 4.65
C LEU D 63 24.50 5.14 4.28
N GLU D 64 24.00 6.30 3.88
CA GLU D 64 24.86 7.42 3.51
C GLU D 64 25.57 7.99 4.75
N ASP D 65 24.86 8.06 5.87
CA ASP D 65 25.49 8.43 7.14
C ASP D 65 26.61 7.51 7.46
N LEU D 66 26.39 6.20 7.32
CA LEU D 66 27.41 5.19 7.63
C LEU D 66 28.60 5.45 6.74
N ARG D 67 28.38 5.59 5.45
CA ARG D 67 29.48 5.87 4.53
C ARG D 67 30.29 7.10 4.95
N ASP D 68 29.58 8.19 5.29
CA ASP D 68 30.25 9.46 5.55
C ASP D 68 31.11 9.39 6.80
N ARG D 69 30.80 8.50 7.73
CA ARG D 69 31.67 8.34 8.93
C ARG D 69 32.55 7.08 8.87
N GLY D 70 32.80 6.65 7.64
CA GLY D 70 33.73 5.57 7.39
C GLY D 70 33.33 4.18 7.81
N GLU D 71 32.03 3.88 7.81
CA GLU D 71 31.53 2.57 8.19
C GLU D 71 30.46 2.10 7.21
N GLY D 72 30.61 2.49 5.95
CA GLY D 72 29.64 2.12 4.91
C GLY D 72 29.54 0.63 4.67
N VAL D 73 28.42 0.17 4.11
CA VAL D 73 28.36 -1.22 3.67
C VAL D 73 29.18 -1.46 2.40
N ASP D 74 29.61 -2.71 2.29
CA ASP D 74 30.47 -3.11 1.14
C ASP D 74 29.61 -3.58 -0.04
N TYR D 75 28.44 -4.13 0.24
CA TYR D 75 27.52 -4.62 -0.81
C TYR D 75 26.09 -4.27 -0.46
N LEU D 76 25.35 -3.92 -1.51
CA LEU D 76 23.89 -3.96 -1.42
C LEU D 76 23.39 -5.19 -2.13
N SER D 77 22.78 -6.11 -1.41
CA SER D 77 22.15 -7.26 -2.04
C SER D 77 20.70 -6.91 -2.40
N ILE D 78 20.26 -7.25 -3.60
CA ILE D 78 19.01 -6.73 -4.12
C ILE D 78 18.10 -7.88 -4.49
N ALA D 79 17.00 -8.00 -3.75
CA ALA D 79 16.05 -9.08 -4.00
C ALA D 79 14.64 -8.54 -4.10
N SER D 80 14.51 -7.30 -4.57
CA SER D 80 13.26 -6.62 -4.84
C SER D 80 12.65 -6.99 -6.20
N PRO D 81 11.43 -6.47 -6.54
CA PRO D 81 10.82 -6.79 -7.84
C PRO D 81 11.73 -6.26 -8.94
N ASN D 82 11.59 -6.80 -10.15
CA ASN D 82 12.64 -6.65 -11.16
C ASN D 82 12.83 -5.21 -11.57
N HIS D 83 11.80 -4.39 -11.68
CA HIS D 83 11.92 -3.00 -12.13
C HIS D 83 12.72 -2.12 -11.12
N LEU D 84 12.83 -2.63 -9.90
CA LEU D 84 13.54 -1.88 -8.87
C LEU D 84 15.03 -2.21 -8.90
N HIS D 85 15.46 -3.24 -9.63
CA HIS D 85 16.89 -3.60 -9.57
C HIS D 85 17.73 -2.42 -10.05
N TYR D 86 17.46 -1.92 -11.25
CA TYR D 86 18.28 -0.83 -11.78
C TYR D 86 18.43 0.38 -10.83
N PRO D 87 17.31 0.93 -10.33
CA PRO D 87 17.47 2.11 -9.48
C PRO D 87 18.06 1.77 -8.11
N GLN D 88 17.92 0.55 -7.62
CA GLN D 88 18.61 0.16 -6.37
C GLN D 88 20.10 -0.11 -6.59
N ILE D 89 20.49 -0.63 -7.76
CA ILE D 89 21.94 -0.68 -8.07
C ILE D 89 22.52 0.72 -8.18
N ARG D 90 21.79 1.64 -8.80
CA ARG D 90 22.21 3.03 -8.84
C ARG D 90 22.41 3.53 -7.42
N MET D 91 21.55 3.14 -6.47
CA MET D 91 21.70 3.60 -5.09
C MET D 91 23.00 3.04 -4.50
N ALA D 92 23.23 1.74 -4.70
CA ALA D 92 24.46 1.10 -4.22
C ALA D 92 25.72 1.83 -4.67
N LEU D 93 25.81 2.07 -5.98
CA LEU D 93 26.98 2.79 -6.51
C LEU D 93 27.10 4.22 -5.93
N ARG D 94 25.99 4.93 -5.76
CA ARG D 94 26.06 6.28 -5.19
C ARG D 94 26.49 6.25 -3.73
N LEU D 95 26.24 5.14 -3.04
CA LEU D 95 26.64 4.95 -1.63
C LEU D 95 28.06 4.38 -1.53
N GLY D 96 28.75 4.18 -2.66
CA GLY D 96 30.10 3.55 -2.66
C GLY D 96 30.18 2.07 -2.35
N ALA D 97 29.10 1.34 -2.63
CA ALA D 97 29.00 -0.08 -2.41
C ALA D 97 28.99 -0.80 -3.76
N ASN D 98 29.36 -2.09 -3.72
CA ASN D 98 29.06 -2.99 -4.84
C ASN D 98 27.61 -3.42 -4.74
N ALA D 99 27.08 -3.95 -5.83
CA ALA D 99 25.70 -4.44 -5.80
C ALA D 99 25.72 -5.91 -6.13
N LEU D 100 24.84 -6.67 -5.51
CA LEU D 100 24.65 -8.06 -5.93
C LEU D 100 23.15 -8.27 -6.08
N SER D 101 22.69 -8.30 -7.33
CA SER D 101 21.27 -8.30 -7.64
C SER D 101 20.76 -9.64 -8.13
N GLU D 102 19.57 -10.00 -7.69
CA GLU D 102 18.80 -11.03 -8.34
C GLU D 102 18.66 -10.78 -9.82
N LYS D 103 18.43 -11.89 -10.54
CA LYS D 103 18.04 -11.83 -11.94
C LYS D 103 16.63 -11.27 -12.06
N PRO D 104 16.29 -10.68 -13.22
CA PRO D 104 17.23 -10.16 -14.20
C PRO D 104 17.99 -8.98 -13.61
N LEU D 105 19.27 -8.86 -13.93
CA LEU D 105 20.10 -7.81 -13.33
C LEU D 105 19.45 -6.42 -13.49
N VAL D 106 18.98 -6.10 -14.70
CA VAL D 106 18.14 -4.96 -15.00
C VAL D 106 17.18 -5.34 -16.10
N LEU D 107 16.25 -4.46 -16.48
CA LEU D 107 15.29 -4.84 -17.50
C LEU D 107 15.76 -4.50 -18.92
N TRP D 108 16.65 -3.50 -19.09
CA TRP D 108 16.87 -2.95 -20.45
C TRP D 108 18.37 -2.80 -20.74
N PRO D 109 18.78 -3.07 -22.01
CA PRO D 109 20.17 -2.82 -22.39
C PRO D 109 20.68 -1.39 -22.12
N GLU D 110 19.80 -0.39 -22.20
CA GLU D 110 20.23 1.02 -21.93
C GLU D 110 20.67 1.11 -20.47
N GLU D 111 19.97 0.37 -19.60
CA GLU D 111 20.36 0.35 -18.18
C GLU D 111 21.72 -0.29 -17.93
N ILE D 112 22.00 -1.43 -18.61
CA ILE D 112 23.35 -1.98 -18.57
C ILE D 112 24.42 -0.95 -18.96
N ALA D 113 24.15 -0.22 -20.04
CA ALA D 113 25.15 0.74 -20.51
C ALA D 113 25.40 1.82 -19.46
N ARG D 114 24.32 2.30 -18.83
CA ARG D 114 24.47 3.35 -17.84
C ARG D 114 25.25 2.87 -16.63
N LEU D 115 25.01 1.63 -16.19
CA LEU D 115 25.73 1.04 -15.09
C LEU D 115 27.22 0.91 -15.39
N LYS D 116 27.58 0.56 -16.63
CA LYS D 116 28.99 0.49 -16.99
C LYS D 116 29.66 1.85 -16.81
N GLU D 117 29.01 2.93 -17.19
CA GLU D 117 29.57 4.28 -17.03
C GLU D 117 29.79 4.48 -15.53
N LEU D 118 28.79 4.09 -14.76
CA LEU D 118 28.80 4.46 -13.36
C LEU D 118 29.77 3.64 -12.54
N GLU D 119 30.00 2.39 -12.94
CA GLU D 119 31.08 1.58 -12.38
C GLU D 119 32.42 2.30 -12.53
N ALA D 120 32.68 2.81 -13.73
CA ALA D 120 33.97 3.48 -13.97
C ALA D 120 34.11 4.71 -13.07
N ARG D 121 33.02 5.42 -12.89
CA ARG D 121 33.03 6.67 -12.10
C ARG D 121 33.34 6.40 -10.64
N THR D 122 32.82 5.30 -10.10
CA THR D 122 32.81 5.10 -8.66
C THR D 122 33.86 4.08 -8.20
N GLY D 123 34.44 3.32 -9.13
CA GLY D 123 35.25 2.15 -8.77
C GLY D 123 34.60 1.02 -8.02
N ARG D 124 33.27 0.91 -8.15
CA ARG D 124 32.52 -0.19 -7.55
C ARG D 124 31.94 -1.06 -8.67
N ARG D 125 31.42 -2.23 -8.30
CA ARG D 125 31.08 -3.21 -9.31
C ARG D 125 29.65 -3.70 -9.10
N VAL D 126 29.03 -4.05 -10.23
CA VAL D 126 27.68 -4.62 -10.23
C VAL D 126 27.70 -6.09 -10.57
N TYR D 127 27.17 -6.91 -9.69
CA TYR D 127 27.15 -8.35 -9.88
C TYR D 127 25.72 -8.85 -9.82
N THR D 128 25.53 -10.08 -10.28
CA THR D 128 24.21 -10.64 -10.32
C THR D 128 24.25 -12.12 -9.98
N VAL D 129 23.13 -12.60 -9.51
CA VAL D 129 23.10 -14.01 -9.11
C VAL D 129 22.66 -14.84 -10.31
N LEU D 130 23.63 -15.58 -10.85
CA LEU D 130 23.38 -16.56 -11.95
C LEU D 130 23.69 -17.99 -11.49
N GLN D 131 22.76 -18.57 -10.73
CA GLN D 131 23.05 -19.79 -9.97
C GLN D 131 23.23 -21.00 -10.90
N LEU D 132 22.54 -21.00 -12.04
CA LEU D 132 22.77 -22.06 -13.02
C LEU D 132 24.24 -22.16 -13.45
N ARG D 133 24.93 -21.03 -13.52
CA ARG D 133 26.33 -21.07 -13.89
C ARG D 133 27.33 -21.77 -12.95
N VAL D 134 26.97 -21.97 -11.67
CA VAL D 134 27.86 -22.70 -10.76
C VAL D 134 27.31 -24.09 -10.44
N HIS D 135 26.25 -24.46 -11.14
CA HIS D 135 25.62 -25.75 -10.95
C HIS D 135 26.49 -26.87 -11.51
N PRO D 136 26.38 -28.06 -10.90
CA PRO D 136 27.07 -29.28 -11.29
C PRO D 136 26.56 -29.86 -12.61
N SER D 137 25.24 -30.00 -12.77
CA SER D 137 24.68 -30.66 -13.95
C SER D 137 24.60 -29.77 -15.20
N LEU D 138 24.40 -28.46 -15.04
CA LEU D 138 24.63 -27.53 -16.14
C LEU D 138 26.12 -27.23 -16.35
N LEU D 139 26.90 -27.19 -15.28
CA LEU D 139 28.30 -26.90 -15.45
C LEU D 139 28.98 -28.08 -16.13
N ALA D 140 28.31 -29.23 -16.08
CA ALA D 140 28.88 -30.41 -16.72
C ALA D 140 28.94 -30.18 -18.22
N LEU D 141 27.80 -29.76 -18.77
CA LEU D 141 27.66 -29.42 -20.17
C LEU D 141 28.81 -28.56 -20.67
N LYS D 142 29.00 -27.40 -20.05
CA LYS D 142 29.86 -26.39 -20.66
C LYS D 142 31.26 -26.87 -21.03
N GLU D 143 31.84 -27.75 -20.22
CA GLU D 143 33.16 -28.28 -20.56
C GLU D 143 33.11 -29.25 -21.74
N ARG D 144 32.20 -30.21 -21.65
CA ARG D 144 31.95 -31.14 -22.74
C ARG D 144 31.58 -30.43 -24.03
N LEU D 145 30.37 -29.87 -24.06
CA LEU D 145 29.92 -29.13 -25.23
C LEU D 145 31.15 -28.45 -25.81
N GLY D 146 31.90 -27.77 -24.96
CA GLY D 146 32.97 -26.90 -25.42
C GLY D 146 34.12 -27.64 -26.05
N GLN D 147 34.16 -28.96 -25.89
CA GLN D 147 35.21 -29.78 -26.49
C GLN D 147 34.89 -30.13 -27.94
N GLU D 148 33.63 -29.99 -28.33
CA GLU D 148 33.22 -30.33 -29.69
C GLU D 148 32.93 -29.08 -30.51
N LYS D 149 33.03 -29.21 -31.83
CA LYS D 149 32.71 -28.10 -32.71
C LYS D 149 31.40 -28.39 -33.45
N GLY D 150 30.80 -27.34 -34.01
CA GLY D 150 29.60 -27.51 -34.81
C GLY D 150 28.39 -26.95 -34.10
N ALA D 151 27.44 -26.43 -34.85
CA ALA D 151 26.19 -25.92 -34.26
C ALA D 151 25.43 -27.02 -33.54
N LYS D 152 24.84 -26.71 -32.39
CA LYS D 152 24.00 -27.66 -31.69
C LYS D 152 22.52 -27.38 -31.99
N ASP D 153 21.68 -28.40 -31.88
CA ASP D 153 20.24 -28.24 -32.06
C ASP D 153 19.59 -28.48 -30.70
N VAL D 154 18.93 -27.45 -30.16
CA VAL D 154 18.49 -27.47 -28.77
C VAL D 154 16.98 -27.30 -28.69
N VAL D 155 16.36 -28.05 -27.77
CA VAL D 155 14.96 -27.86 -27.42
C VAL D 155 14.92 -27.57 -25.92
N LEU D 156 14.36 -26.43 -25.55
CA LEU D 156 14.39 -25.97 -24.16
C LEU D 156 12.91 -25.93 -23.78
N THR D 157 12.57 -26.58 -22.67
CA THR D 157 11.19 -26.60 -22.22
C THR D 157 11.22 -26.30 -20.74
N TYR D 158 10.46 -25.30 -20.33
CA TYR D 158 10.34 -25.10 -18.89
C TYR D 158 8.91 -24.78 -18.50
N VAL D 159 8.34 -25.69 -17.72
CA VAL D 159 7.00 -25.49 -17.24
C VAL D 159 7.15 -25.45 -15.71
N THR D 160 6.67 -24.37 -15.12
CA THR D 160 6.72 -24.28 -13.66
C THR D 160 5.40 -23.69 -13.17
N GLY D 161 4.57 -24.55 -12.57
CA GLY D 161 3.18 -24.22 -12.29
C GLY D 161 3.10 -23.09 -11.27
N ARG D 162 2.17 -22.17 -11.51
CA ARG D 162 1.92 -21.10 -10.54
C ARG D 162 0.43 -21.04 -10.28
N GLY D 163 0.11 -20.94 -9.00
CA GLY D 163 -1.28 -20.78 -8.56
C GLY D 163 -1.87 -19.41 -8.86
N LYS D 164 -3.11 -19.21 -8.41
CA LYS D 164 -3.90 -18.05 -8.80
C LYS D 164 -3.36 -16.70 -8.28
N TRP D 165 -2.58 -16.73 -7.21
CA TRP D 165 -1.91 -15.53 -6.72
C TRP D 165 -0.99 -14.84 -7.73
N TYR D 166 -0.36 -15.63 -8.60
CA TYR D 166 0.65 -15.06 -9.50
C TYR D 166 0.03 -13.98 -10.40
N GLY D 167 -1.15 -14.28 -10.91
CA GLY D 167 -1.90 -13.35 -11.75
C GLY D 167 -2.39 -12.08 -11.10
N LYS D 168 -2.20 -11.97 -9.79
CA LYS D 168 -2.60 -10.77 -9.05
C LYS D 168 -1.40 -10.07 -8.46
N SER D 169 -0.19 -10.50 -8.83
CA SER D 169 1.03 -9.94 -8.25
C SER D 169 1.73 -9.07 -9.29
N TRP D 170 2.82 -8.42 -8.86
CA TRP D 170 3.62 -7.57 -9.76
C TRP D 170 4.21 -8.41 -10.89
N LYS D 171 4.28 -9.72 -10.69
CA LYS D 171 4.97 -10.60 -11.65
C LYS D 171 4.28 -10.65 -13.01
N VAL D 172 2.99 -10.32 -13.09
CA VAL D 172 2.33 -10.20 -14.39
C VAL D 172 2.20 -8.77 -14.91
N ASP D 173 2.73 -7.80 -14.18
CA ASP D 173 2.71 -6.42 -14.63
C ASP D 173 4.02 -6.25 -15.42
N GLU D 174 3.89 -6.12 -16.73
CA GLU D 174 5.07 -6.17 -17.58
C GLU D 174 6.04 -5.04 -17.20
N ALA D 175 5.55 -3.88 -16.80
CA ALA D 175 6.45 -2.78 -16.41
C ALA D 175 7.26 -3.11 -15.18
N LYS D 176 6.70 -3.98 -14.34
CA LYS D 176 7.39 -4.38 -13.12
C LYS D 176 8.27 -5.62 -13.29
N SER D 177 7.81 -6.63 -14.05
CA SER D 177 8.50 -7.92 -14.11
C SER D 177 9.29 -8.08 -15.42
N GLY D 178 8.93 -7.37 -16.48
CA GLY D 178 9.48 -7.62 -17.80
C GLY D 178 8.67 -8.65 -18.57
N GLY D 179 7.64 -9.23 -17.94
CA GLY D 179 6.82 -10.19 -18.65
C GLY D 179 7.31 -11.61 -18.40
N LEU D 180 6.55 -12.59 -18.86
CA LEU D 180 6.80 -13.99 -18.50
C LEU D 180 8.17 -14.51 -18.92
N ALA D 181 8.53 -14.30 -20.17
CA ALA D 181 9.80 -14.82 -20.63
C ALA D 181 10.92 -14.29 -19.74
N THR D 182 10.83 -13.02 -19.35
CA THR D 182 11.86 -12.47 -18.46
C THR D 182 11.74 -13.05 -17.05
N ASN D 183 10.56 -12.95 -16.45
CA ASN D 183 10.50 -13.30 -15.04
C ASN D 183 10.77 -14.77 -14.76
N ILE D 184 10.25 -15.65 -15.60
CA ILE D 184 10.64 -17.04 -15.68
C ILE D 184 11.86 -17.13 -16.65
N GLY D 185 11.66 -16.78 -17.91
CA GLY D 185 12.70 -17.08 -18.91
C GLY D 185 14.16 -16.80 -18.56
N ILE D 186 14.45 -15.75 -17.81
CA ILE D 186 15.77 -15.12 -17.95
C ILE D 186 16.88 -16.08 -17.54
N HIS D 187 16.62 -16.98 -16.60
CA HIS D 187 17.47 -18.06 -16.17
CA HIS D 187 17.64 -17.93 -16.21
C HIS D 187 18.05 -18.85 -17.34
N PHE D 188 17.11 -19.19 -18.20
CA PHE D 188 17.46 -20.07 -19.30
C PHE D 188 18.02 -19.31 -20.48
N PHE D 189 17.55 -18.09 -20.75
CA PHE D 189 18.18 -17.29 -21.80
C PHE D 189 19.61 -16.96 -21.47
N ASP D 190 19.89 -16.74 -20.19
CA ASP D 190 21.23 -16.61 -19.75
C ASP D 190 22.03 -17.92 -19.88
N LEU D 191 21.45 -19.06 -19.49
CA LEU D 191 22.11 -20.36 -19.69
C LEU D 191 22.46 -20.54 -21.17
N LEU D 192 21.50 -20.26 -22.05
CA LEU D 192 21.78 -20.38 -23.49
C LEU D 192 22.87 -19.43 -24.00
N ALA D 193 22.90 -18.18 -23.53
CA ALA D 193 23.91 -17.22 -23.98
C ALA D 193 25.27 -17.65 -23.44
N TRP D 194 25.31 -18.15 -22.21
CA TRP D 194 26.53 -18.68 -21.56
C TRP D 194 27.10 -19.82 -22.41
N LEU D 195 26.23 -20.75 -22.80
CA LEU D 195 26.68 -21.94 -23.56
C LEU D 195 26.98 -21.63 -25.03
N PHE D 196 26.15 -20.82 -25.68
CA PHE D 196 26.14 -20.75 -27.16
C PHE D 196 26.28 -19.35 -27.79
N GLY D 197 26.50 -18.33 -26.98
CA GLY D 197 26.79 -16.98 -27.47
C GLY D 197 25.61 -16.09 -27.86
N ARG D 198 25.84 -15.15 -28.76
CA ARG D 198 24.90 -14.09 -29.11
C ARG D 198 23.74 -14.60 -29.94
N ALA D 199 22.57 -14.02 -29.69
CA ALA D 199 21.40 -14.39 -30.47
C ALA D 199 21.37 -13.53 -31.72
N LEU D 200 21.56 -14.21 -32.84
CA LEU D 200 21.58 -13.52 -34.13
C LEU D 200 20.22 -13.44 -34.80
N HIS D 201 19.24 -14.26 -34.35
CA HIS D 201 17.89 -14.18 -34.83
C HIS D 201 16.97 -14.59 -33.68
N VAL D 202 15.88 -13.85 -33.51
CA VAL D 202 14.94 -14.09 -32.41
C VAL D 202 13.52 -14.02 -32.96
N GLU D 203 12.71 -15.03 -32.68
CA GLU D 203 11.29 -15.02 -33.07
C GLU D 203 10.46 -15.38 -31.86
N VAL D 204 9.27 -14.77 -31.75
CA VAL D 204 8.30 -15.12 -30.72
C VAL D 204 7.06 -15.64 -31.39
N HIS D 205 6.65 -16.86 -31.03
CA HIS D 205 5.52 -17.54 -31.66
C HIS D 205 4.23 -17.52 -30.85
N ALA D 206 4.37 -17.34 -29.54
CA ALA D 206 3.26 -17.28 -28.59
C ALA D 206 3.65 -16.45 -27.39
N ARG D 207 2.75 -15.54 -27.01
CA ARG D 207 2.98 -14.67 -25.87
C ARG D 207 1.62 -14.40 -25.23
N THR D 208 1.18 -15.28 -24.33
CA THR D 208 -0.15 -15.19 -23.73
C THR D 208 0.14 -15.09 -22.25
N PRO D 209 -0.91 -14.99 -21.43
CA PRO D 209 -0.45 -14.69 -20.08
C PRO D 209 0.21 -15.90 -19.37
N THR D 210 0.06 -17.10 -19.91
CA THR D 210 0.68 -18.22 -19.21
C THR D 210 1.66 -18.99 -20.08
N VAL D 211 1.84 -18.58 -21.33
CA VAL D 211 2.77 -19.30 -22.24
C VAL D 211 3.55 -18.29 -23.05
N ASN D 212 4.87 -18.48 -23.15
CA ASN D 212 5.65 -17.73 -24.15
C ASN D 212 6.46 -18.84 -24.87
N ALA D 213 6.53 -18.79 -26.19
CA ALA D 213 7.31 -19.79 -26.93
C ALA D 213 7.91 -19.12 -28.15
N GLY D 214 9.03 -19.63 -28.63
CA GLY D 214 9.68 -19.00 -29.77
C GLY D 214 10.87 -19.80 -30.24
N TYR D 215 11.75 -19.11 -30.94
CA TYR D 215 12.86 -19.74 -31.63
C TYR D 215 14.00 -18.74 -31.67
N LEU D 216 15.19 -19.23 -31.37
CA LEU D 216 16.40 -18.43 -31.39
C LEU D 216 17.44 -19.07 -32.30
N GLU D 217 18.23 -18.26 -33.00
CA GLU D 217 19.48 -18.80 -33.54
C GLU D 217 20.64 -18.05 -32.93
N LEU D 218 21.50 -18.78 -32.25
CA LEU D 218 22.63 -18.24 -31.50
C LEU D 218 23.86 -18.61 -32.32
N GLU D 219 24.96 -17.94 -32.03
CA GLU D 219 26.20 -18.20 -32.75
C GLU D 219 26.47 -19.70 -32.75
N GLY D 220 26.24 -20.38 -31.63
CA GLY D 220 26.54 -21.80 -31.47
C GLY D 220 25.43 -22.84 -31.44
N ALA D 221 24.18 -22.42 -31.62
CA ALA D 221 23.09 -23.39 -31.56
C ALA D 221 21.81 -22.76 -32.08
N ARG D 222 20.88 -23.55 -32.59
CA ARG D 222 19.51 -23.11 -32.80
C ARG D 222 18.70 -23.66 -31.64
N VAL D 223 17.69 -22.90 -31.18
CA VAL D 223 16.97 -23.23 -29.96
C VAL D 223 15.48 -23.02 -30.18
N ARG D 224 14.69 -24.09 -30.05
CA ARG D 224 13.22 -24.01 -29.97
C ARG D 224 12.88 -23.99 -28.50
N TRP D 225 12.12 -23.00 -28.04
CA TRP D 225 11.89 -22.90 -26.60
C TRP D 225 10.43 -22.71 -26.27
N PHE D 226 10.05 -23.18 -25.08
CA PHE D 226 8.66 -23.07 -24.65
C PHE D 226 8.69 -22.87 -23.14
N LEU D 227 8.00 -21.84 -22.68
CA LEU D 227 7.96 -21.46 -21.27
C LEU D 227 6.50 -21.38 -20.84
N SER D 228 6.16 -21.99 -19.71
CA SER D 228 4.78 -21.79 -19.25
C SER D 228 4.67 -21.91 -17.73
N ILE D 229 3.70 -21.20 -17.16
CA ILE D 229 3.42 -21.35 -15.73
C ILE D 229 2.12 -22.12 -15.56
N ASP D 230 1.62 -22.71 -16.63
CA ASP D 230 0.41 -23.54 -16.60
C ASP D 230 0.89 -25.00 -16.47
N PRO D 231 0.60 -25.68 -15.34
CA PRO D 231 1.13 -27.05 -15.15
C PRO D 231 0.52 -28.12 -16.06
N SER D 232 -0.52 -27.79 -16.81
CA SER D 232 -1.13 -28.72 -17.74
C SER D 232 -0.15 -29.05 -18.86
N PHE D 233 0.90 -28.26 -19.00
CA PHE D 233 1.95 -28.57 -19.99
C PHE D 233 3.04 -29.50 -19.51
N VAL D 234 3.01 -29.89 -18.23
CA VAL D 234 3.94 -30.91 -17.78
C VAL D 234 3.62 -32.18 -18.55
N PRO D 235 4.66 -32.84 -19.10
CA PRO D 235 4.43 -34.06 -19.87
C PRO D 235 3.59 -35.04 -19.05
N GLU D 236 2.65 -35.73 -19.69
CA GLU D 236 1.64 -36.58 -19.06
C GLU D 236 2.15 -37.68 -18.12
N PRO D 237 3.33 -38.29 -18.41
CA PRO D 237 3.81 -39.30 -17.46
C PRO D 237 4.23 -38.73 -16.11
N LEU D 238 4.54 -37.43 -16.03
CA LEU D 238 4.85 -36.74 -14.78
C LEU D 238 3.56 -36.14 -14.22
N ARG D 239 2.76 -35.57 -15.10
CA ARG D 239 1.56 -34.85 -14.70
C ARG D 239 0.58 -35.83 -14.06
N ARG D 240 0.53 -37.06 -14.57
CA ARG D 240 -0.38 -38.07 -14.03
C ARG D 240 -0.03 -38.36 -12.56
N GLN D 241 1.17 -37.98 -12.16
CA GLN D 241 1.63 -38.28 -10.81
C GLN D 241 1.34 -37.08 -9.92
N GLY D 242 0.85 -36.00 -10.52
CA GLY D 242 0.67 -34.77 -9.74
C GLY D 242 1.84 -33.80 -9.78
N LYS D 243 2.82 -34.03 -10.64
CA LYS D 243 3.95 -33.10 -10.70
C LYS D 243 3.57 -31.82 -11.46
N ARG D 244 4.12 -30.68 -11.03
CA ARG D 244 3.71 -29.38 -11.57
CA ARG D 244 3.74 -29.37 -11.54
C ARG D 244 4.88 -28.59 -12.19
N THR D 245 6.02 -29.23 -12.39
CA THR D 245 7.21 -28.55 -12.89
C THR D 245 7.88 -29.49 -13.87
N TYR D 246 8.65 -28.91 -14.79
CA TYR D 246 9.44 -29.66 -15.79
C TYR D 246 10.44 -28.74 -16.48
N ARG D 247 11.73 -29.07 -16.44
CA ARG D 247 12.78 -28.08 -16.69
C ARG D 247 13.94 -28.65 -17.49
N SER D 248 13.80 -28.69 -18.82
CA SER D 248 14.55 -29.60 -19.67
C SER D 248 15.25 -28.88 -20.81
N ILE D 249 16.51 -29.24 -20.99
CA ILE D 249 17.28 -28.82 -22.13
CA ILE D 249 17.27 -28.83 -22.14
C ILE D 249 17.83 -30.07 -22.79
N ALA D 250 17.42 -30.30 -24.04
CA ALA D 250 17.87 -31.43 -24.84
C ALA D 250 18.77 -30.85 -25.90
N VAL D 251 19.98 -31.36 -25.95
CA VAL D 251 21.00 -30.85 -26.87
C VAL D 251 21.35 -31.99 -27.84
N ASP D 252 21.00 -31.84 -29.12
CA ASP D 252 21.21 -32.89 -30.12
C ASP D 252 20.65 -34.22 -29.60
N GLY D 253 19.43 -34.19 -29.08
CA GLY D 253 18.71 -35.39 -28.65
C GLY D 253 19.05 -35.94 -27.27
N GLU D 254 20.06 -35.35 -26.63
CA GLU D 254 20.52 -35.76 -25.30
C GLU D 254 20.01 -34.83 -24.19
N GLU D 255 19.24 -35.35 -23.23
CA GLU D 255 18.59 -34.48 -22.23
C GLU D 255 19.47 -34.15 -21.03
N VAL D 256 19.20 -33.01 -20.39
CA VAL D 256 19.36 -32.82 -18.94
C VAL D 256 18.12 -32.15 -18.35
N GLU D 257 17.57 -32.70 -17.28
CA GLU D 257 16.45 -32.05 -16.61
C GLU D 257 16.90 -31.43 -15.28
N PHE D 258 16.34 -30.26 -14.97
CA PHE D 258 17.00 -29.22 -14.19
C PHE D 258 16.45 -28.87 -12.82
N SER D 259 15.47 -29.62 -12.32
CA SER D 259 14.72 -29.16 -11.15
C SER D 259 15.53 -29.23 -9.86
N GLU D 260 16.46 -30.20 -9.78
CA GLU D 260 17.05 -30.58 -8.51
C GLU D 260 17.78 -29.47 -7.76
N GLY D 261 18.89 -28.97 -8.30
CA GLY D 261 19.69 -27.96 -7.59
C GLY D 261 19.30 -26.54 -7.92
N PHE D 262 18.00 -26.24 -7.81
CA PHE D 262 17.49 -24.97 -8.33
C PHE D 262 17.30 -23.92 -7.25
N THR D 263 16.96 -24.36 -6.04
CA THR D 263 16.77 -23.43 -4.94
C THR D 263 18.01 -23.29 -4.05
N ASP D 264 19.19 -23.43 -4.64
CA ASP D 264 20.29 -24.11 -3.99
C ASP D 264 21.58 -23.31 -3.81
N LEU D 265 21.96 -22.50 -4.81
CA LEU D 265 23.37 -22.16 -5.04
C LEU D 265 23.76 -20.67 -4.88
N HIS D 266 22.90 -19.94 -4.18
CA HIS D 266 23.20 -18.57 -3.79
C HIS D 266 24.51 -18.40 -3.00
N THR D 267 24.82 -19.32 -2.10
CA THR D 267 26.09 -19.20 -1.37
C THR D 267 27.36 -19.24 -2.21
N GLU D 268 27.46 -20.21 -3.12
CA GLU D 268 28.62 -20.31 -4.02
C GLU D 268 28.78 -19.02 -4.85
N VAL D 269 27.67 -18.53 -5.34
CA VAL D 269 27.66 -17.25 -6.06
C VAL D 269 28.17 -16.08 -5.21
N TYR D 270 27.76 -16.02 -3.95
CA TYR D 270 28.33 -15.02 -3.04
C TYR D 270 29.83 -15.21 -2.87
N ARG D 271 30.24 -16.46 -2.66
CA ARG D 271 31.66 -16.76 -2.52
C ARG D 271 32.49 -16.34 -3.72
N LYS D 272 32.05 -16.72 -4.92
CA LYS D 272 32.76 -16.36 -6.15
C LYS D 272 32.86 -14.84 -6.28
N THR D 273 31.76 -14.15 -5.94
CA THR D 273 31.69 -12.69 -6.09
C THR D 273 32.70 -12.01 -5.18
N LEU D 274 32.77 -12.51 -3.95
CA LEU D 274 33.71 -12.01 -2.95
C LEU D 274 35.17 -12.32 -3.29
N ALA D 275 35.40 -13.34 -4.11
CA ALA D 275 36.73 -13.70 -4.58
C ALA D 275 37.16 -12.96 -5.84
N GLY D 276 36.25 -12.18 -6.43
CA GLY D 276 36.56 -11.46 -7.67
C GLY D 276 36.23 -12.23 -8.93
N GLU D 277 35.43 -13.28 -8.79
CA GLU D 277 34.97 -14.13 -9.90
C GLU D 277 33.46 -14.03 -10.10
N GLY D 278 32.88 -12.87 -9.78
CA GLY D 278 31.43 -12.76 -9.84
C GLY D 278 30.91 -12.55 -11.25
N PHE D 279 29.60 -12.64 -11.40
CA PHE D 279 28.95 -12.45 -12.70
C PHE D 279 28.56 -11.00 -12.85
N GLY D 280 29.26 -10.30 -13.72
CA GLY D 280 29.13 -8.85 -13.89
C GLY D 280 28.22 -8.45 -15.05
N LEU D 281 28.32 -7.17 -15.37
CA LEU D 281 27.51 -6.60 -16.43
C LEU D 281 27.80 -7.31 -17.76
N ASP D 282 29.07 -7.60 -18.02
CA ASP D 282 29.41 -8.19 -19.31
C ASP D 282 28.81 -9.60 -19.43
N GLU D 283 28.82 -10.35 -18.33
CA GLU D 283 28.23 -11.68 -18.33
C GLU D 283 26.72 -11.57 -18.43
N ALA D 284 26.11 -10.58 -17.78
CA ALA D 284 24.67 -10.55 -17.75
C ALA D 284 23.96 -9.99 -18.98
N ALA D 285 24.69 -9.20 -19.78
CA ALA D 285 24.04 -8.32 -20.74
C ALA D 285 23.30 -9.04 -21.84
N GLU D 286 23.89 -10.13 -22.32
CA GLU D 286 23.26 -10.74 -23.49
C GLU D 286 21.84 -11.26 -23.25
N ALA D 287 21.67 -11.98 -22.14
CA ALA D 287 20.33 -12.46 -21.80
C ALA D 287 19.36 -11.28 -21.60
N ILE D 288 19.86 -10.19 -21.03
CA ILE D 288 19.00 -9.01 -20.91
C ILE D 288 18.56 -8.42 -22.25
N ARG D 289 19.47 -8.39 -23.22
CA ARG D 289 19.14 -7.94 -24.57
C ARG D 289 18.09 -8.85 -25.25
N VAL D 290 18.27 -10.16 -25.08
CA VAL D 290 17.33 -11.13 -25.68
C VAL D 290 15.93 -11.01 -25.03
N ALA D 291 15.90 -10.90 -23.70
CA ALA D 291 14.63 -10.82 -22.97
C ALA D 291 13.92 -9.53 -23.32
N ALA D 292 14.68 -8.46 -23.52
CA ALA D 292 14.07 -7.21 -23.97
C ALA D 292 13.43 -7.34 -25.37
N LEU D 293 14.11 -8.04 -26.26
CA LEU D 293 13.48 -8.41 -27.52
C LEU D 293 12.28 -9.33 -27.30
N LEU D 294 12.40 -10.33 -26.43
CA LEU D 294 11.25 -11.22 -26.24
C LEU D 294 10.00 -10.54 -25.71
N ARG D 295 10.11 -9.40 -25.03
CA ARG D 295 8.91 -8.69 -24.60
C ARG D 295 8.42 -7.63 -25.60
N THR D 296 9.25 -7.28 -26.58
CA THR D 296 8.89 -6.21 -27.50
C THR D 296 8.62 -6.60 -28.96
N LEU D 297 9.20 -7.68 -29.45
CA LEU D 297 9.04 -8.09 -30.85
C LEU D 297 7.62 -8.51 -31.23
N PRO D 298 7.20 -8.25 -32.48
CA PRO D 298 5.89 -8.75 -32.83
C PRO D 298 5.91 -10.26 -32.94
N LEU D 299 4.77 -10.88 -32.68
CA LEU D 299 4.59 -12.30 -32.97
C LEU D 299 4.79 -12.61 -34.45
N SER D 300 5.28 -13.81 -34.72
CA SER D 300 5.39 -14.28 -36.07
C SER D 300 4.93 -15.73 -36.09
N GLN D 301 4.52 -16.17 -37.27
CA GLN D 301 4.13 -17.55 -37.50
C GLN D 301 5.35 -18.43 -37.77
N PRO D 302 5.57 -19.46 -36.95
CA PRO D 302 6.71 -20.35 -37.10
C PRO D 302 6.61 -21.23 -38.34
N SER D 303 7.72 -21.50 -38.99
CA SER D 303 7.82 -22.69 -39.83
C SER D 303 7.68 -23.95 -38.99
N PRO D 304 7.23 -25.04 -39.62
CA PRO D 304 7.25 -26.33 -38.92
C PRO D 304 8.58 -26.66 -38.25
N GLU D 305 9.69 -26.40 -38.93
CA GLU D 305 11.02 -26.75 -38.45
C GLU D 305 11.37 -25.93 -37.19
N ASN D 306 10.78 -24.75 -37.07
CA ASN D 306 11.21 -23.86 -36.00
C ASN D 306 10.23 -23.78 -34.84
N ARG D 307 9.16 -24.55 -34.92
CA ARG D 307 8.11 -24.51 -33.90
C ARG D 307 8.44 -25.51 -32.79
N HIS D 308 8.42 -25.07 -31.55
CA HIS D 308 8.63 -25.98 -30.42
C HIS D 308 7.51 -27.02 -30.44
N PRO D 309 7.86 -28.28 -30.13
CA PRO D 309 6.86 -29.36 -30.21
C PRO D 309 5.62 -29.14 -29.38
N PHE D 310 5.71 -28.43 -28.26
CA PHE D 310 4.51 -28.27 -27.42
C PHE D 310 3.51 -27.28 -28.04
N LEU D 311 3.93 -26.53 -29.07
CA LEU D 311 3.01 -25.58 -29.68
C LEU D 311 1.96 -26.25 -30.55
PA NAD E . -1.87 13.53 2.95
O1A NAD E . -3.12 14.07 2.34
O2A NAD E . -1.88 12.26 3.81
O5B NAD E . -0.96 13.35 1.67
C5B NAD E . 0.28 12.76 1.92
C4B NAD E . 0.84 12.26 0.57
O4B NAD E . 2.21 11.80 0.72
C3B NAD E . 0.04 10.99 0.15
O3B NAD E . -0.52 11.13 -1.18
C2B NAD E . 1.04 9.83 0.27
O2B NAD E . 0.84 8.75 -0.66
C1B NAD E . 2.33 10.63 -0.09
N9A NAD E . 3.54 9.87 0.33
C8A NAD E . 3.78 8.87 1.23
N7A NAD E . 5.05 8.49 1.18
C5A NAD E . 5.66 9.21 0.18
C6A NAD E . 7.00 9.26 -0.38
N6A NAD E . 7.97 8.40 0.08
N1A NAD E . 7.12 10.16 -1.35
C2A NAD E . 6.24 11.00 -1.86
N3A NAD E . 4.98 10.96 -1.37
C4A NAD E . 4.73 10.11 -0.37
O3 NAD E . -1.20 14.68 3.82
PN NAD E . -1.16 16.24 3.65
O1N NAD E . -2.22 16.85 4.57
O2N NAD E . -1.16 16.61 2.20
O5D NAD E . 0.19 16.64 4.40
C5D NAD E . 1.32 16.60 3.56
C4D NAD E . 2.39 17.46 4.26
O4D NAD E . 1.91 18.82 4.17
C3D NAD E . 2.65 17.17 5.75
O3D NAD E . 4.05 17.51 5.98
C2D NAD E . 1.78 18.24 6.42
O2D NAD E . 2.29 18.62 7.69
C1D NAD E . 1.76 19.42 5.47
N1N NAD E . 0.56 20.24 5.58
C2N NAD E . 0.68 21.55 5.67
C3N NAD E . -0.38 22.43 5.78
C7N NAD E . -0.05 23.86 5.96
O7N NAD E . 1.05 24.33 5.59
N7N NAD E . -1.05 24.60 6.40
C4N NAD E . -1.67 21.88 5.74
C5N NAD E . -1.76 20.50 5.55
C6N NAD E . -0.64 19.68 5.44
C1 AKG F . -2.06 20.48 8.88
O1 AKG F . -3.23 20.00 8.86
O2 AKG F . -1.07 19.76 8.76
C2 AKG F . -1.81 21.90 8.91
O5 AKG F . -0.64 22.29 8.91
C3 AKG F . -2.95 22.89 8.97
C4 AKG F . -3.18 23.24 10.44
C5 AKG F . -4.42 24.08 10.67
O3 AKG F . -5.49 23.76 10.13
O4 AKG F . -4.34 25.07 11.40
CL CL G . 8.20 4.66 -10.74
PA NAD H . -8.25 7.34 -8.63
O1A NAD H . -7.94 8.77 -8.55
O2A NAD H . -7.17 6.30 -8.89
O5B NAD H . -8.98 7.10 -7.25
C5B NAD H . -9.32 5.77 -6.98
C4B NAD H . -9.59 5.65 -5.47
O4B NAD H . -10.08 4.33 -5.14
C3B NAD H . -8.23 5.76 -4.72
O3B NAD H . -8.24 6.81 -3.74
C2B NAD H . -7.99 4.35 -4.14
O2B NAD H . -7.23 4.31 -2.92
C1B NAD H . -9.47 3.95 -3.90
N9A NAD H . -9.65 2.52 -3.69
C8A NAD H . -8.86 1.45 -4.02
N7A NAD H . -9.44 0.36 -3.56
C5A NAD H . -10.59 0.73 -2.88
C6A NAD H . -11.59 0.02 -2.15
N6A NAD H . -11.52 -1.35 -1.96
N1A NAD H . -12.54 0.78 -1.64
C2A NAD H . -12.63 2.09 -1.71
N3A NAD H . -11.74 2.80 -2.37
C4A NAD H . -10.77 2.12 -2.96
O3 NAD H . -9.37 7.05 -9.77
PN NAD H . -10.55 8.01 -10.25
O1N NAD H . -10.13 8.71 -11.52
O2N NAD H . -11.11 8.83 -9.14
O5D NAD H . -11.56 6.90 -10.80
C5D NAD H . -12.51 6.50 -9.83
C4D NAD H . -13.67 5.79 -10.57
O4D NAD H . -14.38 6.90 -11.16
C3D NAD H . -13.34 4.78 -11.67
O3D NAD H . -14.42 3.80 -11.73
C2D NAD H . -13.37 5.67 -12.92
O2D NAD H . -13.70 4.97 -14.12
C1D NAD H . -14.45 6.72 -12.59
N1N NAD H . -14.26 8.00 -13.27
C2N NAD H . -15.28 8.52 -13.87
C3N NAD H . -15.27 9.73 -14.52
C7N NAD H . -16.50 10.21 -15.19
O7N NAD H . -17.66 9.83 -14.91
N7N NAD H . -16.31 11.07 -16.17
C4N NAD H . -14.05 10.43 -14.56
C5N NAD H . -13.00 9.86 -13.85
C6N NAD H . -13.07 8.63 -13.19
C1 AKG I . -12.10 8.67 -16.74
O1 AKG I . -11.01 9.29 -16.85
O2 AKG I . -12.24 7.58 -16.18
C2 AKG I . -13.29 9.26 -17.32
O5 AKG I . -14.38 8.63 -17.31
C3 AKG I . -13.26 10.61 -18.01
C4 AKG I . -13.10 10.34 -19.49
C5 AKG I . -12.80 11.58 -20.34
O3 AKG I . -11.99 12.42 -19.89
O4 AKG I . -13.43 11.74 -21.39
C1 EDO J . -9.42 15.13 -18.88
O1 EDO J . -9.90 16.00 -17.85
C2 EDO J . -8.22 15.74 -19.61
O2 EDO J . -7.23 16.14 -18.65
C1 EDO K . -7.71 1.05 10.71
O1 EDO K . -7.61 2.26 9.93
C2 EDO K . -7.07 1.17 12.10
O2 EDO K . -7.71 2.25 12.80
CL CL L . -11.18 0.97 9.22
PA NAD M . 2.06 -10.30 9.45
O1A NAD M . 3.27 -11.13 9.16
O2A NAD M . 2.17 -8.76 9.46
O5B NAD M . 1.08 -10.87 8.37
C5B NAD M . -0.12 -10.13 8.28
C4B NAD M . -0.84 -10.41 6.94
O4B NAD M . -2.17 -9.86 7.01
C3B NAD M . -0.05 -9.54 5.93
O3B NAD M . 0.39 -10.41 4.87
C2B NAD M . -1.10 -8.50 5.49
O2B NAD M . -0.91 -8.08 4.13
C1B NAD M . -2.41 -9.30 5.72
N9A NAD M . -3.60 -8.47 5.71
C8A NAD M . -3.78 -7.14 5.98
N7A NAD M . -5.01 -6.79 5.76
C5A NAD M . -5.68 -7.95 5.42
C6A NAD M . -7.04 -8.23 5.14
N6A NAD M . -8.01 -7.26 5.14
N1A NAD M . -7.27 -9.49 4.84
C2A NAD M . -6.39 -10.45 4.83
N3A NAD M . -5.11 -10.27 5.04
C4A NAD M . -4.79 -9.03 5.38
O3 NAD M . 1.55 -10.70 10.90
PN NAD M . 1.44 -12.15 11.52
O1N NAD M . 2.54 -12.29 12.55
O2N NAD M . 1.28 -13.26 10.49
O5D NAD M . 0.19 -12.02 12.55
C5D NAD M . -0.99 -12.43 11.93
C4D NAD M . -2.06 -12.68 13.00
O4D NAD M . -1.53 -13.87 13.66
C3D NAD M . -2.23 -11.63 14.11
O3D NAD M . -3.55 -11.75 14.65
C2D NAD M . -1.19 -12.07 15.16
O2D NAD M . -1.54 -11.65 16.49
C1D NAD M . -1.26 -13.60 15.05
N1N NAD M . -0.05 -14.32 15.45
C2N NAD M . -0.21 -15.35 16.23
C3N NAD M . 0.86 -16.13 16.66
C7N NAD M . 0.60 -17.25 17.57
O7N NAD M . -0.50 -17.81 17.73
N7N NAD M . 1.67 -17.63 18.28
C4N NAD M . 2.16 -15.81 16.23
C5N NAD M . 2.27 -14.75 15.34
C6N NAD M . 1.16 -14.01 14.96
C1 AKG N . 2.06 -13.41 18.58
O1 AKG N . 1.40 -14.26 19.26
O2 AKG N . 1.76 -12.44 17.84
C2 AKG N . 3.48 -13.57 18.61
O5 AKG N . 4.09 -12.68 18.03
C3 AKG N . 3.88 -14.82 19.37
C4 AKG N . 4.10 -14.42 20.83
C5 AKG N . 5.39 -15.02 21.34
O3 AKG N . 5.38 -15.45 22.50
O4 AKG N . 6.40 -15.08 20.60
C1 EDO O . -7.02 -7.29 -9.69
O1 EDO O . -6.93 -8.55 -10.35
C2 EDO O . -7.23 -7.52 -8.18
O2 EDO O . -6.08 -8.21 -7.64
CL CL P . -9.06 -9.84 -5.92
PA NAD Q . 7.97 -10.88 -3.85
O1A NAD Q . 7.71 -12.09 -2.97
O2A NAD Q . 6.70 -10.03 -4.32
O5B NAD Q . 8.99 -10.11 -2.87
C5B NAD Q . 8.59 -8.75 -2.83
C4B NAD Q . 9.38 -7.85 -1.88
O4B NAD Q . 10.00 -6.73 -2.52
C3B NAD Q . 7.96 -7.36 -1.53
O3B NAD Q . 7.65 -7.43 -0.12
C2B NAD Q . 7.86 -5.85 -1.83
O2B NAD Q . 7.26 -5.31 -0.64
C1B NAD Q . 9.37 -5.53 -1.98
N9A NAD Q . 9.60 -4.19 -2.52
C8A NAD Q . 8.78 -3.41 -3.31
N7A NAD Q . 9.29 -2.20 -3.39
C5A NAD Q . 10.52 -2.17 -2.80
C6A NAD Q . 11.50 -1.15 -2.59
N6A NAD Q . 11.41 0.07 -3.23
N1A NAD Q . 12.59 -1.51 -1.92
C2A NAD Q . 12.77 -2.76 -1.49
N3A NAD Q . 11.82 -3.67 -1.52
C4A NAD Q . 10.70 -3.42 -2.20
O3 NAD Q . 8.71 -11.42 -5.17
PN NAD Q . 10.07 -12.26 -5.07
O1N NAD Q . 9.80 -13.67 -5.68
O2N NAD Q . 10.74 -12.30 -3.68
O5D NAD Q . 11.03 -11.73 -6.27
C5D NAD Q . 12.17 -11.14 -5.67
C4D NAD Q . 13.28 -10.95 -6.70
O4D NAD Q . 13.92 -12.23 -6.72
C3D NAD Q . 12.81 -10.64 -8.15
O3D NAD Q . 13.86 -9.93 -8.84
C2D NAD Q . 12.69 -12.02 -8.80
O2D NAD Q . 12.98 -12.02 -10.21
C1D NAD Q . 13.82 -12.76 -8.06
N1N NAD Q . 13.55 -14.20 -7.89
C2N NAD Q . 14.57 -15.01 -8.12
C3N NAD Q . 14.39 -16.37 -8.00
C7N NAD Q . 15.54 -17.27 -8.27
O7N NAD Q . 16.69 -16.87 -8.23
N7N NAD Q . 15.26 -18.57 -8.48
C4N NAD Q . 13.15 -16.89 -7.61
C5N NAD Q . 12.12 -15.99 -7.35
C6N NAD Q . 12.37 -14.62 -7.50
C1 AKG R . 10.98 -16.47 -10.51
O1 AKG R . 9.97 -16.93 -10.01
O2 AKG R . 11.04 -15.28 -10.75
C2 AKG R . 12.16 -17.30 -10.83
O5 AKG R . 13.21 -16.83 -11.11
C3 AKG R . 12.11 -18.81 -10.73
C4 AKG R . 11.79 -19.42 -12.08
C5 AKG R . 11.41 -20.87 -11.88
O3 AKG R . 10.61 -21.28 -11.02
O4 AKG R . 11.95 -21.63 -12.66
CL CL S . 11.69 3.48 7.50
#